data_6K2H
# 
_entry.id   6K2H 
# 
_audit_conform.dict_name       mmcif_pdbx.dic 
_audit_conform.dict_version    5.380 
_audit_conform.dict_location   http://mmcif.pdb.org/dictionaries/ascii/mmcif_pdbx.dic 
# 
loop_
_database_2.database_id 
_database_2.database_code 
_database_2.pdbx_database_accession 
_database_2.pdbx_DOI 
PDB   6K2H         pdb_00006k2h 10.2210/pdb6k2h/pdb 
WWPDB D_1300012020 ?            ?                   
# 
_pdbx_database_status.status_code                     REL 
_pdbx_database_status.status_code_sf                  REL 
_pdbx_database_status.status_code_mr                  ? 
_pdbx_database_status.entry_id                        6K2H 
_pdbx_database_status.recvd_initial_deposition_date   2019-05-14 
_pdbx_database_status.SG_entry                        N 
_pdbx_database_status.deposit_site                    PDBJ 
_pdbx_database_status.process_site                    PDBJ 
_pdbx_database_status.status_code_cs                  ? 
_pdbx_database_status.methods_development_category    ? 
_pdbx_database_status.pdb_format_compatible           Y 
_pdbx_database_status.status_code_nmr_data            ? 
# 
loop_
_audit_author.name 
_audit_author.pdbx_ordinal 
_audit_author.identifier_ORCID 
'Sangare, L.' 1 ? 
'Chen, W.'    2 ? 
'Wang, C.'    3 ? 
'Chen, X.'    4 ? 
'Wu, M.'      5 ? 
'Zhang, X.'   6 ? 
'Zang, J.'    7 ? 
# 
_citation.abstract                  ? 
_citation.abstract_id_CAS           ? 
_citation.book_id_ISBN              ? 
_citation.book_publisher            ? 
_citation.book_publisher_city       ? 
_citation.book_title                ? 
_citation.coordinate_linkage        ? 
_citation.country                   NE 
_citation.database_id_Medline       ? 
_citation.details                   ? 
_citation.id                        primary 
_citation.journal_abbrev            Biotechnol.Lett. 
_citation.journal_id_ASTM           ? 
_citation.journal_id_CSD            ? 
_citation.journal_id_ISSN           0141-5492 
_citation.journal_full              ? 
_citation.journal_issue             ? 
_citation.journal_volume            42 
_citation.language                  ? 
_citation.page_first                787 
_citation.page_last                 795 
_citation.title                     
'Structural insights into the conformational change of Staphylococcus aureus NreA at C-terminus.' 
_citation.year                      2020 
_citation.database_id_CSD           ? 
_citation.pdbx_database_id_DOI      10.1007/s10529-020-02807-2 
_citation.pdbx_database_id_PubMed   31970556 
_citation.unpublished_flag          ? 
# 
loop_
_citation_author.citation_id 
_citation_author.name 
_citation_author.ordinal 
_citation_author.identifier_ORCID 
primary 'Sangare, L.' 1 ? 
primary 'Chen, W.'    2 ? 
primary 'Wang, C.'    3 ? 
primary 'Chen, X.'    4 ? 
primary 'Wu, M.'      5 ? 
primary 'Zhang, X.'   6 ? 
primary 'Zang, J.'    7 ? 
# 
_cell.angle_alpha                  90.00 
_cell.angle_alpha_esd              ? 
_cell.angle_beta                   90.00 
_cell.angle_beta_esd               ? 
_cell.angle_gamma                  90.00 
_cell.angle_gamma_esd              ? 
_cell.entry_id                     6K2H 
_cell.details                      ? 
_cell.formula_units_Z              ? 
_cell.length_a                     35.000 
_cell.length_a_esd                 ? 
_cell.length_b                     106.302 
_cell.length_b_esd                 ? 
_cell.length_c                     33.726 
_cell.length_c_esd                 ? 
_cell.volume                       ? 
_cell.volume_esd                   ? 
_cell.Z_PDB                        4 
_cell.reciprocal_angle_alpha       ? 
_cell.reciprocal_angle_beta        ? 
_cell.reciprocal_angle_gamma       ? 
_cell.reciprocal_angle_alpha_esd   ? 
_cell.reciprocal_angle_beta_esd    ? 
_cell.reciprocal_angle_gamma_esd   ? 
_cell.reciprocal_length_a          ? 
_cell.reciprocal_length_b          ? 
_cell.reciprocal_length_c          ? 
_cell.reciprocal_length_a_esd      ? 
_cell.reciprocal_length_b_esd      ? 
_cell.reciprocal_length_c_esd      ? 
_cell.pdbx_unique_axis             ? 
# 
_symmetry.entry_id                         6K2H 
_symmetry.cell_setting                     ? 
_symmetry.Int_Tables_number                18 
_symmetry.space_group_name_Hall            ? 
_symmetry.space_group_name_H-M             'P 21 21 2' 
_symmetry.pdbx_full_space_group_name_H-M   ? 
# 
loop_
_entity.id 
_entity.type 
_entity.src_method 
_entity.pdbx_description 
_entity.formula_weight 
_entity.pdbx_number_of_molecules 
_entity.pdbx_ec 
_entity.pdbx_mutation 
_entity.pdbx_fragment 
_entity.details 
1 polymer     man NreA           17082.742 1  ? Y94A ? ? 
2 non-polymer syn 1,2-ETHANEDIOL 62.068    3  ? ?    ? ? 
3 water       nat water          18.015    64 ? ?    ? ? 
# 
_entity_poly.entity_id                      1 
_entity_poly.type                           'polypeptide(L)' 
_entity_poly.nstd_linkage                   no 
_entity_poly.nstd_monomer                   no 
_entity_poly.pdbx_seq_one_letter_code       
;MTPEAIIEDRRFQETLDKIRKEEGYDFAAIAFYESNKPSSPIKWHYVSGNKNNRFKLIILRKGRGLAGTVMKTGKRMVIA
NVGLALGPEEKIDAPILLSESLTAVLAVPLWYKNQVYGVLLFGQRDGRPLPKIFDNDDIQRKFGIFNDDK
;
_entity_poly.pdbx_seq_one_letter_code_can   
;MTPEAIIEDRRFQETLDKIRKEEGYDFAAIAFYESNKPSSPIKWHYVSGNKNNRFKLIILRKGRGLAGTVMKTGKRMVIA
NVGLALGPEEKIDAPILLSESLTAVLAVPLWYKNQVYGVLLFGQRDGRPLPKIFDNDDIQRKFGIFNDDK
;
_entity_poly.pdbx_strand_id                 A 
_entity_poly.pdbx_target_identifier         ? 
# 
loop_
_entity_poly_seq.entity_id 
_entity_poly_seq.num 
_entity_poly_seq.mon_id 
_entity_poly_seq.hetero 
1 1   MET n 
1 2   THR n 
1 3   PRO n 
1 4   GLU n 
1 5   ALA n 
1 6   ILE n 
1 7   ILE n 
1 8   GLU n 
1 9   ASP n 
1 10  ARG n 
1 11  ARG n 
1 12  PHE n 
1 13  GLN n 
1 14  GLU n 
1 15  THR n 
1 16  LEU n 
1 17  ASP n 
1 18  LYS n 
1 19  ILE n 
1 20  ARG n 
1 21  LYS n 
1 22  GLU n 
1 23  GLU n 
1 24  GLY n 
1 25  TYR n 
1 26  ASP n 
1 27  PHE n 
1 28  ALA n 
1 29  ALA n 
1 30  ILE n 
1 31  ALA n 
1 32  PHE n 
1 33  TYR n 
1 34  GLU n 
1 35  SER n 
1 36  ASN n 
1 37  LYS n 
1 38  PRO n 
1 39  SER n 
1 40  SER n 
1 41  PRO n 
1 42  ILE n 
1 43  LYS n 
1 44  TRP n 
1 45  HIS n 
1 46  TYR n 
1 47  VAL n 
1 48  SER n 
1 49  GLY n 
1 50  ASN n 
1 51  LYS n 
1 52  ASN n 
1 53  ASN n 
1 54  ARG n 
1 55  PHE n 
1 56  LYS n 
1 57  LEU n 
1 58  ILE n 
1 59  ILE n 
1 60  LEU n 
1 61  ARG n 
1 62  LYS n 
1 63  GLY n 
1 64  ARG n 
1 65  GLY n 
1 66  LEU n 
1 67  ALA n 
1 68  GLY n 
1 69  THR n 
1 70  VAL n 
1 71  MET n 
1 72  LYS n 
1 73  THR n 
1 74  GLY n 
1 75  LYS n 
1 76  ARG n 
1 77  MET n 
1 78  VAL n 
1 79  ILE n 
1 80  ALA n 
1 81  ASN n 
1 82  VAL n 
1 83  GLY n 
1 84  LEU n 
1 85  ALA n 
1 86  LEU n 
1 87  GLY n 
1 88  PRO n 
1 89  GLU n 
1 90  GLU n 
1 91  LYS n 
1 92  ILE n 
1 93  ASP n 
1 94  ALA n 
1 95  PRO n 
1 96  ILE n 
1 97  LEU n 
1 98  LEU n 
1 99  SER n 
1 100 GLU n 
1 101 SER n 
1 102 LEU n 
1 103 THR n 
1 104 ALA n 
1 105 VAL n 
1 106 LEU n 
1 107 ALA n 
1 108 VAL n 
1 109 PRO n 
1 110 LEU n 
1 111 TRP n 
1 112 TYR n 
1 113 LYS n 
1 114 ASN n 
1 115 GLN n 
1 116 VAL n 
1 117 TYR n 
1 118 GLY n 
1 119 VAL n 
1 120 LEU n 
1 121 LEU n 
1 122 PHE n 
1 123 GLY n 
1 124 GLN n 
1 125 ARG n 
1 126 ASP n 
1 127 GLY n 
1 128 ARG n 
1 129 PRO n 
1 130 LEU n 
1 131 PRO n 
1 132 LYS n 
1 133 ILE n 
1 134 PHE n 
1 135 ASP n 
1 136 ASN n 
1 137 ASP n 
1 138 ASP n 
1 139 ILE n 
1 140 GLN n 
1 141 ARG n 
1 142 LYS n 
1 143 PHE n 
1 144 GLY n 
1 145 ILE n 
1 146 PHE n 
1 147 ASN n 
1 148 ASP n 
1 149 ASP n 
1 150 LYS n 
# 
_entity_src_gen.entity_id                          1 
_entity_src_gen.pdbx_src_id                        1 
_entity_src_gen.pdbx_alt_source_flag               sample 
_entity_src_gen.pdbx_seq_type                      'Biological sequence' 
_entity_src_gen.pdbx_beg_seq_num                   1 
_entity_src_gen.pdbx_end_seq_num                   150 
_entity_src_gen.gene_src_common_name               ? 
_entity_src_gen.gene_src_genus                     ? 
_entity_src_gen.pdbx_gene_src_gene                 QU38_07700 
_entity_src_gen.gene_src_species                   ? 
_entity_src_gen.gene_src_strain                    ? 
_entity_src_gen.gene_src_tissue                    ? 
_entity_src_gen.gene_src_tissue_fraction           ? 
_entity_src_gen.gene_src_details                   ? 
_entity_src_gen.pdbx_gene_src_fragment             ? 
_entity_src_gen.pdbx_gene_src_scientific_name      'Staphylococcus aureus subsp. aureus' 
_entity_src_gen.pdbx_gene_src_ncbi_taxonomy_id     46170 
_entity_src_gen.pdbx_gene_src_variant              ? 
_entity_src_gen.pdbx_gene_src_cell_line            ? 
_entity_src_gen.pdbx_gene_src_atcc                 ? 
_entity_src_gen.pdbx_gene_src_organ                ? 
_entity_src_gen.pdbx_gene_src_organelle            ? 
_entity_src_gen.pdbx_gene_src_cell                 ? 
_entity_src_gen.pdbx_gene_src_cellular_location    ? 
_entity_src_gen.host_org_common_name               ? 
_entity_src_gen.pdbx_host_org_scientific_name      'Escherichia coli' 
_entity_src_gen.pdbx_host_org_ncbi_taxonomy_id     562 
_entity_src_gen.host_org_genus                     ? 
_entity_src_gen.pdbx_host_org_gene                 ? 
_entity_src_gen.pdbx_host_org_organ                ? 
_entity_src_gen.host_org_species                   ? 
_entity_src_gen.pdbx_host_org_tissue               ? 
_entity_src_gen.pdbx_host_org_tissue_fraction      ? 
_entity_src_gen.pdbx_host_org_strain               ? 
_entity_src_gen.pdbx_host_org_variant              ? 
_entity_src_gen.pdbx_host_org_cell_line            ? 
_entity_src_gen.pdbx_host_org_atcc                 ? 
_entity_src_gen.pdbx_host_org_culture_collection   ? 
_entity_src_gen.pdbx_host_org_cell                 ? 
_entity_src_gen.pdbx_host_org_organelle            ? 
_entity_src_gen.pdbx_host_org_cellular_location    ? 
_entity_src_gen.pdbx_host_org_vector_type          ? 
_entity_src_gen.pdbx_host_org_vector               ? 
_entity_src_gen.host_org_details                   ? 
_entity_src_gen.expression_system_id               ? 
_entity_src_gen.plasmid_name                       ? 
_entity_src_gen.plasmid_details                    ? 
_entity_src_gen.pdbx_description                   ? 
# 
_struct_ref.id                         1 
_struct_ref.db_name                    UNP 
_struct_ref.db_code                    A0A0D1FZV0_STAAU 
_struct_ref.pdbx_db_accession          A0A0D1FZV0 
_struct_ref.pdbx_db_isoform            ? 
_struct_ref.entity_id                  1 
_struct_ref.pdbx_seq_one_letter_code   
;MTPEAIIEDRRFQETLDKIRKEEGYDFAAIAFYESNKPSSPIKWHYVSGNKNNRFKLIILRKGRGLAGTVMKTGKRMVIA
NVGLALGPEEKIDYPILLSESLTAVLAVPLWYKNQVYGVLLFGQRDGRPLPKIFDNDDIQRKFGIFNDDK
;
_struct_ref.pdbx_align_begin           1 
# 
_struct_ref_seq.align_id                      1 
_struct_ref_seq.ref_id                        1 
_struct_ref_seq.pdbx_PDB_id_code              6K2H 
_struct_ref_seq.pdbx_strand_id                A 
_struct_ref_seq.seq_align_beg                 1 
_struct_ref_seq.pdbx_seq_align_beg_ins_code   ? 
_struct_ref_seq.seq_align_end                 150 
_struct_ref_seq.pdbx_seq_align_end_ins_code   ? 
_struct_ref_seq.pdbx_db_accession             A0A0D1FZV0 
_struct_ref_seq.db_align_beg                  1 
_struct_ref_seq.pdbx_db_align_beg_ins_code    ? 
_struct_ref_seq.db_align_end                  150 
_struct_ref_seq.pdbx_db_align_end_ins_code    ? 
_struct_ref_seq.pdbx_auth_seq_align_beg       1 
_struct_ref_seq.pdbx_auth_seq_align_end       150 
# 
_struct_ref_seq_dif.align_id                     1 
_struct_ref_seq_dif.pdbx_pdb_id_code             6K2H 
_struct_ref_seq_dif.mon_id                       ALA 
_struct_ref_seq_dif.pdbx_pdb_strand_id           A 
_struct_ref_seq_dif.seq_num                      94 
_struct_ref_seq_dif.pdbx_pdb_ins_code            ? 
_struct_ref_seq_dif.pdbx_seq_db_name             UNP 
_struct_ref_seq_dif.pdbx_seq_db_accession_code   A0A0D1FZV0 
_struct_ref_seq_dif.db_mon_id                    TYR 
_struct_ref_seq_dif.pdbx_seq_db_seq_num          94 
_struct_ref_seq_dif.details                      'engineered mutation' 
_struct_ref_seq_dif.pdbx_auth_seq_num            94 
_struct_ref_seq_dif.pdbx_ordinal                 1 
# 
loop_
_chem_comp.id 
_chem_comp.type 
_chem_comp.mon_nstd_flag 
_chem_comp.name 
_chem_comp.pdbx_synonyms 
_chem_comp.formula 
_chem_comp.formula_weight 
ALA 'L-peptide linking' y ALANINE         ?                 'C3 H7 N O2'     89.093  
ARG 'L-peptide linking' y ARGININE        ?                 'C6 H15 N4 O2 1' 175.209 
ASN 'L-peptide linking' y ASPARAGINE      ?                 'C4 H8 N2 O3'    132.118 
ASP 'L-peptide linking' y 'ASPARTIC ACID' ?                 'C4 H7 N O4'     133.103 
EDO non-polymer         . 1,2-ETHANEDIOL  'ETHYLENE GLYCOL' 'C2 H6 O2'       62.068  
GLN 'L-peptide linking' y GLUTAMINE       ?                 'C5 H10 N2 O3'   146.144 
GLU 'L-peptide linking' y 'GLUTAMIC ACID' ?                 'C5 H9 N O4'     147.129 
GLY 'peptide linking'   y GLYCINE         ?                 'C2 H5 N O2'     75.067  
HIS 'L-peptide linking' y HISTIDINE       ?                 'C6 H10 N3 O2 1' 156.162 
HOH non-polymer         . WATER           ?                 'H2 O'           18.015  
ILE 'L-peptide linking' y ISOLEUCINE      ?                 'C6 H13 N O2'    131.173 
LEU 'L-peptide linking' y LEUCINE         ?                 'C6 H13 N O2'    131.173 
LYS 'L-peptide linking' y LYSINE          ?                 'C6 H15 N2 O2 1' 147.195 
MET 'L-peptide linking' y METHIONINE      ?                 'C5 H11 N O2 S'  149.211 
PHE 'L-peptide linking' y PHENYLALANINE   ?                 'C9 H11 N O2'    165.189 
PRO 'L-peptide linking' y PROLINE         ?                 'C5 H9 N O2'     115.130 
SER 'L-peptide linking' y SERINE          ?                 'C3 H7 N O3'     105.093 
THR 'L-peptide linking' y THREONINE       ?                 'C4 H9 N O3'     119.119 
TRP 'L-peptide linking' y TRYPTOPHAN      ?                 'C11 H12 N2 O2'  204.225 
TYR 'L-peptide linking' y TYROSINE        ?                 'C9 H11 N O3'    181.189 
VAL 'L-peptide linking' y VALINE          ?                 'C5 H11 N O2'    117.146 
# 
_exptl.absorpt_coefficient_mu     ? 
_exptl.absorpt_correction_T_max   ? 
_exptl.absorpt_correction_T_min   ? 
_exptl.absorpt_correction_type    ? 
_exptl.absorpt_process_details    ? 
_exptl.entry_id                   6K2H 
_exptl.crystals_number            1 
_exptl.details                    ? 
_exptl.method                     'X-RAY DIFFRACTION' 
_exptl.method_details             ? 
# 
_exptl_crystal.colour                      ? 
_exptl_crystal.density_diffrn              ? 
_exptl_crystal.density_Matthews            1.83 
_exptl_crystal.density_method              ? 
_exptl_crystal.density_percent_sol         32.66 
_exptl_crystal.description                 ? 
_exptl_crystal.F_000                       ? 
_exptl_crystal.id                          1 
_exptl_crystal.preparation                 ? 
_exptl_crystal.size_max                    ? 
_exptl_crystal.size_mid                    ? 
_exptl_crystal.size_min                    ? 
_exptl_crystal.size_rad                    ? 
_exptl_crystal.colour_lustre               ? 
_exptl_crystal.colour_modifier             ? 
_exptl_crystal.colour_primary              ? 
_exptl_crystal.density_meas                ? 
_exptl_crystal.density_meas_esd            ? 
_exptl_crystal.density_meas_gt             ? 
_exptl_crystal.density_meas_lt             ? 
_exptl_crystal.density_meas_temp           ? 
_exptl_crystal.density_meas_temp_esd       ? 
_exptl_crystal.density_meas_temp_gt        ? 
_exptl_crystal.density_meas_temp_lt        ? 
_exptl_crystal.pdbx_crystal_image_url      ? 
_exptl_crystal.pdbx_crystal_image_format   ? 
_exptl_crystal.pdbx_mosaicity              ? 
_exptl_crystal.pdbx_mosaicity_esd          ? 
# 
_exptl_crystal_grow.apparatus       ? 
_exptl_crystal_grow.atmosphere      ? 
_exptl_crystal_grow.crystal_id      1 
_exptl_crystal_grow.details         ? 
_exptl_crystal_grow.method          'VAPOR DIFFUSION, SITTING DROP' 
_exptl_crystal_grow.method_ref      ? 
_exptl_crystal_grow.pH              ? 
_exptl_crystal_grow.pressure        ? 
_exptl_crystal_grow.pressure_esd    ? 
_exptl_crystal_grow.seeding         ? 
_exptl_crystal_grow.seeding_ref     ? 
_exptl_crystal_grow.temp            295.15 
_exptl_crystal_grow.temp_details    ? 
_exptl_crystal_grow.temp_esd        ? 
_exptl_crystal_grow.time            ? 
_exptl_crystal_grow.pdbx_details    'HEPES, PEG monomethyl ether 10,000' 
_exptl_crystal_grow.pdbx_pH_range   ? 
# 
_diffrn.ambient_environment              ? 
_diffrn.ambient_temp                     100 
_diffrn.ambient_temp_details             ? 
_diffrn.ambient_temp_esd                 ? 
_diffrn.crystal_id                       1 
_diffrn.crystal_support                  ? 
_diffrn.crystal_treatment                ? 
_diffrn.details                          ? 
_diffrn.id                               1 
_diffrn.ambient_pressure                 ? 
_diffrn.ambient_pressure_esd             ? 
_diffrn.ambient_pressure_gt              ? 
_diffrn.ambient_pressure_lt              ? 
_diffrn.ambient_temp_gt                  ? 
_diffrn.ambient_temp_lt                  ? 
_diffrn.pdbx_serial_crystal_experiment   N 
# 
_diffrn_detector.details                      ? 
_diffrn_detector.detector                     PIXEL 
_diffrn_detector.diffrn_id                    1 
_diffrn_detector.type                         'DECTRIS PILATUS3 S 6M' 
_diffrn_detector.area_resol_mean              ? 
_diffrn_detector.dtime                        ? 
_diffrn_detector.pdbx_frames_total            ? 
_diffrn_detector.pdbx_collection_time_total   ? 
_diffrn_detector.pdbx_collection_date         2019-03-17 
_diffrn_detector.pdbx_frequency               ? 
# 
_diffrn_radiation.collimation                      ? 
_diffrn_radiation.diffrn_id                        1 
_diffrn_radiation.filter_edge                      ? 
_diffrn_radiation.inhomogeneity                    ? 
_diffrn_radiation.monochromator                    ? 
_diffrn_radiation.polarisn_norm                    ? 
_diffrn_radiation.polarisn_ratio                   ? 
_diffrn_radiation.probe                            ? 
_diffrn_radiation.type                             ? 
_diffrn_radiation.xray_symbol                      ? 
_diffrn_radiation.wavelength_id                    1 
_diffrn_radiation.pdbx_monochromatic_or_laue_m_l   M 
_diffrn_radiation.pdbx_wavelength_list             ? 
_diffrn_radiation.pdbx_wavelength                  ? 
_diffrn_radiation.pdbx_diffrn_protocol             'SINGLE WAVELENGTH' 
_diffrn_radiation.pdbx_analyzer                    ? 
_diffrn_radiation.pdbx_scattering_type             x-ray 
# 
_diffrn_radiation_wavelength.id           1 
_diffrn_radiation_wavelength.wavelength   0.978 
_diffrn_radiation_wavelength.wt           1.0 
# 
_diffrn_source.current                     ? 
_diffrn_source.details                     ? 
_diffrn_source.diffrn_id                   1 
_diffrn_source.power                       ? 
_diffrn_source.size                        ? 
_diffrn_source.source                      SYNCHROTRON 
_diffrn_source.target                      ? 
_diffrn_source.type                        'SSRF BEAMLINE BL18U1' 
_diffrn_source.voltage                     ? 
_diffrn_source.take-off_angle              ? 
_diffrn_source.pdbx_wavelength_list        0.978 
_diffrn_source.pdbx_wavelength             ? 
_diffrn_source.pdbx_synchrotron_beamline   BL18U1 
_diffrn_source.pdbx_synchrotron_site       SSRF 
# 
_reflns.B_iso_Wilson_estimate            ? 
_reflns.entry_id                         6K2H 
_reflns.data_reduction_details           ? 
_reflns.data_reduction_method            ? 
_reflns.d_resolution_high                1.80 
_reflns.d_resolution_low                 50.0 
_reflns.details                          ? 
_reflns.limit_h_max                      ? 
_reflns.limit_h_min                      ? 
_reflns.limit_k_max                      ? 
_reflns.limit_k_min                      ? 
_reflns.limit_l_max                      ? 
_reflns.limit_l_min                      ? 
_reflns.number_all                       ? 
_reflns.number_obs                       12171 
_reflns.observed_criterion               ? 
_reflns.observed_criterion_F_max         ? 
_reflns.observed_criterion_F_min         ? 
_reflns.observed_criterion_I_max         ? 
_reflns.observed_criterion_I_min         ? 
_reflns.observed_criterion_sigma_F       ? 
_reflns.observed_criterion_sigma_I       ? 
_reflns.percent_possible_obs             100.0 
_reflns.R_free_details                   ? 
_reflns.Rmerge_F_all                     ? 
_reflns.Rmerge_F_obs                     ? 
_reflns.Friedel_coverage                 ? 
_reflns.number_gt                        ? 
_reflns.threshold_expression             ? 
_reflns.pdbx_redundancy                  12.4 
_reflns.pdbx_Rmerge_I_obs                0.096 
_reflns.pdbx_Rmerge_I_all                ? 
_reflns.pdbx_Rsym_value                  ? 
_reflns.pdbx_netI_over_av_sigmaI         ? 
_reflns.pdbx_netI_over_sigmaI            4.5 
_reflns.pdbx_res_netI_over_av_sigmaI_2   ? 
_reflns.pdbx_res_netI_over_sigmaI_2      ? 
_reflns.pdbx_chi_squared                 ? 
_reflns.pdbx_scaling_rejects             ? 
_reflns.pdbx_d_res_high_opt              ? 
_reflns.pdbx_d_res_low_opt               ? 
_reflns.pdbx_d_res_opt_method            ? 
_reflns.phase_calculation_details        ? 
_reflns.pdbx_Rrim_I_all                  ? 
_reflns.pdbx_Rpim_I_all                  ? 
_reflns.pdbx_d_opt                       ? 
_reflns.pdbx_number_measured_all         ? 
_reflns.pdbx_diffrn_id                   1 
_reflns.pdbx_ordinal                     1 
_reflns.pdbx_CC_half                     ? 
_reflns.pdbx_R_split                     ? 
# 
_reflns_shell.d_res_high                  1.8 
_reflns_shell.d_res_low                   1.86 
_reflns_shell.meanI_over_sigI_all         ? 
_reflns_shell.meanI_over_sigI_obs         ? 
_reflns_shell.number_measured_all         ? 
_reflns_shell.number_measured_obs         ? 
_reflns_shell.number_possible             ? 
_reflns_shell.number_unique_all           ? 
_reflns_shell.number_unique_obs           150995 
_reflns_shell.percent_possible_all        ? 
_reflns_shell.percent_possible_obs        ? 
_reflns_shell.Rmerge_F_all                ? 
_reflns_shell.Rmerge_F_obs                ? 
_reflns_shell.Rmerge_I_all                ? 
_reflns_shell.Rmerge_I_obs                0.455 
_reflns_shell.meanI_over_sigI_gt          ? 
_reflns_shell.meanI_over_uI_all           ? 
_reflns_shell.meanI_over_uI_gt            ? 
_reflns_shell.number_measured_gt          ? 
_reflns_shell.number_unique_gt            ? 
_reflns_shell.percent_possible_gt         ? 
_reflns_shell.Rmerge_F_gt                 ? 
_reflns_shell.Rmerge_I_gt                 ? 
_reflns_shell.pdbx_redundancy             ? 
_reflns_shell.pdbx_Rsym_value             ? 
_reflns_shell.pdbx_chi_squared            ? 
_reflns_shell.pdbx_netI_over_sigmaI_all   ? 
_reflns_shell.pdbx_netI_over_sigmaI_obs   ? 
_reflns_shell.pdbx_Rrim_I_all             ? 
_reflns_shell.pdbx_Rpim_I_all             ? 
_reflns_shell.pdbx_rejects                ? 
_reflns_shell.pdbx_ordinal                1 
_reflns_shell.pdbx_diffrn_id              1 
_reflns_shell.pdbx_CC_half                ? 
_reflns_shell.pdbx_R_split                ? 
# 
_refine.aniso_B[1][1]                            0.94 
_refine.aniso_B[1][2]                            -0.00 
_refine.aniso_B[1][3]                            -0.00 
_refine.aniso_B[2][2]                            -2.32 
_refine.aniso_B[2][3]                            0.00 
_refine.aniso_B[3][3]                            1.37 
_refine.B_iso_max                                ? 
_refine.B_iso_mean                               33.150 
_refine.B_iso_min                                ? 
_refine.correlation_coeff_Fo_to_Fc               0.961 
_refine.correlation_coeff_Fo_to_Fc_free          0.951 
_refine.details                                  'HYDROGENS HAVE BEEN ADDED IN THE RIDING POSITIONS' 
_refine.diff_density_max                         ? 
_refine.diff_density_max_esd                     ? 
_refine.diff_density_min                         ? 
_refine.diff_density_min_esd                     ? 
_refine.diff_density_rms                         ? 
_refine.diff_density_rms_esd                     ? 
_refine.entry_id                                 6K2H 
_refine.pdbx_refine_id                           'X-RAY DIFFRACTION' 
_refine.ls_abs_structure_details                 ? 
_refine.ls_abs_structure_Flack                   ? 
_refine.ls_abs_structure_Flack_esd               ? 
_refine.ls_abs_structure_Rogers                  ? 
_refine.ls_abs_structure_Rogers_esd              ? 
_refine.ls_d_res_high                            1.80 
_refine.ls_d_res_low                             50.0 
_refine.ls_extinction_coef                       ? 
_refine.ls_extinction_coef_esd                   ? 
_refine.ls_extinction_expression                 ? 
_refine.ls_extinction_method                     ? 
_refine.ls_goodness_of_fit_all                   ? 
_refine.ls_goodness_of_fit_all_esd               ? 
_refine.ls_goodness_of_fit_obs                   ? 
_refine.ls_goodness_of_fit_obs_esd               ? 
_refine.ls_hydrogen_treatment                    ? 
_refine.ls_matrix_type                           ? 
_refine.ls_number_constraints                    ? 
_refine.ls_number_parameters                     ? 
_refine.ls_number_reflns_all                     ? 
_refine.ls_number_reflns_obs                     11531 
_refine.ls_number_reflns_R_free                  600 
_refine.ls_number_reflns_R_work                  ? 
_refine.ls_number_restraints                     ? 
_refine.ls_percent_reflns_obs                    99.07 
_refine.ls_percent_reflns_R_free                 4.9 
_refine.ls_R_factor_all                          ? 
_refine.ls_R_factor_obs                          0.17766 
_refine.ls_R_factor_R_free                       0.22195 
_refine.ls_R_factor_R_free_error                 ? 
_refine.ls_R_factor_R_free_error_details         ? 
_refine.ls_R_factor_R_work                       0.17523 
_refine.ls_R_Fsqd_factor_obs                     ? 
_refine.ls_R_I_factor_obs                        ? 
_refine.ls_redundancy_reflns_all                 ? 
_refine.ls_redundancy_reflns_obs                 ? 
_refine.ls_restrained_S_all                      ? 
_refine.ls_restrained_S_obs                      ? 
_refine.ls_shift_over_esd_max                    ? 
_refine.ls_shift_over_esd_mean                   ? 
_refine.ls_structure_factor_coef                 ? 
_refine.ls_weighting_details                     ? 
_refine.ls_weighting_scheme                      ? 
_refine.ls_wR_factor_all                         ? 
_refine.ls_wR_factor_obs                         ? 
_refine.ls_wR_factor_R_free                      ? 
_refine.ls_wR_factor_R_work                      ? 
_refine.occupancy_max                            ? 
_refine.occupancy_min                            ? 
_refine.solvent_model_details                    ? 
_refine.solvent_model_param_bsol                 ? 
_refine.solvent_model_param_ksol                 ? 
_refine.ls_R_factor_gt                           ? 
_refine.ls_goodness_of_fit_gt                    ? 
_refine.ls_goodness_of_fit_ref                   ? 
_refine.ls_shift_over_su_max                     ? 
_refine.ls_shift_over_su_max_lt                  ? 
_refine.ls_shift_over_su_mean                    ? 
_refine.ls_shift_over_su_mean_lt                 ? 
_refine.pdbx_ls_sigma_I                          ? 
_refine.pdbx_ls_sigma_F                          ? 
_refine.pdbx_ls_sigma_Fsqd                       ? 
_refine.pdbx_data_cutoff_high_absF               ? 
_refine.pdbx_data_cutoff_high_rms_absF           ? 
_refine.pdbx_data_cutoff_low_absF                ? 
_refine.pdbx_isotropic_thermal_model             ? 
_refine.pdbx_ls_cross_valid_method               THROUGHOUT 
_refine.pdbx_method_to_determine_struct          'MOLECULAR REPLACEMENT' 
_refine.pdbx_starting_model                      4PAU 
_refine.pdbx_stereochemistry_target_values       ? 
_refine.pdbx_R_Free_selection_details            RANDOM 
_refine.pdbx_stereochem_target_val_spec_case     ? 
_refine.pdbx_overall_ESU_R                       0.133 
_refine.pdbx_overall_ESU_R_Free                  0.130 
_refine.pdbx_solvent_vdw_probe_radii             1.20 
_refine.pdbx_solvent_ion_probe_radii             0.80 
_refine.pdbx_solvent_shrinkage_radii             0.80 
_refine.pdbx_real_space_R                        ? 
_refine.pdbx_density_correlation                 ? 
_refine.pdbx_pd_number_of_powder_patterns        ? 
_refine.pdbx_pd_number_of_points                 ? 
_refine.pdbx_pd_meas_number_of_points            ? 
_refine.pdbx_pd_proc_ls_prof_R_factor            ? 
_refine.pdbx_pd_proc_ls_prof_wR_factor           ? 
_refine.pdbx_pd_Marquardt_correlation_coeff      ? 
_refine.pdbx_pd_Fsqrd_R_factor                   ? 
_refine.pdbx_pd_ls_matrix_band_width             ? 
_refine.pdbx_overall_phase_error                 ? 
_refine.pdbx_overall_SU_R_free_Cruickshank_DPI   ? 
_refine.pdbx_overall_SU_R_free_Blow_DPI          ? 
_refine.pdbx_overall_SU_R_Blow_DPI               ? 
_refine.pdbx_TLS_residual_ADP_flag               ? 
_refine.pdbx_diffrn_id                           1 
_refine.overall_SU_B                             2.557 
_refine.overall_SU_ML                            0.081 
_refine.overall_SU_R_Cruickshank_DPI             ? 
_refine.overall_SU_R_free                        ? 
_refine.overall_FOM_free_R_set                   ? 
_refine.overall_FOM_work_R_set                   ? 
_refine.pdbx_average_fsc_overall                 ? 
_refine.pdbx_average_fsc_work                    ? 
_refine.pdbx_average_fsc_free                    ? 
# 
_refine_hist.pdbx_refine_id                   'X-RAY DIFFRACTION' 
_refine_hist.cycle_id                         1 
_refine_hist.details                          ? 
_refine_hist.d_res_high                       1.80 
_refine_hist.d_res_low                        50.0 
_refine_hist.number_atoms_solvent             64 
_refine_hist.number_atoms_total               1161 
_refine_hist.number_reflns_all                ? 
_refine_hist.number_reflns_obs                ? 
_refine_hist.number_reflns_R_free             ? 
_refine_hist.number_reflns_R_work             ? 
_refine_hist.R_factor_all                     ? 
_refine_hist.R_factor_obs                     ? 
_refine_hist.R_factor_R_free                  ? 
_refine_hist.R_factor_R_work                  ? 
_refine_hist.pdbx_number_residues_total       ? 
_refine_hist.pdbx_B_iso_mean_ligand           ? 
_refine_hist.pdbx_B_iso_mean_solvent          ? 
_refine_hist.pdbx_number_atoms_protein        1085 
_refine_hist.pdbx_number_atoms_nucleic_acid   0 
_refine_hist.pdbx_number_atoms_ligand         12 
_refine_hist.pdbx_number_atoms_lipid          ? 
_refine_hist.pdbx_number_atoms_carb           ? 
_refine_hist.pdbx_pseudo_atom_details         ? 
# 
loop_
_refine_ls_restr.pdbx_refine_id 
_refine_ls_restr.criterion 
_refine_ls_restr.dev_ideal 
_refine_ls_restr.dev_ideal_target 
_refine_ls_restr.number 
_refine_ls_restr.rejects 
_refine_ls_restr.type 
_refine_ls_restr.weight 
_refine_ls_restr.pdbx_restraint_function 
'X-RAY DIFFRACTION' ? 0.020  0.019  1125 ? r_bond_refined_d             ? ? 
'X-RAY DIFFRACTION' ? 0.002  0.020  1102 ? r_bond_other_d               ? ? 
'X-RAY DIFFRACTION' ? 1.864  1.978  1510 ? r_angle_refined_deg          ? ? 
'X-RAY DIFFRACTION' ? 1.028  3.000  2551 ? r_angle_other_deg            ? ? 
'X-RAY DIFFRACTION' ? 6.341  5.000  136  ? r_dihedral_angle_1_deg       ? ? 
'X-RAY DIFFRACTION' ? 35.311 23.269 52   ? r_dihedral_angle_2_deg       ? ? 
'X-RAY DIFFRACTION' ? 16.023 15.000 208  ? r_dihedral_angle_3_deg       ? ? 
'X-RAY DIFFRACTION' ? 22.761 15.000 10   ? r_dihedral_angle_4_deg       ? ? 
'X-RAY DIFFRACTION' ? 0.133  0.200  161  ? r_chiral_restr               ? ? 
'X-RAY DIFFRACTION' ? 0.010  0.021  1224 ? r_gen_planes_refined         ? ? 
'X-RAY DIFFRACTION' ? 0.002  0.020  234  ? r_gen_planes_other           ? ? 
'X-RAY DIFFRACTION' ? ?      ?      ?    ? r_nbd_refined                ? ? 
'X-RAY DIFFRACTION' ? ?      ?      ?    ? r_nbd_other                  ? ? 
'X-RAY DIFFRACTION' ? ?      ?      ?    ? r_nbtor_refined              ? ? 
'X-RAY DIFFRACTION' ? ?      ?      ?    ? r_nbtor_other                ? ? 
'X-RAY DIFFRACTION' ? ?      ?      ?    ? r_xyhbond_nbd_refined        ? ? 
'X-RAY DIFFRACTION' ? ?      ?      ?    ? r_xyhbond_nbd_other          ? ? 
'X-RAY DIFFRACTION' ? ?      ?      ?    ? r_metal_ion_refined          ? ? 
'X-RAY DIFFRACTION' ? ?      ?      ?    ? r_metal_ion_other            ? ? 
'X-RAY DIFFRACTION' ? ?      ?      ?    ? r_symmetry_vdw_refined       ? ? 
'X-RAY DIFFRACTION' ? ?      ?      ?    ? r_symmetry_vdw_other         ? ? 
'X-RAY DIFFRACTION' ? ?      ?      ?    ? r_symmetry_hbond_refined     ? ? 
'X-RAY DIFFRACTION' ? ?      ?      ?    ? r_symmetry_hbond_other       ? ? 
'X-RAY DIFFRACTION' ? ?      ?      ?    ? r_symmetry_metal_ion_refined ? ? 
'X-RAY DIFFRACTION' ? ?      ?      ?    ? r_symmetry_metal_ion_other   ? ? 
'X-RAY DIFFRACTION' ? 3.112  2.906  541  ? r_mcbond_it                  ? ? 
'X-RAY DIFFRACTION' ? 3.100  2.898  540  ? r_mcbond_other               ? ? 
'X-RAY DIFFRACTION' ? 4.171  4.331  675  ? r_mcangle_it                 ? ? 
'X-RAY DIFFRACTION' ? 4.169  4.340  676  ? r_mcangle_other              ? ? 
'X-RAY DIFFRACTION' ? 4.364  3.563  584  ? r_scbond_it                  ? ? 
'X-RAY DIFFRACTION' ? 4.359  3.563  584  ? r_scbond_other               ? ? 
'X-RAY DIFFRACTION' ? ?      ?      ?    ? r_scangle_it                 ? ? 
'X-RAY DIFFRACTION' ? 6.363  5.094  835  ? r_scangle_other              ? ? 
'X-RAY DIFFRACTION' ? 8.626  35.150 1228 ? r_long_range_B_refined       ? ? 
'X-RAY DIFFRACTION' ? 8.623  35.183 1229 ? r_long_range_B_other         ? ? 
'X-RAY DIFFRACTION' ? ?      ?      ?    ? r_rigid_bond_restr           ? ? 
'X-RAY DIFFRACTION' ? ?      ?      ?    ? r_sphericity_free            ? ? 
'X-RAY DIFFRACTION' ? ?      ?      ?    ? r_sphericity_bonded          ? ? 
# 
_refine_ls_shell.pdbx_refine_id                   'X-RAY DIFFRACTION' 
_refine_ls_shell.d_res_high                       1.801 
_refine_ls_shell.d_res_low                        1.848 
_refine_ls_shell.number_reflns_all                ? 
_refine_ls_shell.number_reflns_obs                ? 
_refine_ls_shell.number_reflns_R_free             40 
_refine_ls_shell.number_reflns_R_work             726 
_refine_ls_shell.percent_reflns_obs               87.44 
_refine_ls_shell.percent_reflns_R_free            ? 
_refine_ls_shell.R_factor_all                     ? 
_refine_ls_shell.R_factor_obs                     ? 
_refine_ls_shell.R_factor_R_free                  0.306 
_refine_ls_shell.R_factor_R_free_error            ? 
_refine_ls_shell.R_factor_R_work                  0.196 
_refine_ls_shell.redundancy_reflns_all            ? 
_refine_ls_shell.redundancy_reflns_obs            ? 
_refine_ls_shell.wR_factor_all                    ? 
_refine_ls_shell.wR_factor_obs                    ? 
_refine_ls_shell.wR_factor_R_free                 ? 
_refine_ls_shell.wR_factor_R_work                 ? 
_refine_ls_shell.pdbx_total_number_of_bins_used   20 
_refine_ls_shell.pdbx_phase_error                 ? 
_refine_ls_shell.pdbx_fsc_work                    ? 
_refine_ls_shell.pdbx_fsc_free                    ? 
# 
_struct.entry_id                     6K2H 
_struct.title                        
'structural characterization of mutated NreA protein in nitrate binding site from staphylococcus aureus.' 
_struct.pdbx_model_details           ? 
_struct.pdbx_formula_weight          ? 
_struct.pdbx_formula_weight_method   ? 
_struct.pdbx_model_type_details      ? 
_struct.pdbx_CASP_flag               N 
# 
_struct_keywords.entry_id        6K2H 
_struct_keywords.text            'Complex, SIGNALING PROTEIN' 
_struct_keywords.pdbx_keywords   'SIGNALING PROTEIN' 
# 
loop_
_struct_asym.id 
_struct_asym.pdbx_blank_PDB_chainid_flag 
_struct_asym.pdbx_modified 
_struct_asym.entity_id 
_struct_asym.details 
A N N 1 ? 
B N N 2 ? 
C N N 2 ? 
D N N 2 ? 
E N N 3 ? 
# 
loop_
_struct_conf.conf_type_id 
_struct_conf.id 
_struct_conf.pdbx_PDB_helix_id 
_struct_conf.beg_label_comp_id 
_struct_conf.beg_label_asym_id 
_struct_conf.beg_label_seq_id 
_struct_conf.pdbx_beg_PDB_ins_code 
_struct_conf.end_label_comp_id 
_struct_conf.end_label_asym_id 
_struct_conf.end_label_seq_id 
_struct_conf.pdbx_end_PDB_ins_code 
_struct_conf.beg_auth_comp_id 
_struct_conf.beg_auth_asym_id 
_struct_conf.beg_auth_seq_id 
_struct_conf.end_auth_comp_id 
_struct_conf.end_auth_asym_id 
_struct_conf.end_auth_seq_id 
_struct_conf.pdbx_PDB_helix_class 
_struct_conf.details 
_struct_conf.pdbx_PDB_helix_length 
HELX_P HELX_P1 AA1 ASP A 9   ? GLY A 24  ? ASP A 9   GLY A 24  1 ? 16 
HELX_P HELX_P2 AA2 ASN A 53  ? ILE A 58  ? ASN A 53  ILE A 58  5 ? 6  
HELX_P HELX_P3 AA3 ARG A 64  ? GLY A 74  ? ARG A 64  GLY A 74  1 ? 11 
HELX_P HELX_P4 AA4 ASN A 81  ? LEU A 86  ? ASN A 81  LEU A 86  1 ? 6  
HELX_P HELX_P5 AA5 LEU A 86  ? LYS A 91  ? LEU A 86  LYS A 91  1 ? 6  
HELX_P HELX_P6 AA6 ILE A 92  ? ALA A 94  ? ILE A 92  ALA A 94  5 ? 3  
HELX_P HELX_P7 AA7 PRO A 95  ? GLU A 100 ? PRO A 95  GLU A 100 1 ? 6  
HELX_P HELX_P8 AA8 ASP A 135 ? ARG A 141 ? ASP A 135 ARG A 141 1 ? 7  
# 
_struct_conf_type.id          HELX_P 
_struct_conf_type.criteria    ? 
_struct_conf_type.reference   ? 
# 
_struct_sheet.id               AA1 
_struct_sheet.type             ? 
_struct_sheet.number_strands   5 
_struct_sheet.details          ? 
# 
loop_
_struct_sheet_order.sheet_id 
_struct_sheet_order.range_id_1 
_struct_sheet_order.range_id_2 
_struct_sheet_order.offset 
_struct_sheet_order.sense 
AA1 1 2 ? anti-parallel 
AA1 2 3 ? anti-parallel 
AA1 3 4 ? anti-parallel 
AA1 4 5 ? anti-parallel 
# 
loop_
_struct_sheet_range.sheet_id 
_struct_sheet_range.id 
_struct_sheet_range.beg_label_comp_id 
_struct_sheet_range.beg_label_asym_id 
_struct_sheet_range.beg_label_seq_id 
_struct_sheet_range.pdbx_beg_PDB_ins_code 
_struct_sheet_range.end_label_comp_id 
_struct_sheet_range.end_label_asym_id 
_struct_sheet_range.end_label_seq_id 
_struct_sheet_range.pdbx_end_PDB_ins_code 
_struct_sheet_range.beg_auth_comp_id 
_struct_sheet_range.beg_auth_asym_id 
_struct_sheet_range.beg_auth_seq_id 
_struct_sheet_range.end_auth_comp_id 
_struct_sheet_range.end_auth_asym_id 
_struct_sheet_range.end_auth_seq_id 
AA1 1 ILE A 42  ? SER A 48  ? ILE A 42  SER A 48  
AA1 2 PHE A 27  ? TYR A 33  ? PHE A 27  TYR A 33  
AA1 3 GLN A 115 ? GLN A 124 ? GLN A 115 GLN A 124 
AA1 4 ALA A 104 ? TYR A 112 ? ALA A 104 TYR A 112 
AA1 5 MET A 77  ? ILE A 79  ? MET A 77  ILE A 79  
# 
loop_
_pdbx_struct_sheet_hbond.sheet_id 
_pdbx_struct_sheet_hbond.range_id_1 
_pdbx_struct_sheet_hbond.range_id_2 
_pdbx_struct_sheet_hbond.range_1_label_atom_id 
_pdbx_struct_sheet_hbond.range_1_label_comp_id 
_pdbx_struct_sheet_hbond.range_1_label_asym_id 
_pdbx_struct_sheet_hbond.range_1_label_seq_id 
_pdbx_struct_sheet_hbond.range_1_PDB_ins_code 
_pdbx_struct_sheet_hbond.range_1_auth_atom_id 
_pdbx_struct_sheet_hbond.range_1_auth_comp_id 
_pdbx_struct_sheet_hbond.range_1_auth_asym_id 
_pdbx_struct_sheet_hbond.range_1_auth_seq_id 
_pdbx_struct_sheet_hbond.range_2_label_atom_id 
_pdbx_struct_sheet_hbond.range_2_label_comp_id 
_pdbx_struct_sheet_hbond.range_2_label_asym_id 
_pdbx_struct_sheet_hbond.range_2_label_seq_id 
_pdbx_struct_sheet_hbond.range_2_PDB_ins_code 
_pdbx_struct_sheet_hbond.range_2_auth_atom_id 
_pdbx_struct_sheet_hbond.range_2_auth_comp_id 
_pdbx_struct_sheet_hbond.range_2_auth_asym_id 
_pdbx_struct_sheet_hbond.range_2_auth_seq_id 
AA1 1 2 O TYR A 46  ? O TYR A 46  N ILE A 30  ? N ILE A 30  
AA1 2 3 N ALA A 29  ? N ALA A 29  O LEU A 121 ? O LEU A 121 
AA1 3 4 O LEU A 120 ? O LEU A 120 N VAL A 108 ? N VAL A 108 
AA1 4 5 O ALA A 107 ? O ALA A 107 N MET A 77  ? N MET A 77  
# 
loop_
_struct_site.id 
_struct_site.pdbx_evidence_code 
_struct_site.pdbx_auth_asym_id 
_struct_site.pdbx_auth_comp_id 
_struct_site.pdbx_auth_seq_id 
_struct_site.pdbx_auth_ins_code 
_struct_site.pdbx_num_residues 
_struct_site.details 
AC1 Software A EDO 201 ? 8 'binding site for residue EDO A 201' 
AC2 Software A EDO 202 ? 3 'binding site for residue EDO A 202' 
AC3 Software A EDO 203 ? 2 'binding site for residue EDO A 203' 
# 
loop_
_struct_site_gen.id 
_struct_site_gen.site_id 
_struct_site_gen.pdbx_num_res 
_struct_site_gen.label_comp_id 
_struct_site_gen.label_asym_id 
_struct_site_gen.label_seq_id 
_struct_site_gen.pdbx_auth_ins_code 
_struct_site_gen.auth_comp_id 
_struct_site_gen.auth_asym_id 
_struct_site_gen.auth_seq_id 
_struct_site_gen.label_atom_id 
_struct_site_gen.label_alt_id 
_struct_site_gen.symmetry 
_struct_site_gen.details 
1  AC1 8 TRP A 44  ? TRP A 44  . ? 1_555 ? 
2  AC1 8 LEU A 60  ? LEU A 60  . ? 1_555 ? 
3  AC1 8 GLY A 65  ? GLY A 65  . ? 1_555 ? 
4  AC1 8 LEU A 66  ? LEU A 66  . ? 1_555 ? 
5  AC1 8 ALA A 67  ? ALA A 67  . ? 1_555 ? 
6  AC1 8 ALA A 94  ? ALA A 94  . ? 1_555 ? 
7  AC1 8 PRO A 95  ? PRO A 95  . ? 1_555 ? 
8  AC1 8 ILE A 96  ? ILE A 96  . ? 1_555 ? 
9  AC2 3 SER A 35  ? SER A 35  . ? 2_555 ? 
10 AC2 3 LYS A 37  ? LYS A 37  . ? 2_555 ? 
11 AC2 3 ASN A 114 ? ASN A 114 . ? 1_555 ? 
12 AC3 2 ASN A 81  ? ASN A 81  . ? 1_555 ? 
13 AC3 2 GLY A 127 ? GLY A 127 . ? 1_555 ? 
# 
_atom_sites.entry_id                    6K2H 
_atom_sites.fract_transf_matrix[1][1]   0.01331300 
_atom_sites.fract_transf_matrix[1][2]   -0.02519884 
_atom_sites.fract_transf_matrix[1][3]   -0.00202100 
_atom_sites.fract_transf_matrix[2][1]   0.00369503 
_atom_sites.fract_transf_matrix[2][2]   0.00261355 
_atom_sites.fract_transf_matrix[2][3]   -0.00824668 
_atom_sites.fract_transf_matrix[3][1]   0.02350842 
_atom_sites.fract_transf_matrix[3][2]   0.01128821 
_atom_sites.fract_transf_matrix[3][3]   0.01411072 
_atom_sites.fract_transf_vector[1]      0.124713 
_atom_sites.fract_transf_vector[2]      0.148641 
_atom_sites.fract_transf_vector[3]      0.233927 
# 
loop_
_atom_type.symbol 
C 
N 
O 
S 
# 
loop_
_atom_site.group_PDB 
_atom_site.id 
_atom_site.type_symbol 
_atom_site.label_atom_id 
_atom_site.label_alt_id 
_atom_site.label_comp_id 
_atom_site.label_asym_id 
_atom_site.label_entity_id 
_atom_site.label_seq_id 
_atom_site.pdbx_PDB_ins_code 
_atom_site.Cartn_x 
_atom_site.Cartn_y 
_atom_site.Cartn_z 
_atom_site.occupancy 
_atom_site.B_iso_or_equiv 
_atom_site.pdbx_formal_charge 
_atom_site.auth_seq_id 
_atom_site.auth_comp_id 
_atom_site.auth_asym_id 
_atom_site.auth_atom_id 
_atom_site.pdbx_PDB_model_num 
ATOM   1    N N   . GLU A 1 8   ? -6.735  -16.311 1.601   1.00 90.05  ? 8   GLU A N   1 
ATOM   2    C CA  . GLU A 1 8   ? -7.115  -15.746 2.932   1.00 84.78  ? 8   GLU A CA  1 
ATOM   3    C C   . GLU A 1 8   ? -8.266  -14.787 2.729   1.00 74.28  ? 8   GLU A C   1 
ATOM   4    O O   . GLU A 1 8   ? -8.063  -13.734 2.191   1.00 79.68  ? 8   GLU A O   1 
ATOM   5    C CB  . GLU A 1 8   ? -5.919  -15.033 3.567   1.00 93.57  ? 8   GLU A CB  1 
ATOM   6    C CG  . GLU A 1 8   ? -4.760  -15.977 3.865   1.00 102.53 ? 8   GLU A CG  1 
ATOM   7    C CD  . GLU A 1 8   ? -3.507  -15.256 4.323   1.00 109.52 ? 8   GLU A CD  1 
ATOM   8    O OE1 . GLU A 1 8   ? -2.947  -15.641 5.375   1.00 117.44 ? 8   GLU A OE1 1 
ATOM   9    O OE2 . GLU A 1 8   ? -3.078  -14.306 3.632   1.00 109.47 ? 8   GLU A OE2 1 
ATOM   10   N N   . ASP A 1 9   ? -9.469  -15.149 3.159   1.00 69.48  ? 9   ASP A N   1 
ATOM   11   C CA  . ASP A 1 9   ? -10.703 -14.443 2.779   1.00 64.84  ? 9   ASP A CA  1 
ATOM   12   C C   . ASP A 1 9   ? -10.613 -13.906 1.352   1.00 65.77  ? 9   ASP A C   1 
ATOM   13   O O   . ASP A 1 9   ? -10.195 -12.748 1.089   1.00 59.96  ? 9   ASP A O   1 
ATOM   14   C CB  . ASP A 1 9   ? -11.077 -13.349 3.755   1.00 65.99  ? 9   ASP A CB  1 
ATOM   15   C CG  . ASP A 1 9   ? -12.409 -12.733 3.424   1.00 67.09  ? 9   ASP A CG  1 
ATOM   16   O OD1 . ASP A 1 9   ? -12.407 -11.571 2.989   1.00 63.95  ? 9   ASP A OD1 1 
ATOM   17   O OD2 . ASP A 1 9   ? -13.456 -13.416 3.563   1.00 71.91  ? 9   ASP A OD2 1 
ATOM   18   N N   . ARG A 1 10  ? -10.972 -14.807 0.439   1.00 57.59  ? 10  ARG A N   1 
ATOM   19   C CA  . ARG A 1 10  ? -11.056 -14.543 -0.982  1.00 62.42  ? 10  ARG A CA  1 
ATOM   20   C C   . ARG A 1 10  ? -11.775 -13.237 -1.340  1.00 53.41  ? 10  ARG A C   1 
ATOM   21   O O   . ARG A 1 10  ? -11.541 -12.721 -2.406  1.00 50.95  ? 10  ARG A O   1 
ATOM   22   C CB  . ARG A 1 10  ? -11.772 -15.710 -1.694  1.00 69.25  ? 10  ARG A CB  1 
ATOM   23   C CG  . ARG A 1 10  ? -10.924 -16.953 -1.970  1.00 70.65  ? 10  ARG A CG  1 
ATOM   24   C CD  . ARG A 1 10  ? -11.423 -17.625 -3.248  1.00 79.74  ? 10  ARG A CD  1 
ATOM   25   N NE  . ARG A 1 10  ? -10.654 -18.813 -3.643  1.00 88.99  ? 10  ARG A NE  1 
ATOM   26   C CZ  . ARG A 1 10  ? -10.800 -20.050 -3.142  1.00 87.00  ? 10  ARG A CZ  1 
ATOM   27   N NH1 . ARG A 1 10  ? -11.683 -20.315 -2.173  1.00 83.49  ? 10  ARG A NH1 1 
ATOM   28   N NH2 . ARG A 1 10  ? -10.037 -21.040 -3.605  1.00 84.30  ? 10  ARG A NH2 1 
ATOM   29   N N   . ARG A 1 11  ? -12.659 -12.736 -0.481  1.00 54.34  ? 11  ARG A N   1 
ATOM   30   C CA  . ARG A 1 11  ? -13.367 -11.476 -0.726  1.00 53.31  ? 11  ARG A CA  1 
ATOM   31   C C   . ARG A 1 11  ? -12.405 -10.297 -0.737  1.00 51.17  ? 11  ARG A C   1 
ATOM   32   O O   . ARG A 1 11  ? -12.521 -9.409  -1.594  1.00 43.63  ? 11  ARG A O   1 
ATOM   33   C CB  . ARG A 1 11  ? -14.454 -11.251 0.331   1.00 60.10  ? 11  ARG A CB  1 
ATOM   34   C CG  . ARG A 1 11  ? -15.042 -9.845  0.427   1.00 66.08  ? 11  ARG A CG  1 
ATOM   35   C CD  . ARG A 1 11  ? -16.131 -9.784  1.492   1.00 73.86  ? 11  ARG A CD  1 
ATOM   36   N NE  . ARG A 1 11  ? -16.381 -8.421  1.973   1.00 82.66  ? 11  ARG A NE  1 
ATOM   37   C CZ  . ARG A 1 11  ? -17.353 -8.070  2.821   1.00 98.04  ? 11  ARG A CZ  1 
ATOM   38   N NH1 . ARG A 1 11  ? -17.482 -6.793  3.190   1.00 102.57 ? 11  ARG A NH1 1 
ATOM   39   N NH2 . ARG A 1 11  ? -18.202 -8.976  3.311   1.00 106.06 ? 11  ARG A NH2 1 
ATOM   40   N N   . PHE A 1 12  ? -11.480 -10.263 0.224   1.00 42.13  ? 12  PHE A N   1 
ATOM   41   C CA  . PHE A 1 12  ? -10.402 -9.249  0.149   1.00 40.97  ? 12  PHE A CA  1 
ATOM   42   C C   . PHE A 1 12  ? -9.615  -9.357  -1.125  1.00 33.74  ? 12  PHE A C   1 
ATOM   43   O O   . PHE A 1 12  ? -9.385  -8.305  -1.731  1.00 32.87  ? 12  PHE A O   1 
ATOM   44   C CB  . PHE A 1 12  ? -9.461  -9.253  1.335   1.00 37.15  ? 12  PHE A CB  1 
ATOM   45   C CG  . PHE A 1 12  ? -9.870  -8.284  2.380   1.00 43.11  ? 12  PHE A CG  1 
ATOM   46   C CD1 . PHE A 1 12  ? -9.161  -7.104  2.589   1.00 48.35  ? 12  PHE A CD1 1 
ATOM   47   C CD2 . PHE A 1 12  ? -11.016 -8.513  3.137   1.00 53.02  ? 12  PHE A CD2 1 
ATOM   48   C CE1 . PHE A 1 12  ? -9.572  -6.198  3.546   1.00 50.61  ? 12  PHE A CE1 1 
ATOM   49   C CE2 . PHE A 1 12  ? -11.434 -7.602  4.100   1.00 54.57  ? 12  PHE A CE2 1 
ATOM   50   C CZ  . PHE A 1 12  ? -10.714 -6.439  4.302   1.00 54.50  ? 12  PHE A CZ  1 
ATOM   51   N N   . GLN A 1 13  ? -9.164  -10.555 -1.520  1.00 32.16  ? 13  GLN A N   1 
ATOM   52   C CA  . GLN A 1 13  ? -8.349  -10.677 -2.735  1.00 32.43  ? 13  GLN A CA  1 
ATOM   53   C C   . GLN A 1 13  ? -9.125  -10.226 -3.967  1.00 38.49  ? 13  GLN A C   1 
ATOM   54   O O   . GLN A 1 13  ? -8.632  -9.471  -4.795  1.00 30.84  ? 13  GLN A O   1 
ATOM   55   C CB  . GLN A 1 13  ? -7.849  -12.084 -2.940  1.00 29.65  ? 13  GLN A CB  1 
ATOM   56   C CG  . GLN A 1 13  ? -6.956  -12.325 -4.146  1.00 32.06  ? 13  GLN A CG  1 
ATOM   57   C CD  . GLN A 1 13  ? -5.682  -11.505 -4.071  1.00 37.26  ? 13  GLN A CD  1 
ATOM   58   O OE1 . GLN A 1 13  ? -5.443  -10.591 -4.893  1.00 36.28  ? 13  GLN A OE1 1 
ATOM   59   N NE2 . GLN A 1 13  ? -4.868  -11.793 -3.058  1.00 31.47  ? 13  GLN A NE2 1 
ATOM   60   N N   . GLU A 1 14  ? -10.353 -10.714 -4.106  1.00 37.53  ? 14  GLU A N   1 
ATOM   61   C CA  . GLU A 1 14  ? -11.122 -10.447 -5.332  1.00 37.21  ? 14  GLU A CA  1 
ATOM   62   C C   . GLU A 1 14  ? -11.503 -8.985  -5.431  1.00 31.30  ? 14  GLU A C   1 
ATOM   63   O O   . GLU A 1 14  ? -11.506 -8.404  -6.545  1.00 32.30  ? 14  GLU A O   1 
ATOM   64   C CB  . GLU A 1 14  ? -12.426 -11.272 -5.363  1.00 43.15  ? 14  GLU A CB  1 
ATOM   65   C CG  . GLU A 1 14  ? -12.263 -12.761 -5.583  1.00 50.60  ? 14  GLU A CG  1 
ATOM   66   C CD  . GLU A 1 14  ? -13.552 -13.560 -5.287  1.00 50.14  ? 14  GLU A CD  1 
ATOM   67   O OE1 . GLU A 1 14  ? -14.541 -13.015 -4.709  1.00 58.32  ? 14  GLU A OE1 1 
ATOM   68   O OE2 . GLU A 1 14  ? -13.555 -14.759 -5.600  1.00 54.89  ? 14  GLU A OE2 1 
ATOM   69   N N   . THR A 1 15  ? -11.906 -8.415  -4.318  1.00 27.32  ? 15  THR A N   1 
ATOM   70   C CA  . THR A 1 15  ? -12.233 -7.007  -4.275  1.00 32.20  ? 15  THR A CA  1 
ATOM   71   C C   . THR A 1 15  ? -10.981 -6.201  -4.614  1.00 31.59  ? 15  THR A C   1 
ATOM   72   O O   . THR A 1 15  ? -11.040 -5.246  -5.380  1.00 29.48  ? 15  THR A O   1 
ATOM   73   C CB  . THR A 1 15  ? -12.737 -6.577  -2.916  1.00 37.05  ? 15  THR A CB  1 
ATOM   74   O OG1 . THR A 1 15  ? -13.904 -7.346  -2.599  1.00 46.72  ? 15  THR A OG1 1 
ATOM   75   C CG2 . THR A 1 15  ? -13.092 -5.133  -2.922  1.00 44.30  ? 15  THR A CG2 1 
ATOM   76   N N   . LEU A 1 16  ? -9.837  -6.615  -4.062  1.00 25.01  ? 16  LEU A N   1 
ATOM   77   C CA  . LEU A 1 16  ? -8.604  -5.858  -4.364  1.00 26.30  ? 16  LEU A CA  1 
ATOM   78   C C   . LEU A 1 16  ? -8.316  -5.940  -5.831  1.00 25.04  ? 16  LEU A C   1 
ATOM   79   O O   . LEU A 1 16  ? -7.987  -4.932  -6.441  1.00 23.78  ? 16  LEU A O   1 
ATOM   80   C CB  . LEU A 1 16  ? -7.392  -6.311  -3.490  1.00 22.69  ? 16  LEU A CB  1 
ATOM   81   C CG  . LEU A 1 16  ? -6.089  -5.513  -3.686  1.00 21.88  ? 16  LEU A CG  1 
ATOM   82   C CD1 . LEU A 1 16  ? -6.225  -4.049  -3.235  1.00 21.02  ? 16  LEU A CD1 1 
ATOM   83   C CD2 . LEU A 1 16  ? -4.914  -6.186  -2.997  1.00 21.01  ? 16  LEU A CD2 1 
ATOM   84   N N   . ASP A 1 17  ? -8.476  -7.103  -6.451  1.00 24.20  ? 17  ASP A N   1 
ATOM   85   C CA  . ASP A 1 17  ? -8.183  -7.221  -7.863  1.00 28.81  ? 17  ASP A CA  1 
ATOM   86   C C   . ASP A 1 17  ? -9.111  -6.366  -8.726  1.00 27.60  ? 17  ASP A C   1 
ATOM   87   O O   . ASP A 1 17  ? -8.669  -5.752  -9.715  1.00 29.11  ? 17  ASP A O   1 
ATOM   88   C CB  . ASP A 1 17  ? -8.331  -8.657  -8.346  1.00 27.81  ? 17  ASP A CB  1 
ATOM   89   C CG  . ASP A 1 17  ? -7.239  -9.589  -7.831  1.00 33.24  ? 17  ASP A CG  1 
ATOM   90   O OD1 . ASP A 1 17  ? -6.091  -9.204  -7.591  1.00 26.58  ? 17  ASP A OD1 1 
ATOM   91   O OD2 . ASP A 1 17  ? -7.531  -10.802 -7.778  1.00 33.72  ? 17  ASP A OD2 1 
ATOM   92   N N   . LYS A 1 18  ? -10.382 -6.348  -8.338  1.00 30.05  ? 18  LYS A N   1 
ATOM   93   C CA  . LYS A 1 18  ? -11.392 -5.602  -9.079  1.00 33.32  ? 18  LYS A CA  1 
ATOM   94   C C   . LYS A 1 18  ? -11.034 -4.112  -9.003  1.00 29.43  ? 18  LYS A C   1 
ATOM   95   O O   . LYS A 1 18  ? -10.899 -3.502  -10.064 1.00 28.27  ? 18  LYS A O   1 
ATOM   96   C CB  . LYS A 1 18  ? -12.775 -5.841  -8.490  1.00 36.27  ? 18  LYS A CB  1 
ATOM   97   C CG  . LYS A 1 18  ? -13.936 -5.180  -9.242  1.00 38.72  ? 18  LYS A CG  1 
ATOM   98   C CD  . LYS A 1 18  ? -15.071 -4.855  -8.275  1.00 47.28  ? 18  LYS A CD  1 
ATOM   99   C CE  . LYS A 1 18  ? -16.139 -5.929  -8.133  1.00 55.48  ? 18  LYS A CE  1 
ATOM   100  N NZ  . LYS A 1 18  ? -17.441 -5.561  -8.789  1.00 62.14  ? 18  LYS A NZ  1 
ATOM   101  N N   . ILE A 1 19  ? -10.926 -3.576  -7.778  1.00 29.88  ? 19  ILE A N   1 
ATOM   102  C CA  . ILE A 1 19  ? -10.614 -2.145  -7.503  1.00 32.56  ? 19  ILE A CA  1 
ATOM   103  C C   . ILE A 1 19  ? -9.332  -1.659  -8.185  1.00 29.76  ? 19  ILE A C   1 
ATOM   104  O O   . ILE A 1 19  ? -9.309  -0.573  -8.765  1.00 28.43  ? 19  ILE A O   1 
ATOM   105  C CB  . ILE A 1 19  ? -10.542 -1.826  -5.997  1.00 38.24  ? 19  ILE A CB  1 
ATOM   106  C CG1 . ILE A 1 19  ? -11.937 -2.026  -5.372  1.00 48.81  ? 19  ILE A CG1 1 
ATOM   107  C CG2 . ILE A 1 19  ? -10.222 -0.345  -5.730  1.00 46.45  ? 19  ILE A CG2 1 
ATOM   108  C CD1 . ILE A 1 19  ? -11.983 -1.777  -3.880  1.00 48.05  ? 19  ILE A CD1 1 
ATOM   109  N N   . ARG A 1 20  ? -8.272  -2.448  -8.093  1.00 30.16  ? 20  ARG A N   1 
ATOM   110  C CA  . ARG A 1 20  ? -7.009  -2.097  -8.735  1.00 24.51  ? 20  ARG A CA  1 
ATOM   111  C C   . ARG A 1 20  ? -7.259  -1.832  -10.248 1.00 27.87  ? 20  ARG A C   1 
ATOM   112  O O   . ARG A 1 20  ? -6.834  -0.814  -10.822 1.00 25.20  ? 20  ARG A O   1 
ATOM   113  C CB  . ARG A 1 20  ? -5.990  -3.210  -8.544  1.00 25.23  ? 20  ARG A CB  1 
ATOM   114  C CG  . ARG A 1 20  ? -4.827  -2.944  -9.439  1.00 25.10  ? 20  ARG A CG  1 
ATOM   115  C CD  . ARG A 1 20  ? -3.717  -3.906  -9.403  1.00 25.81  ? 20  ARG A CD  1 
ATOM   116  N NE  . ARG A 1 20  ? -4.068  -5.171  -10.123 1.00 25.37  ? 20  ARG A NE  1 
ATOM   117  C CZ  . ARG A 1 20  ? -3.943  -5.383  -11.421 1.00 26.55  ? 20  ARG A CZ  1 
ATOM   118  N NH1 . ARG A 1 20  ? -3.583  -4.417  -12.251 1.00 29.76  ? 20  ARG A NH1 1 
ATOM   119  N NH2 . ARG A 1 20  ? -4.214  -6.590  -11.894 1.00 28.00  ? 20  ARG A NH2 1 
ATOM   120  N N   . LYS A 1 21  ? -7.950  -2.769  -10.907 1.00 24.10  ? 21  LYS A N   1 
ATOM   121  C CA  . LYS A 1 21  ? -8.128  -2.690  -12.342 1.00 23.11  ? 21  LYS A CA  1 
ATOM   122  C C   . LYS A 1 21  ? -9.097  -1.537  -12.735 1.00 23.37  ? 21  LYS A C   1 
ATOM   123  O O   . LYS A 1 21  ? -8.810  -0.774  -13.689 1.00 24.91  ? 21  LYS A O   1 
ATOM   124  C CB  . LYS A 1 21  ? -8.641  -4.038  -12.875 1.00 25.76  ? 21  LYS A CB  1 
ATOM   125  C CG  . LYS A 1 21  ? -7.607  -5.165  -12.748 1.00 27.51  ? 21  LYS A CG  1 
ATOM   126  C CD  . LYS A 1 21  ? -8.093  -6.572  -13.329 1.00 32.99  ? 21  LYS A CD  1 
ATOM   127  C CE  . LYS A 1 21  ? -8.356  -7.620  -12.255 1.00 32.27  ? 21  LYS A CE  1 
ATOM   128  N NZ  . LYS A 1 21  ? -8.473  -9.013  -12.730 1.00 39.23  ? 21  LYS A NZ  1 
ATOM   129  N N   . GLU A 1 22  ? -10.175 -1.426  -12.005 1.00 27.80  ? 22  GLU A N   1 
ATOM   130  C CA  . GLU A 1 22  ? -11.153 -0.358  -12.242 1.00 28.85  ? 22  GLU A CA  1 
ATOM   131  C C   . GLU A 1 22  ? -10.551 0.993   -12.038 1.00 32.77  ? 22  GLU A C   1 
ATOM   132  O O   . GLU A 1 22  ? -10.935 1.938   -12.766 1.00 30.85  ? 22  GLU A O   1 
ATOM   133  C CB  . GLU A 1 22  ? -12.324 -0.464  -11.327 1.00 30.06  ? 22  GLU A CB  1 
ATOM   134  C CG  . GLU A 1 22  ? -13.269 -1.599  -11.692 1.00 37.21  ? 22  GLU A CG  1 
ATOM   135  C CD  . GLU A 1 22  ? -14.436 -1.721  -10.749 1.00 42.32  ? 22  GLU A CD  1 
ATOM   136  O OE1 . GLU A 1 22  ? -15.367 -2.482  -11.118 1.00 44.82  ? 22  GLU A OE1 1 
ATOM   137  O OE2 . GLU A 1 22  ? -14.417 -1.085  -9.655  1.00 39.17  ? 22  GLU A OE2 1 
ATOM   138  N N   . GLU A 1 23  ? -9.590  1.106   -11.089 1.00 27.77  ? 23  GLU A N   1 
ATOM   139  C CA  . GLU A 1 23  ? -8.960  2.400   -10.833 1.00 24.23  ? 23  GLU A CA  1 
ATOM   140  C C   . GLU A 1 23  ? -7.795  2.709   -11.705 1.00 23.25  ? 23  GLU A C   1 
ATOM   141  O O   . GLU A 1 23  ? -7.213  3.817   -11.642 1.00 24.25  ? 23  GLU A O   1 
ATOM   142  C CB  . GLU A 1 23  ? -8.626  2.568   -9.340  1.00 26.50  ? 23  GLU A CB  1 
ATOM   143  C CG  . GLU A 1 23  ? -9.803  2.659   -8.370  1.00 25.96  ? 23  GLU A CG  1 
ATOM   144  C CD  . GLU A 1 23  ? -10.899 3.647   -8.811  1.00 28.32  ? 23  GLU A CD  1 
ATOM   145  O OE1 . GLU A 1 23  ? -10.595 4.714   -9.386  1.00 26.24  ? 23  GLU A OE1 1 
ATOM   146  O OE2 . GLU A 1 23  ? -12.078 3.288   -8.673  1.00 29.82  ? 23  GLU A OE2 1 
ATOM   147  N N   . GLY A 1 24  ? -7.397  1.774   -12.552 1.00 24.30  ? 24  GLY A N   1 
ATOM   148  C CA  . GLY A 1 24  ? -6.404  2.011   -13.507 1.00 24.45  ? 24  GLY A CA  1 
ATOM   149  C C   . GLY A 1 24  ? -4.980  1.798   -13.059 1.00 23.42  ? 24  GLY A C   1 
ATOM   150  O O   . GLY A 1 24  ? -4.114  2.300   -13.669 1.00 24.72  ? 24  GLY A O   1 
ATOM   151  N N   . TYR A 1 25  ? -4.783  0.997   -12.037 1.00 21.85  ? 25  TYR A N   1 
ATOM   152  C CA  . TYR A 1 25  ? -3.454  0.779   -11.424 1.00 20.86  ? 25  TYR A CA  1 
ATOM   153  C C   . TYR A 1 25  ? -2.751  -0.443  -11.879 1.00 21.85  ? 25  TYR A C   1 
ATOM   154  O O   . TYR A 1 25  ? -3.341  -1.515  -12.056 1.00 24.44  ? 25  TYR A O   1 
ATOM   155  C CB  . TYR A 1 25  ? -3.532  0.878   -9.891  1.00 22.11  ? 25  TYR A CB  1 
ATOM   156  C CG  . TYR A 1 25  ? -3.570  2.333   -9.391  1.00 21.44  ? 25  TYR A CG  1 
ATOM   157  C CD1 . TYR A 1 25  ? -2.398  3.106   -9.278  1.00 21.03  ? 25  TYR A CD1 1 
ATOM   158  C CD2 . TYR A 1 25  ? -4.750  2.941   -9.106  1.00 23.00  ? 25  TYR A CD2 1 
ATOM   159  C CE1 . TYR A 1 25  ? -2.445  4.427   -8.815  1.00 21.05  ? 25  TYR A CE1 1 
ATOM   160  C CE2 . TYR A 1 25  ? -4.826  4.242   -8.655  1.00 23.23  ? 25  TYR A CE2 1 
ATOM   161  C CZ  . TYR A 1 25  ? -3.704  4.984   -8.496  1.00 25.54  ? 25  TYR A CZ  1 
ATOM   162  O OH  . TYR A 1 25  ? -3.807  6.272   -8.068  1.00 24.28  ? 25  TYR A OH  1 
ATOM   163  N N   . ASP A 1 26  ? -1.424  -0.340  -11.945 1.00 19.57  ? 26  ASP A N   1 
ATOM   164  C CA  . ASP A 1 26  ? -0.637  -1.480  -12.271 1.00 19.54  ? 26  ASP A CA  1 
ATOM   165  C C   . ASP A 1 26  ? -0.538  -2.459  -11.082 1.00 23.52  ? 26  ASP A C   1 
ATOM   166  O O   . ASP A 1 26  ? -0.234  -3.626  -11.265 1.00 21.33  ? 26  ASP A O   1 
ATOM   167  C CB  . ASP A 1 26  ? 0.759   -1.071  -12.692 1.00 22.67  ? 26  ASP A CB  1 
ATOM   168  C CG  . ASP A 1 26  ? 0.766   -0.289  -14.025 1.00 24.14  ? 26  ASP A CG  1 
ATOM   169  O OD1 . ASP A 1 26  ? -0.224  -0.444  -14.812 1.00 24.01  ? 26  ASP A OD1 1 
ATOM   170  O OD2 . ASP A 1 26  ? 1.721   0.498   -14.252 1.00 22.13  ? 26  ASP A OD2 1 
ATOM   171  N N   . PHE A 1 27  ? -0.633  -1.909  -9.877  1.00 20.45  ? 27  PHE A N   1 
ATOM   172  C CA  . PHE A 1 27  ? -0.416  -2.691  -8.672  1.00 20.16  ? 27  PHE A CA  1 
ATOM   173  C C   . PHE A 1 27  ? -1.312  -2.192  -7.551  1.00 20.34  ? 27  PHE A C   1 
ATOM   174  O O   . PHE A 1 27  ? -1.599  -0.961  -7.418  1.00 19.49  ? 27  PHE A O   1 
ATOM   175  C CB  . PHE A 1 27  ? 1.064   -2.483  -8.231  1.00 19.14  ? 27  PHE A CB  1 
ATOM   176  C CG  . PHE A 1 27  ? 1.435   -3.207  -6.966  1.00 18.56  ? 27  PHE A CG  1 
ATOM   177  C CD1 . PHE A 1 27  ? 1.565   -4.587  -6.947  1.00 19.94  ? 27  PHE A CD1 1 
ATOM   178  C CD2 . PHE A 1 27  ? 1.635   -2.536  -5.787  1.00 20.26  ? 27  PHE A CD2 1 
ATOM   179  C CE1 . PHE A 1 27  ? 1.888   -5.281  -5.807  1.00 22.16  ? 27  PHE A CE1 1 
ATOM   180  C CE2 . PHE A 1 27  ? 1.953   -3.241  -4.628  1.00 20.16  ? 27  PHE A CE2 1 
ATOM   181  C CZ  . PHE A 1 27  ? 2.069   -4.611  -4.636  1.00 20.15  ? 27  PHE A CZ  1 
ATOM   182  N N   . ALA A 1 28  ? -1.733  -3.085  -6.679  1.00 17.22  ? 28  ALA A N   1 
ATOM   183  C CA  . ALA A 1 28  ? -2.369  -2.616  -5.398  1.00 19.58  ? 28  ALA A CA  1 
ATOM   184  C C   . ALA A 1 28  ? -2.013  -3.593  -4.272  1.00 19.86  ? 28  ALA A C   1 
ATOM   185  O O   . ALA A 1 28  ? -1.708  -4.760  -4.550  1.00 20.74  ? 28  ALA A O   1 
ATOM   186  C CB  . ALA A 1 28  ? -3.911  -2.441  -5.546  1.00 20.89  ? 28  ALA A CB  1 
ATOM   187  N N   . ALA A 1 29  ? -2.067  -3.154  -3.022  1.00 16.27  ? 29  ALA A N   1 
ATOM   188  C CA  . ALA A 1 29  ? -1.707  -4.012  -1.910  1.00 16.96  ? 29  ALA A CA  1 
ATOM   189  C C   . ALA A 1 29  ? -2.431  -3.552  -0.682  1.00 20.73  ? 29  ALA A C   1 
ATOM   190  O O   . ALA A 1 29  ? -2.746  -2.340  -0.555  1.00 20.10  ? 29  ALA A O   1 
ATOM   191  C CB  . ALA A 1 29  ? -0.225  -4.014  -1.717  1.00 18.99  ? 29  ALA A CB  1 
ATOM   192  N N   . ILE A 1 30  ? -2.731  -4.496  0.208   1.00 19.52  ? 30  ILE A N   1 
ATOM   193  C CA  . ILE A 1 30  ? -3.291  -4.119  1.528   1.00 20.44  ? 30  ILE A CA  1 
ATOM   194  C C   . ILE A 1 30  ? -2.366  -4.616  2.631   1.00 20.01  ? 30  ILE A C   1 
ATOM   195  O O   . ILE A 1 30  ? -2.031  -5.786  2.665   1.00 19.77  ? 30  ILE A O   1 
ATOM   196  C CB  . ILE A 1 30  ? -4.689  -4.741  1.704   1.00 21.33  ? 30  ILE A CB  1 
ATOM   197  C CG1 . ILE A 1 30  ? -5.697  -4.095  0.739   1.00 25.57  ? 30  ILE A CG1 1 
ATOM   198  C CG2 . ILE A 1 30  ? -5.176  -4.530  3.159   1.00 25.09  ? 30  ILE A CG2 1 
ATOM   199  C CD1 . ILE A 1 30  ? -7.008  -4.861  0.526   1.00 29.80  ? 30  ILE A CD1 1 
ATOM   200  N N   . ALA A 1 31  ? -2.024  -3.730  3.560   1.00 18.46  ? 31  ALA A N   1 
ATOM   201  C CA  . ALA A 1 31  ? -1.183  -4.051  4.716   1.00 19.06  ? 31  ALA A CA  1 
ATOM   202  C C   . ALA A 1 31  ? -2.044  -4.033  5.992   1.00 21.84  ? 31  ALA A C   1 
ATOM   203  O O   . ALA A 1 31  ? -2.916  -3.183  6.160   1.00 19.26  ? 31  ALA A O   1 
ATOM   204  C CB  . ALA A 1 31  ? -0.038  -3.061  4.823   1.00 20.34  ? 31  ALA A CB  1 
ATOM   205  N N   . PHE A 1 32  ? -1.747  -4.958  6.887   1.00 20.43  ? 32  PHE A N   1 
ATOM   206  C CA  . PHE A 1 32  ? -2.495  -5.105  8.214   1.00 24.34  ? 32  PHE A CA  1 
ATOM   207  C C   . PHE A 1 32  ? -1.436  -5.612  9.164   1.00 25.25  ? 32  PHE A C   1 
ATOM   208  O O   . PHE A 1 32  ? -0.422  -6.240  8.713   1.00 22.03  ? 32  PHE A O   1 
ATOM   209  C CB  . PHE A 1 32  ? -3.551  -6.287  8.169   1.00 25.44  ? 32  PHE A CB  1 
ATOM   210  C CG  . PHE A 1 32  ? -4.633  -6.152  7.180   1.00 27.62  ? 32  PHE A CG  1 
ATOM   211  C CD1 . PHE A 1 32  ? -4.928  -7.199  6.305   1.00 32.94  ? 32  PHE A CD1 1 
ATOM   212  C CD2 . PHE A 1 32  ? -5.454  -5.044  7.218   1.00 37.94  ? 32  PHE A CD2 1 
ATOM   213  C CE1 . PHE A 1 32  ? -5.987  -7.109  5.477   1.00 35.39  ? 32  PHE A CE1 1 
ATOM   214  C CE2 . PHE A 1 32  ? -6.518  -4.930  6.365   1.00 38.68  ? 32  PHE A CE2 1 
ATOM   215  C CZ  . PHE A 1 32  ? -6.783  -5.979  5.497   1.00 39.95  ? 32  PHE A CZ  1 
ATOM   216  N N   . TYR A 1 33  ? -1.666  -5.490  10.499  1.00 23.00  ? 33  TYR A N   1 
ATOM   217  C CA  . TYR A 1 33  ? -0.822  -6.223  11.455  1.00 22.12  ? 33  TYR A CA  1 
ATOM   218  C C   . TYR A 1 33  ? -0.834  -7.753  11.158  1.00 19.22  ? 33  TYR A C   1 
ATOM   219  O O   . TYR A 1 33  ? -1.853  -8.294  10.759  1.00 25.05  ? 33  TYR A O   1 
ATOM   220  C CB  . TYR A 1 33  ? -1.257  -5.985  12.921  1.00 19.56  ? 33  TYR A CB  1 
ATOM   221  C CG  . TYR A 1 33  ? -0.828  -4.620  13.375  1.00 24.63  ? 33  TYR A CG  1 
ATOM   222  C CD1 . TYR A 1 33  ? 0.495   -4.366  13.697  1.00 25.35  ? 33  TYR A CD1 1 
ATOM   223  C CD2 . TYR A 1 33  ? -1.734  -3.596  13.507  1.00 27.97  ? 33  TYR A CD2 1 
ATOM   224  C CE1 . TYR A 1 33  ? 0.888   -3.090  14.086  1.00 28.30  ? 33  TYR A CE1 1 
ATOM   225  C CE2 . TYR A 1 33  ? -1.325  -2.313  13.863  1.00 29.54  ? 33  TYR A CE2 1 
ATOM   226  C CZ  . TYR A 1 33  ? -0.014  -2.108  14.197  1.00 31.47  ? 33  TYR A CZ  1 
ATOM   227  O OH  . TYR A 1 33  ? 0.371   -0.853  14.582  1.00 32.09  ? 33  TYR A OH  1 
ATOM   228  N N   . GLU A 1 34  ? 0.342   -8.362  11.273  1.00 23.47  ? 34  GLU A N   1 
ATOM   229  C CA  . GLU A 1 34  ? 0.546   -9.799  11.080  1.00 28.22  ? 34  GLU A CA  1 
ATOM   230  C C   . GLU A 1 34  ? -0.220  -10.666 12.053  1.00 27.08  ? 34  GLU A C   1 
ATOM   231  O O   . GLU A 1 34  ? -0.790  -11.679 11.683  1.00 29.14  ? 34  GLU A O   1 
ATOM   232  C CB  . GLU A 1 34  ? 2.045   -10.132 11.187  1.00 32.70  ? 34  GLU A CB  1 
ATOM   233  C CG  . GLU A 1 34  ? 2.320   -11.585 10.812  1.00 32.29  ? 34  GLU A CG  1 
ATOM   234  C CD  . GLU A 1 34  ? 3.777   -11.911 10.844  1.00 37.20  ? 34  GLU A CD  1 
ATOM   235  O OE1 . GLU A 1 34  ? 4.457   -11.495 11.821  1.00 39.10  ? 34  GLU A OE1 1 
ATOM   236  O OE2 . GLU A 1 34  ? 4.176   -12.674 9.921   1.00 44.45  ? 34  GLU A OE2 1 
ATOM   237  N N   . SER A 1 35  ? -0.321  -10.228 13.281  1.00 27.19  ? 35  SER A N   1 
ATOM   238  C CA  . SER A 1 35  ? -1.153  -10.920 14.259  1.00 28.89  ? 35  SER A CA  1 
ATOM   239  C C   . SER A 1 35  ? -1.699  -9.952  15.296  1.00 29.95  ? 35  SER A C   1 
ATOM   240  O O   . SER A 1 35  ? -1.327  -8.761  15.352  1.00 28.29  ? 35  SER A O   1 
ATOM   241  C CB  . SER A 1 35  ? -0.265  -11.934 14.970  1.00 32.82  ? 35  SER A CB  1 
ATOM   242  O OG  . SER A 1 35  ? 0.798   -11.217 15.652  1.00 33.10  ? 35  SER A OG  1 
ATOM   243  N N   . ASN A 1 36  ? -2.495  -10.514 16.204  1.00 35.50  ? 36  ASN A N   1 
ATOM   244  C CA  . ASN A 1 36  ? -3.050  -9.758  17.339  1.00 37.57  ? 36  ASN A CA  1 
ATOM   245  C C   . ASN A 1 36  ? -2.141  -9.639  18.541  1.00 42.60  ? 36  ASN A C   1 
ATOM   246  O O   . ASN A 1 36  ? -2.573  -9.150  19.607  1.00 37.72  ? 36  ASN A O   1 
ATOM   247  C CB  . ASN A 1 36  ? -4.441  -10.297 17.726  1.00 37.93  ? 36  ASN A CB  1 
ATOM   248  C CG  . ASN A 1 36  ? -4.443  -11.738 18.191  1.00 40.69  ? 36  ASN A CG  1 
ATOM   249  O OD1 . ASN A 1 36  ? -5.504  -12.362 18.165  1.00 46.04  ? 36  ASN A OD1 1 
ATOM   250  N ND2 . ASN A 1 36  ? -3.295  -12.281 18.592  1.00 37.95  ? 36  ASN A ND2 1 
ATOM   251  N N   . LYS A 1 37  ? -0.870  -9.992  18.354  1.00 40.21  ? 37  LYS A N   1 
ATOM   252  C CA  . LYS A 1 37  ? 0.129   -9.905  19.417  1.00 43.29  ? 37  LYS A CA  1 
ATOM   253  C C   . LYS A 1 37  ? 0.698   -8.495  19.524  1.00 44.32  ? 37  LYS A C   1 
ATOM   254  O O   . LYS A 1 37  ? 0.880   -7.785  18.503  1.00 35.64  ? 37  LYS A O   1 
ATOM   255  C CB  . LYS A 1 37  ? 1.261   -10.902 19.164  1.00 46.65  ? 37  LYS A CB  1 
ATOM   256  C CG  . LYS A 1 37  ? 0.796   -12.344 18.952  1.00 49.44  ? 37  LYS A CG  1 
ATOM   257  C CD  . LYS A 1 37  ? 1.916   -13.247 18.427  1.00 50.47  ? 37  LYS A CD  1 
ATOM   258  C CE  . LYS A 1 37  ? 3.189   -13.111 19.258  1.00 52.12  ? 37  LYS A CE  1 
ATOM   259  N NZ  . LYS A 1 37  ? 4.086   -14.289 19.176  1.00 46.18  ? 37  LYS A NZ  1 
ATOM   260  N N   . PRO A 1 38  ? 0.996   -8.061  20.757  1.00 48.94  ? 38  PRO A N   1 
ATOM   261  C CA  . PRO A 1 38  ? 1.439   -6.683  20.887  1.00 44.35  ? 38  PRO A CA  1 
ATOM   262  C C   . PRO A 1 38  ? 2.730   -6.369  20.141  1.00 38.51  ? 38  PRO A C   1 
ATOM   263  O O   . PRO A 1 38  ? 2.897   -5.259  19.736  1.00 37.34  ? 38  PRO A O   1 
ATOM   264  C CB  . PRO A 1 38  ? 1.662   -6.505  22.397  1.00 49.28  ? 38  PRO A CB  1 
ATOM   265  C CG  . PRO A 1 38  ? 0.882   -7.582  23.028  1.00 48.74  ? 38  PRO A CG  1 
ATOM   266  C CD  . PRO A 1 38  ? 0.899   -8.733  22.072  1.00 50.38  ? 38  PRO A CD  1 
ATOM   267  N N   . SER A 1 39  ? 3.641   -7.322  19.985  1.00 39.44  ? 39  SER A N   1 
ATOM   268  C CA  . SER A 1 39  ? 4.874   -7.034  19.223  1.00 41.44  ? 39  SER A CA  1 
ATOM   269  C C   . SER A 1 39  ? 4.680   -7.115  17.691  1.00 37.96  ? 39  SER A C   1 
ATOM   270  O O   . SER A 1 39  ? 5.656   -7.102  16.931  1.00 39.30  ? 39  SER A O   1 
ATOM   271  C CB  . SER A 1 39  ? 5.978   -7.994  19.660  1.00 46.08  ? 39  SER A CB  1 
ATOM   272  O OG  . SER A 1 39  ? 5.509   -9.332  19.550  1.00 54.39  ? 39  SER A OG  1 
ATOM   273  N N   . SER A 1 40  ? 3.446   -7.198  17.206  1.00 38.97  ? 40  SER A N   1 
ATOM   274  C CA  . SER A 1 40  ? 3.248   -7.642  15.812  1.00 33.72  ? 40  SER A CA  1 
ATOM   275  C C   . SER A 1 40  ? 3.803   -6.632  14.818  1.00 32.22  ? 40  SER A C   1 
ATOM   276  O O   . SER A 1 40  ? 3.627   -5.458  14.974  1.00 27.12  ? 40  SER A O   1 
ATOM   277  C CB  . SER A 1 40  ? 1.781   -7.903  15.523  1.00 34.63  ? 40  SER A CB  1 
ATOM   278  O OG  . SER A 1 40  ? 1.606   -8.197  14.144  1.00 32.66  ? 40  SER A OG  1 
ATOM   279  N N   . PRO A 1 41  ? 4.513   -7.108  13.777  1.00 29.27  ? 41  PRO A N   1 
ATOM   280  C CA  . PRO A 1 41  ? 4.848   -6.197  12.697  1.00 27.01  ? 41  PRO A CA  1 
ATOM   281  C C   . PRO A 1 41  ? 3.638   -6.032  11.771  1.00 23.64  ? 41  PRO A C   1 
ATOM   282  O O   . PRO A 1 41  ? 2.594   -6.666  11.992  1.00 25.57  ? 41  PRO A O   1 
ATOM   283  C CB  . PRO A 1 41  ? 5.944   -6.929  11.969  1.00 29.80  ? 41  PRO A CB  1 
ATOM   284  C CG  . PRO A 1 41  ? 5.617   -8.366  12.177  1.00 33.15  ? 41  PRO A CG  1 
ATOM   285  C CD  . PRO A 1 41  ? 5.042   -8.466  13.559  1.00 30.43  ? 41  PRO A CD  1 
ATOM   286  N N   . ILE A 1 42  ? 3.847   -5.223  10.761  1.00 22.91  ? 42  ILE A N   1 
ATOM   287  C CA  . ILE A 1 42  ? 2.846   -5.052  9.670   1.00 23.58  ? 42  ILE A CA  1 
ATOM   288  C C   . ILE A 1 42  ? 3.371   -5.778  8.419   1.00 23.61  ? 42  ILE A C   1 
ATOM   289  O O   . ILE A 1 42  ? 4.579   -5.758  8.132   1.00 25.64  ? 42  ILE A O   1 
ATOM   290  C CB  . ILE A 1 42  ? 2.671   -3.565  9.410   1.00 26.27  ? 42  ILE A CB  1 
ATOM   291  C CG1 . ILE A 1 42  ? 1.994   -2.934  10.636  1.00 26.58  ? 42  ILE A CG1 1 
ATOM   292  C CG2 . ILE A 1 42  ? 1.888   -3.318  8.140   1.00 26.50  ? 42  ILE A CG2 1 
ATOM   293  C CD1 . ILE A 1 42  ? 2.242   -1.457  10.771  1.00 28.69  ? 42  ILE A CD1 1 
ATOM   294  N N   . LYS A 1 43  ? 2.453   -6.404  7.691   1.00 21.70  ? 43  LYS A N   1 
ATOM   295  C CA  . LYS A 1 43  ? 2.784   -7.068  6.446   1.00 25.66  ? 43  LYS A CA  1 
ATOM   296  C C   . LYS A 1 43  ? 1.838   -6.738  5.361   1.00 20.72  ? 43  LYS A C   1 
ATOM   297  O O   . LYS A 1 43  ? 0.707   -6.381  5.630   1.00 21.53  ? 43  LYS A O   1 
ATOM   298  C CB  . LYS A 1 43  ? 2.840   -8.576  6.653   1.00 28.27  ? 43  LYS A CB  1 
ATOM   299  C CG  . LYS A 1 43  ? 4.009   -8.908  7.600   1.00 35.05  ? 43  LYS A CG  1 
ATOM   300  C CD  . LYS A 1 43  ? 4.403   -10.377 7.585   1.00 38.80  ? 43  LYS A CD  1 
ATOM   301  C CE  . LYS A 1 43  ? 5.111   -10.786 6.329   1.00 42.79  ? 43  LYS A CE  1 
ATOM   302  N NZ  . LYS A 1 43  ? 6.595   -10.757 6.403   1.00 46.79  ? 43  LYS A NZ  1 
ATOM   303  N N   . TRP A 1 44  ? 2.332   -6.861  4.128   1.00 21.61  ? 44  TRP A N   1 
ATOM   304  C CA  . TRP A 1 44  ? 1.472   -6.795  2.968   1.00 19.66  ? 44  TRP A CA  1 
ATOM   305  C C   . TRP A 1 44  ? 0.802   -8.171  2.836   1.00 21.54  ? 44  TRP A C   1 
ATOM   306  O O   . TRP A 1 44  ? 1.485   -9.160  2.486   1.00 23.44  ? 44  TRP A O   1 
ATOM   307  C CB  . TRP A 1 44  ? 2.227   -6.420  1.728   1.00 19.56  ? 44  TRP A CB  1 
ATOM   308  C CG  . TRP A 1 44  ? 2.917   -5.081  1.801   1.00 18.63  ? 44  TRP A CG  1 
ATOM   309  C CD1 . TRP A 1 44  ? 4.228   -4.857  2.037   1.00 19.71  ? 44  TRP A CD1 1 
ATOM   310  C CD2 . TRP A 1 44  ? 2.285   -3.812  1.704   1.00 18.09  ? 44  TRP A CD2 1 
ATOM   311  N NE1 . TRP A 1 44  ? 4.465   -3.455  2.027   1.00 21.31  ? 44  TRP A NE1 1 
ATOM   312  C CE2 . TRP A 1 44  ? 3.271   -2.815  1.882   1.00 19.91  ? 44  TRP A CE2 1 
ATOM   313  C CE3 . TRP A 1 44  ? 0.944   -3.416  1.531   1.00 16.99  ? 44  TRP A CE3 1 
ATOM   314  C CZ2 . TRP A 1 44  ? 2.970   -1.446  1.806   1.00 20.03  ? 44  TRP A CZ2 1 
ATOM   315  C CZ3 . TRP A 1 44  ? 0.642   -2.098  1.490   1.00 18.16  ? 44  TRP A CZ3 1 
ATOM   316  C CH2 . TRP A 1 44  ? 1.636   -1.106  1.618   1.00 18.27  ? 44  TRP A CH2 1 
ATOM   317  N N   . HIS A 1 45  ? -0.469  -8.204  3.174   1.00 19.81  ? 45  HIS A N   1 
ATOM   318  C CA  A HIS A 1 45  ? -1.199  -9.450  3.249   0.49 23.95  ? 45  HIS A CA  1 
ATOM   319  C CA  B HIS A 1 45  ? -1.267  -9.438  3.298   0.51 21.36  ? 45  HIS A CA  1 
ATOM   320  C C   . HIS A 1 45  ? -1.845  -9.826  1.928   1.00 25.23  ? 45  HIS A C   1 
ATOM   321  O O   . HIS A 1 45  ? -1.934  -11.016 1.623   1.00 26.11  ? 45  HIS A O   1 
ATOM   322  C CB  A HIS A 1 45  ? -2.246  -9.415  4.332   0.49 27.85  ? 45  HIS A CB  1 
ATOM   323  C CB  B HIS A 1 45  ? -2.436  -9.311  4.307   0.51 22.44  ? 45  HIS A CB  1 
ATOM   324  C CG  A HIS A 1 45  ? -2.296  -10.670 5.132   0.49 34.33  ? 45  HIS A CG  1 
ATOM   325  C CG  B HIS A 1 45  ? -2.047  -9.477  5.761   0.51 22.44  ? 45  HIS A CG  1 
ATOM   326  N ND1 A HIS A 1 45  ? -1.398  -10.933 6.148   0.49 35.01  ? 45  HIS A ND1 1 
ATOM   327  N ND1 B HIS A 1 45  ? -1.197  -8.615  6.410   0.51 23.74  ? 45  HIS A ND1 1 
ATOM   328  C CD2 A HIS A 1 45  ? -3.107  -11.755 5.043   0.49 39.34  ? 45  HIS A CD2 1 
ATOM   329  C CD2 B HIS A 1 45  ? -2.395  -10.412 6.681   0.51 25.36  ? 45  HIS A CD2 1 
ATOM   330  C CE1 A HIS A 1 45  ? -1.673  -12.122 6.664   0.49 43.95  ? 45  HIS A CE1 1 
ATOM   331  C CE1 B HIS A 1 45  ? -0.997  -9.026  7.650   0.51 20.19  ? 45  HIS A CE1 1 
ATOM   332  N NE2 A HIS A 1 45  ? -2.701  -12.640 6.010   0.49 44.39  ? 45  HIS A NE2 1 
ATOM   333  N NE2 B HIS A 1 45  ? -1.746  -10.095 7.853   0.51 26.31  ? 45  HIS A NE2 1 
ATOM   334  N N   . TYR A 1 46  ? -2.299  -8.831  1.197   1.00 20.78  ? 46  TYR A N   1 
ATOM   335  C CA  . TYR A 1 46  ? -2.894  -9.016  -0.164  1.00 21.78  ? 46  TYR A CA  1 
ATOM   336  C C   . TYR A 1 46  ? -2.234  -8.144  -1.168  1.00 23.31  ? 46  TYR A C   1 
ATOM   337  O O   . TYR A 1 46  ? -1.898  -7.004  -0.868  1.00 19.06  ? 46  TYR A O   1 
ATOM   338  C CB  . TYR A 1 46  ? -4.407  -8.740  -0.178  1.00 22.74  ? 46  TYR A CB  1 
ATOM   339  C CG  . TYR A 1 46  ? -5.184  -9.571  0.782   1.00 24.08  ? 46  TYR A CG  1 
ATOM   340  C CD1 . TYR A 1 46  ? -5.578  -10.835 0.446   1.00 30.80  ? 46  TYR A CD1 1 
ATOM   341  C CD2 . TYR A 1 46  ? -5.474  -9.095  2.066   1.00 28.85  ? 46  TYR A CD2 1 
ATOM   342  C CE1 . TYR A 1 46  ? -6.279  -11.625 1.350   1.00 35.29  ? 46  TYR A CE1 1 
ATOM   343  C CE2 . TYR A 1 46  ? -6.165  -9.874  2.983   1.00 34.51  ? 46  TYR A CE2 1 
ATOM   344  C CZ  . TYR A 1 46  ? -6.521  -11.150 2.634   1.00 33.86  ? 46  TYR A CZ  1 
ATOM   345  O OH  . TYR A 1 46  ? -7.233  -11.871 3.549   1.00 40.17  ? 46  TYR A OH  1 
ATOM   346  N N   . VAL A 1 47  ? -1.999  -8.662  -2.377  1.00 21.14  ? 47  VAL A N   1 
ATOM   347  C CA  . VAL A 1 47  ? -1.445  -7.851  -3.464  1.00 21.48  ? 47  VAL A CA  1 
ATOM   348  C C   . VAL A 1 47  ? -2.232  -8.143  -4.751  1.00 25.04  ? 47  VAL A C   1 
ATOM   349  O O   . VAL A 1 47  ? -2.856  -9.253  -4.866  1.00 23.36  ? 47  VAL A O   1 
ATOM   350  C CB  . VAL A 1 47  ? 0.060   -8.075  -3.755  1.00 20.25  ? 47  VAL A CB  1 
ATOM   351  C CG1 . VAL A 1 47  ? 0.955   -7.666  -2.624  1.00 20.00  ? 47  VAL A CG1 1 
ATOM   352  C CG2 . VAL A 1 47  ? 0.327   -9.493  -4.193  1.00 22.07  ? 47  VAL A CG2 1 
ATOM   353  N N   . SER A 1 48  ? -2.182  -7.233  -5.720  1.00 22.79  ? 48  SER A N   1 
ATOM   354  C CA  . SER A 1 48  ? -2.922  -7.482  -7.007  1.00 23.09  ? 48  SER A CA  1 
ATOM   355  C C   . SER A 1 48  ? -2.060  -6.860  -8.062  1.00 25.11  ? 48  SER A C   1 
ATOM   356  O O   . SER A 1 48  ? -1.478  -5.763  -7.844  1.00 23.21  ? 48  SER A O   1 
ATOM   357  C CB  . SER A 1 48  ? -4.302  -6.873  -6.978  1.00 23.91  ? 48  SER A CB  1 
ATOM   358  O OG  . SER A 1 48  ? -4.916  -6.963  -8.258  1.00 25.13  ? 48  SER A OG  1 
ATOM   359  N N   . GLY A 1 49  ? -1.886  -7.553  -9.182  1.00 21.92  ? 49  GLY A N   1 
ATOM   360  C CA  . GLY A 1 49  ? -0.971  -7.043  -10.215 1.00 21.06  ? 49  GLY A CA  1 
ATOM   361  C C   . GLY A 1 49  ? 0.528   -7.158  -9.855  1.00 19.77  ? 49  GLY A C   1 
ATOM   362  O O   . GLY A 1 49  ? 1.381   -6.550  -10.504 1.00 21.25  ? 49  GLY A O   1 
ATOM   363  N N   . ASN A 1 50  ? 0.846   -7.991  -8.906  1.00 20.54  ? 50  ASN A N   1 
ATOM   364  C CA  . ASN A 1 50  ? 2.196   -8.193  -8.457  1.00 19.57  ? 50  ASN A CA  1 
ATOM   365  C C   . ASN A 1 50  ? 3.021   -8.901  -9.501  1.00 25.28  ? 50  ASN A C   1 
ATOM   366  O O   . ASN A 1 50  ? 2.548   -9.861  -10.172 1.00 20.95  ? 50  ASN A O   1 
ATOM   367  C CB  . ASN A 1 50  ? 2.257   -8.953  -7.127  1.00 20.03  ? 50  ASN A CB  1 
ATOM   368  C CG  . ASN A 1 50  ? 1.686   -10.357 -7.197  1.00 22.22  ? 50  ASN A CG  1 
ATOM   369  O OD1 . ASN A 1 50  ? 0.515   -10.548 -7.567  1.00 22.72  ? 50  ASN A OD1 1 
ATOM   370  N ND2 . ASN A 1 50  ? 2.478   -11.331 -6.837  1.00 21.80  ? 50  ASN A ND2 1 
ATOM   371  N N   . LYS A 1 51  ? 4.270   -8.484  -9.583  1.00 21.96  ? 51  LYS A N   1 
ATOM   372  C CA  . LYS A 1 51  ? 5.222   -9.154  -10.465 1.00 23.37  ? 51  LYS A CA  1 
ATOM   373  C C   . LYS A 1 51  ? 5.842   -10.386 -9.804  1.00 26.82  ? 51  LYS A C   1 
ATOM   374  O O   . LYS A 1 51  ? 6.251   -11.321 -10.516 1.00 24.79  ? 51  LYS A O   1 
ATOM   375  C CB  . LYS A 1 51  ? 6.323   -8.226  -10.933 1.00 22.81  ? 51  LYS A CB  1 
ATOM   376  C CG  . LYS A 1 51  ? 5.789   -7.032  -11.699 1.00 22.06  ? 51  LYS A CG  1 
ATOM   377  C CD  . LYS A 1 51  ? 6.818   -6.291  -12.456 1.00 23.85  ? 51  LYS A CD  1 
ATOM   378  C CE  . LYS A 1 51  ? 7.811   -5.618  -11.500 1.00 24.60  ? 51  LYS A CE  1 
ATOM   379  N NZ  . LYS A 1 51  ? 8.930   -5.055  -12.271 1.00 24.37  ? 51  LYS A NZ  1 
ATOM   380  N N   . ASN A 1 52  ? 5.990   -10.397 -8.471  1.00 21.59  ? 52  ASN A N   1 
ATOM   381  C CA  . ASN A 1 52  ? 6.668   -11.480 -7.810  1.00 20.40  ? 52  ASN A CA  1 
ATOM   382  C C   . ASN A 1 52  ? 6.130   -11.625 -6.413  1.00 22.19  ? 52  ASN A C   1 
ATOM   383  O O   . ASN A 1 52  ? 5.243   -10.898 -6.019  1.00 21.20  ? 52  ASN A O   1 
ATOM   384  C CB  . ASN A 1 52  ? 8.181   -11.273 -7.804  1.00 21.75  ? 52  ASN A CB  1 
ATOM   385  C CG  . ASN A 1 52  ? 8.569   -9.961  -7.162  1.00 18.91  ? 52  ASN A CG  1 
ATOM   386  O OD1 . ASN A 1 52  ? 8.454   -9.896  -5.962  1.00 21.43  ? 52  ASN A OD1 1 
ATOM   387  N ND2 . ASN A 1 52  ? 8.936   -8.903  -7.962  1.00 20.56  ? 52  ASN A ND2 1 
ATOM   388  N N   . ASN A 1 53  ? 6.654   -12.586 -5.645  1.00 21.91  ? 53  ASN A N   1 
ATOM   389  C CA  . ASN A 1 53  ? 6.143   -12.837 -4.295  1.00 23.86  ? 53  ASN A CA  1 
ATOM   390  C C   . ASN A 1 53  ? 7.064   -12.378 -3.185  1.00 23.66  ? 53  ASN A C   1 
ATOM   391  O O   . ASN A 1 53  ? 6.917   -12.744 -2.020  1.00 25.43  ? 53  ASN A O   1 
ATOM   392  C CB  . ASN A 1 53  ? 5.880   -14.334 -4.155  1.00 25.62  ? 53  ASN A CB  1 
ATOM   393  C CG  . ASN A 1 53  ? 4.675   -14.773 -4.951  1.00 33.68  ? 53  ASN A CG  1 
ATOM   394  O OD1 . ASN A 1 53  ? 4.598   -15.951 -5.350  1.00 45.59  ? 53  ASN A OD1 1 
ATOM   395  N ND2 . ASN A 1 53  ? 3.707   -13.859 -5.177  1.00 27.83  ? 53  ASN A ND2 1 
ATOM   396  N N   . ARG A 1 54  ? 8.032   -11.584 -3.562  1.00 24.20  ? 54  ARG A N   1 
ATOM   397  C CA  . ARG A 1 54  ? 8.969   -11.078 -2.579  1.00 24.17  ? 54  ARG A CA  1 
ATOM   398  C C   . ARG A 1 54  ? 8.322   -10.142 -1.575  1.00 23.18  ? 54  ARG A C   1 
ATOM   399  O O   . ARG A 1 54  ? 8.882   -9.982  -0.471  1.00 24.43  ? 54  ARG A O   1 
ATOM   400  C CB  . ARG A 1 54  ? 10.140  -10.430 -3.256  1.00 24.31  ? 54  ARG A CB  1 
ATOM   401  C CG  . ARG A 1 54  ? 10.871  -11.371 -4.194  1.00 27.19  ? 54  ARG A CG  1 
ATOM   402  C CD  . ARG A 1 54  ? 12.275  -10.875 -4.492  1.00 27.21  ? 54  ARG A CD  1 
ATOM   403  N NE  . ARG A 1 54  ? 12.324  -9.742  -5.375  1.00 25.67  ? 54  ARG A NE  1 
ATOM   404  C CZ  . ARG A 1 54  ? 12.151  -9.756  -6.661  1.00 27.11  ? 54  ARG A CZ  1 
ATOM   405  N NH1 . ARG A 1 54  ? 11.864  -10.889 -7.300  1.00 26.71  ? 54  ARG A NH1 1 
ATOM   406  N NH2 . ARG A 1 54  ? 12.208  -8.638  -7.348  1.00 27.11  ? 54  ARG A NH2 1 
ATOM   407  N N   . PHE A 1 55  ? 7.119   -9.625  -1.862  1.00 22.45  ? 55  PHE A N   1 
ATOM   408  C CA  . PHE A 1 55  ? 6.413   -8.772  -0.882  1.00 24.27  ? 55  PHE A CA  1 
ATOM   409  C C   . PHE A 1 55  ? 6.197   -9.550  0.401   1.00 27.19  ? 55  PHE A C   1 
ATOM   410  O O   . PHE A 1 55  ? 6.124   -8.973  1.477   1.00 23.85  ? 55  PHE A O   1 
ATOM   411  C CB  . PHE A 1 55  ? 5.060   -8.298  -1.423  1.00 22.30  ? 55  PHE A CB  1 
ATOM   412  C CG  . PHE A 1 55  ? 4.081   -9.376  -1.602  1.00 24.53  ? 55  PHE A CG  1 
ATOM   413  C CD1 . PHE A 1 55  ? 3.117   -9.645  -0.579  1.00 26.09  ? 55  PHE A CD1 1 
ATOM   414  C CD2 . PHE A 1 55  ? 4.055   -10.124 -2.769  1.00 23.14  ? 55  PHE A CD2 1 
ATOM   415  C CE1 . PHE A 1 55  ? 2.184   -10.661 -0.738  1.00 26.86  ? 55  PHE A CE1 1 
ATOM   416  C CE2 . PHE A 1 55  ? 3.093   -11.106 -2.930  1.00 24.62  ? 55  PHE A CE2 1 
ATOM   417  C CZ  . PHE A 1 55  ? 2.173   -11.414 -1.895  1.00 25.62  ? 55  PHE A CZ  1 
ATOM   418  N N   . LYS A 1 56  ? 6.106   -10.886 0.291   1.00 26.02  ? 56  LYS A N   1 
ATOM   419  C CA  . LYS A 1 56  ? 5.952   -11.692 1.497   1.00 27.52  ? 56  LYS A CA  1 
ATOM   420  C C   . LYS A 1 56  ? 7.143   -11.672 2.432   1.00 28.16  ? 56  LYS A C   1 
ATOM   421  O O   . LYS A 1 56  ? 6.965   -11.969 3.619   1.00 32.52  ? 56  LYS A O   1 
ATOM   422  C CB  . LYS A 1 56  ? 5.576   -13.143 1.196   1.00 29.62  ? 56  LYS A CB  1 
ATOM   423  C CG  . LYS A 1 56  ? 4.345   -13.290 0.341   1.00 30.64  ? 56  LYS A CG  1 
ATOM   424  C CD  . LYS A 1 56  ? 4.048   -14.729 0.053   1.00 33.79  ? 56  LYS A CD  1 
ATOM   425  C CE  . LYS A 1 56  ? 2.893   -14.802 -0.921  1.00 37.52  ? 56  LYS A CE  1 
ATOM   426  N NZ  . LYS A 1 56  ? 2.549   -16.175 -1.335  1.00 36.78  ? 56  LYS A NZ  1 
ATOM   427  N N   . LEU A 1 57  ? 8.308   -11.259 1.960   1.00 30.25  ? 57  LEU A N   1 
ATOM   428  C CA  . LEU A 1 57  ? 9.523   -11.165 2.797   1.00 32.90  ? 57  LEU A CA  1 
ATOM   429  C C   . LEU A 1 57  ? 9.574   -9.844  3.583   1.00 34.20  ? 57  LEU A C   1 
ATOM   430  O O   . LEU A 1 57  ? 10.382  -9.671  4.481   1.00 31.31  ? 57  LEU A O   1 
ATOM   431  C CB  . LEU A 1 57  ? 10.749  -11.292 1.890   1.00 38.85  ? 57  LEU A CB  1 
ATOM   432  C CG  . LEU A 1 57  ? 10.672  -12.539 0.985   1.00 44.29  ? 57  LEU A CG  1 
ATOM   433  C CD1 . LEU A 1 57  ? 11.904  -12.601 0.111   1.00 46.46  ? 57  LEU A CD1 1 
ATOM   434  C CD2 . LEU A 1 57  ? 10.476  -13.828 1.795   1.00 48.35  ? 57  LEU A CD2 1 
ATOM   435  N N   . ILE A 1 58  ? 8.653   -8.926  3.296   1.00 27.12  ? 58  ILE A N   1 
ATOM   436  C CA  . ILE A 1 58  ? 8.750   -7.590  3.875   1.00 25.12  ? 58  ILE A CA  1 
ATOM   437  C C   . ILE A 1 58  ? 8.126   -7.566  5.267   1.00 27.05  ? 58  ILE A C   1 
ATOM   438  O O   . ILE A 1 58  ? 6.940   -8.005  5.465   1.00 26.07  ? 58  ILE A O   1 
ATOM   439  C CB  . ILE A 1 58  ? 8.026   -6.586  2.949   1.00 25.28  ? 58  ILE A CB  1 
ATOM   440  C CG1 . ILE A 1 58  ? 8.800   -6.510  1.602   1.00 26.79  ? 58  ILE A CG1 1 
ATOM   441  C CG2 . ILE A 1 58  ? 7.874   -5.204  3.606   1.00 25.37  ? 58  ILE A CG2 1 
ATOM   442  C CD1 . ILE A 1 58  ? 8.056   -5.779  0.488   1.00 27.24  ? 58  ILE A CD1 1 
ATOM   443  N N   . ILE A 1 59  ? 8.890   -7.042  6.233   1.00 27.29  ? 59  ILE A N   1 
ATOM   444  C CA  . ILE A 1 59  ? 8.405   -6.941  7.603   1.00 29.06  ? 59  ILE A CA  1 
ATOM   445  C C   . ILE A 1 59  ? 8.481   -5.514  8.024   1.00 33.70  ? 59  ILE A C   1 
ATOM   446  O O   . ILE A 1 59  ? 9.570   -4.949  8.154   1.00 34.07  ? 59  ILE A O   1 
ATOM   447  C CB  . ILE A 1 59  ? 9.258   -7.825  8.564   1.00 37.79  ? 59  ILE A CB  1 
ATOM   448  C CG1 . ILE A 1 59  ? 9.195   -9.287  8.152   1.00 39.92  ? 59  ILE A CG1 1 
ATOM   449  C CG2 . ILE A 1 59  ? 8.744   -7.729  10.010  1.00 37.57  ? 59  ILE A CG2 1 
ATOM   450  C CD1 . ILE A 1 59  ? 10.303  -10.136 8.745   1.00 46.07  ? 59  ILE A CD1 1 
ATOM   451  N N   . LEU A 1 60  ? 7.338   -4.884  8.284   1.00 31.55  ? 60  LEU A N   1 
ATOM   452  C CA  . LEU A 1 60  ? 7.357   -3.459  8.654   1.00 33.01  ? 60  LEU A CA  1 
ATOM   453  C C   . LEU A 1 60  ? 6.934   -3.165  10.067  1.00 36.13  ? 60  LEU A C   1 
ATOM   454  O O   . LEU A 1 60  ? 6.209   -3.905  10.640  1.00 30.17  ? 60  LEU A O   1 
ATOM   455  C CB  . LEU A 1 60  ? 6.457   -2.663  7.750   1.00 31.49  ? 60  LEU A CB  1 
ATOM   456  C CG  . LEU A 1 60  ? 6.760   -2.750  6.252   1.00 35.51  ? 60  LEU A CG  1 
ATOM   457  C CD1 . LEU A 1 60  ? 5.517   -2.312  5.497   1.00 34.89  ? 60  LEU A CD1 1 
ATOM   458  C CD2 . LEU A 1 60  ? 8.022   -1.953  5.969   1.00 34.83  ? 60  LEU A CD2 1 
ATOM   459  N N   . ARG A 1 61  ? 7.333   -2.006  10.596  1.00 43.99  ? 61  ARG A N   1 
ATOM   460  C CA  . ARG A 1 61  ? 6.910   -1.600  11.958  1.00 42.94  ? 61  ARG A CA  1 
ATOM   461  C C   . ARG A 1 61  ? 6.149   -0.308  11.878  1.00 45.79  ? 61  ARG A C   1 
ATOM   462  O O   . ARG A 1 61  ? 6.311   0.476   10.928  1.00 41.07  ? 61  ARG A O   1 
ATOM   463  C CB  . ARG A 1 61  ? 8.117   -1.428  12.884  1.00 52.67  ? 61  ARG A CB  1 
ATOM   464  C CG  . ARG A 1 61  ? 8.369   -2.576  13.862  1.00 58.60  ? 61  ARG A CG  1 
ATOM   465  C CD  . ARG A 1 61  ? 8.539   -3.895  13.153  1.00 61.37  ? 61  ARG A CD  1 
ATOM   466  N NE  . ARG A 1 61  ? 9.074   -4.970  13.991  1.00 61.05  ? 61  ARG A NE  1 
ATOM   467  C CZ  . ARG A 1 61  ? 8.410   -5.622  14.951  1.00 62.57  ? 61  ARG A CZ  1 
ATOM   468  N NH1 . ARG A 1 61  ? 9.030   -6.601  15.603  1.00 67.40  ? 61  ARG A NH1 1 
ATOM   469  N NH2 . ARG A 1 61  ? 7.146   -5.325  15.276  1.00 55.23  ? 61  ARG A NH2 1 
ATOM   470  N N   . LYS A 1 62  ? 5.324   -0.067  12.900  1.00 44.78  ? 62  LYS A N   1 
ATOM   471  C CA  . LYS A 1 62  ? 4.651   1.217   13.081  1.00 46.38  ? 62  LYS A CA  1 
ATOM   472  C C   . LYS A 1 62  ? 5.687   2.303   12.811  1.00 43.02  ? 62  LYS A C   1 
ATOM   473  O O   . LYS A 1 62  ? 6.825   2.199   13.298  1.00 40.04  ? 62  LYS A O   1 
ATOM   474  C CB  . LYS A 1 62  ? 4.071   1.360   14.527  1.00 50.63  ? 62  LYS A CB  1 
ATOM   475  C CG  . LYS A 1 62  ? 2.975   2.439   14.694  1.00 51.69  ? 62  LYS A CG  1 
ATOM   476  C CD  . LYS A 1 62  ? 1.565   1.831   14.700  1.00 57.52  ? 62  LYS A CD  1 
ATOM   477  C CE  . LYS A 1 62  ? 0.385   2.791   14.981  1.00 48.72  ? 62  LYS A CE  1 
ATOM   478  N NZ  . LYS A 1 62  ? -0.915  2.061   15.204  1.00 40.55  ? 62  LYS A NZ  1 
ATOM   479  N N   . GLY A 1 63  ? 5.309   3.297   12.031  1.00 43.22  ? 63  GLY A N   1 
ATOM   480  C CA  . GLY A 1 63  ? 6.217   4.380   11.595  1.00 49.46  ? 63  GLY A CA  1 
ATOM   481  C C   . GLY A 1 63  ? 7.188   4.113   10.451  1.00 43.99  ? 63  GLY A C   1 
ATOM   482  O O   . GLY A 1 63  ? 7.799   5.049   9.946   1.00 58.84  ? 63  GLY A O   1 
ATOM   483  N N   . ARG A 1 64  ? 7.364   2.851   10.062  1.00 52.63  ? 64  ARG A N   1 
ATOM   484  C CA  . ARG A 1 64  ? 8.316   2.490   9.004   1.00 53.11  ? 64  ARG A CA  1 
ATOM   485  C C   . ARG A 1 64  ? 7.606   2.241   7.670   1.00 44.38  ? 64  ARG A C   1 
ATOM   486  O O   . ARG A 1 64  ? 6.640   1.455   7.613   1.00 36.72  ? 64  ARG A O   1 
ATOM   487  C CB  . ARG A 1 64  ? 9.098   1.240   9.386   1.00 56.55  ? 64  ARG A CB  1 
ATOM   488  C CG  . ARG A 1 64  ? 9.539   1.154   10.854  1.00 71.07  ? 64  ARG A CG  1 
ATOM   489  C CD  . ARG A 1 64  ? 10.219  2.412   11.397  1.00 75.08  ? 64  ARG A CD  1 
ATOM   490  N NE  . ARG A 1 64  ? 11.074  3.029   10.383  1.00 77.96  ? 64  ARG A NE  1 
ATOM   491  C CZ  . ARG A 1 64  ? 11.393  4.322   10.303  1.00 84.94  ? 64  ARG A CZ  1 
ATOM   492  N NH1 . ARG A 1 64  ? 12.175  4.719   9.305   1.00 88.45  ? 64  ARG A NH1 1 
ATOM   493  N NH2 . ARG A 1 64  ? 10.963  5.218   11.196  1.00 84.22  ? 64  ARG A NH2 1 
ATOM   494  N N   . GLY A 1 65  ? 8.152   2.853   6.618   1.00 35.71  ? 65  GLY A N   1 
ATOM   495  C CA  . GLY A 1 65  ? 7.723   2.640   5.244   1.00 38.94  ? 65  GLY A CA  1 
ATOM   496  C C   . GLY A 1 65  ? 6.414   3.328   4.947   1.00 37.23  ? 65  GLY A C   1 
ATOM   497  O O   . GLY A 1 65  ? 5.902   4.125   5.741   1.00 33.98  ? 65  GLY A O   1 
ATOM   498  N N   . LEU A 1 66  ? 5.836   2.976   3.822   1.00 33.05  ? 66  LEU A N   1 
ATOM   499  C CA  . LEU A 1 66  ? 4.567   3.536   3.487   1.00 32.09  ? 66  LEU A CA  1 
ATOM   500  C C   . LEU A 1 66  ? 3.483   3.041   4.434   1.00 29.64  ? 66  LEU A C   1 
ATOM   501  O O   . LEU A 1 66  ? 2.695   3.836   4.903   1.00 32.95  ? 66  LEU A O   1 
ATOM   502  C CB  . LEU A 1 66  ? 4.129   3.179   2.083   1.00 27.89  ? 66  LEU A CB  1 
ATOM   503  C CG  . LEU A 1 66  ? 5.107   3.702   1.009   1.00 33.44  ? 66  LEU A CG  1 
ATOM   504  C CD1 . LEU A 1 66  ? 4.981   2.875   -0.231  1.00 31.98  ? 66  LEU A CD1 1 
ATOM   505  C CD2 . LEU A 1 66  ? 4.789   5.131   0.709   1.00 36.01  ? 66  LEU A CD2 1 
ATOM   506  N N   . ALA A 1 67  ? 3.392   1.737   4.619   1.00 25.08  ? 67  ALA A N   1 
ATOM   507  C CA  . ALA A 1 67  ? 2.314   1.187   5.443   1.00 26.62  ? 67  ALA A CA  1 
ATOM   508  C C   . ALA A 1 67  ? 2.482   1.651   6.905   1.00 26.28  ? 67  ALA A C   1 
ATOM   509  O O   . ALA A 1 67  ? 1.519   2.067   7.578   1.00 27.06  ? 67  ALA A O   1 
ATOM   510  C CB  . ALA A 1 67  ? 2.282   -0.313  5.365   1.00 27.39  ? 67  ALA A CB  1 
ATOM   511  N N   . GLY A 1 68  ? 3.682   1.540   7.437   1.00 28.95  ? 68  GLY A N   1 
ATOM   512  C CA  . GLY A 1 68  ? 3.840   1.938   8.839   1.00 29.51  ? 68  GLY A CA  1 
ATOM   513  C C   . GLY A 1 68  ? 3.626   3.390   9.112   1.00 29.01  ? 68  GLY A C   1 
ATOM   514  O O   . GLY A 1 68  ? 3.103   3.768   10.181  1.00 29.53  ? 68  GLY A O   1 
ATOM   515  N N   . THR A 1 69  ? 4.013   4.231   8.174   1.00 25.93  ? 69  THR A N   1 
ATOM   516  C CA  . THR A 1 69  ? 3.799   5.660   8.336   1.00 28.64  ? 69  THR A CA  1 
ATOM   517  C C   . THR A 1 69  ? 2.311   5.998   8.268   1.00 27.52  ? 69  THR A C   1 
ATOM   518  O O   . THR A 1 69  ? 1.810   6.737   9.090   1.00 27.53  ? 69  THR A O   1 
ATOM   519  C CB  . THR A 1 69  ? 4.610   6.445   7.285   1.00 32.15  ? 69  THR A CB  1 
ATOM   520  O OG1 . THR A 1 69  ? 6.008   6.070   7.378   1.00 33.32  ? 69  THR A OG1 1 
ATOM   521  C CG2 . THR A 1 69  ? 4.462   7.907   7.428   1.00 34.47  ? 69  THR A CG2 1 
ATOM   522  N N   . VAL A 1 70  ? 1.597   5.418   7.338   1.00 26.39  ? 70  VAL A N   1 
ATOM   523  C CA  . VAL A 1 70  ? 0.175   5.740   7.235   1.00 25.90  ? 70  VAL A CA  1 
ATOM   524  C C   . VAL A 1 70  ? -0.566  5.268   8.499   1.00 26.58  ? 70  VAL A C   1 
ATOM   525  O O   . VAL A 1 70  ? -1.451  5.957   8.958   1.00 28.10  ? 70  VAL A O   1 
ATOM   526  C CB  . VAL A 1 70  ? -0.415  5.145   5.959   1.00 23.08  ? 70  VAL A CB  1 
ATOM   527  C CG1 . VAL A 1 70  ? -1.951  5.287   5.929   1.00 23.71  ? 70  VAL A CG1 1 
ATOM   528  C CG2 . VAL A 1 70  ? 0.168   5.819   4.730   1.00 22.54  ? 70  VAL A CG2 1 
ATOM   529  N N   . MET A 1 71  ? -0.202  4.088   9.016   1.00 28.63  ? 71  MET A N   1 
ATOM   530  C CA  . MET A 1 71  ? -0.854  3.495   10.160  1.00 31.22  ? 71  MET A CA  1 
ATOM   531  C C   . MET A 1 71  ? -0.627  4.375   11.338  1.00 33.74  ? 71  MET A C   1 
ATOM   532  O O   . MET A 1 71  ? -1.517  4.545   12.149  1.00 34.00  ? 71  MET A O   1 
ATOM   533  C CB  . MET A 1 71  ? -0.313  2.091   10.465  1.00 34.94  ? 71  MET A CB  1 
ATOM   534  C CG  . MET A 1 71  ? -0.702  1.135   9.387   1.00 38.27  ? 71  MET A CG  1 
ATOM   535  S SD  . MET A 1 71  ? -1.474  -0.405  9.750   1.00 50.40  ? 71  MET A SD  1 
ATOM   536  C CE  . MET A 1 71  ? -2.561  0.111   11.059  1.00 36.05  ? 71  MET A CE  1 
ATOM   537  N N   . LYS A 1 72  ? 0.545   4.931   11.428  1.00 33.61  ? 72  LYS A N   1 
ATOM   538  C CA  . LYS A 1 72  ? 0.905   5.766   12.551  1.00 41.70  ? 72  LYS A CA  1 
ATOM   539  C C   . LYS A 1 72  ? 0.257   7.112   12.466  1.00 42.55  ? 72  LYS A C   1 
ATOM   540  O O   . LYS A 1 72  ? -0.299  7.560   13.447  1.00 44.24  ? 72  LYS A O   1 
ATOM   541  C CB  . LYS A 1 72  ? 2.420   5.957   12.643  1.00 46.29  ? 72  LYS A CB  1 
ATOM   542  C CG  . LYS A 1 72  ? 2.787   6.980   13.725  1.00 52.76  ? 72  LYS A CG  1 
ATOM   543  C CD  . LYS A 1 72  ? 4.252   6.972   14.103  1.00 60.04  ? 72  LYS A CD  1 
ATOM   544  C CE  . LYS A 1 72  ? 4.537   8.021   15.180  1.00 67.81  ? 72  LYS A CE  1 
ATOM   545  N NZ  . LYS A 1 72  ? 5.813   8.753   14.931  1.00 75.84  ? 72  LYS A NZ  1 
ATOM   546  N N   . THR A 1 73  ? 0.341   7.773   11.320  1.00 36.56  ? 73  THR A N   1 
ATOM   547  C CA  . THR A 1 73  ? -0.189  9.134   11.179  1.00 34.68  ? 73  THR A CA  1 
ATOM   548  C C   . THR A 1 73  ? -1.643  9.224   10.883  1.00 32.36  ? 73  THR A C   1 
ATOM   549  O O   . THR A 1 73  ? -2.227  10.266  11.088  1.00 35.62  ? 73  THR A O   1 
ATOM   550  C CB  . THR A 1 73  ? 0.454   9.881   9.985   1.00 39.34  ? 73  THR A CB  1 
ATOM   551  O OG1 . THR A 1 73  ? 0.180   9.168   8.763   1.00 38.72  ? 73  THR A OG1 1 
ATOM   552  C CG2 . THR A 1 73  ? 1.902   10.022  10.179  1.00 40.03  ? 73  THR A CG2 1 
ATOM   553  N N   . GLY A 1 74  ? -2.250  8.175   10.330  1.00 29.70  ? 74  GLY A N   1 
ATOM   554  C CA  . GLY A 1 74  ? -3.598  8.306   9.823   1.00 28.28  ? 74  GLY A CA  1 
ATOM   555  C C   . GLY A 1 74  ? -3.839  9.199   8.620   1.00 28.74  ? 74  GLY A C   1 
ATOM   556  O O   . GLY A 1 74  ? -4.976  9.618   8.358   1.00 35.28  ? 74  GLY A O   1 
ATOM   557  N N   . LYS A 1 75  ? -2.779  9.476   7.849   1.00 29.81  ? 75  LYS A N   1 
ATOM   558  C CA  . LYS A 1 75  ? -2.796  10.440  6.750   1.00 31.40  ? 75  LYS A CA  1 
ATOM   559  C C   . LYS A 1 75  ? -2.337  9.704   5.508   1.00 26.51  ? 75  LYS A C   1 
ATOM   560  O O   . LYS A 1 75  ? -1.440  8.879   5.609   1.00 29.92  ? 75  LYS A O   1 
ATOM   561  C CB  . LYS A 1 75  ? -1.797  11.610  6.986   1.00 34.05  ? 75  LYS A CB  1 
ATOM   562  C CG  . LYS A 1 75  ? -2.050  12.457  8.221   1.00 43.25  ? 75  LYS A CG  1 
ATOM   563  C CD  . LYS A 1 75  ? -3.082  13.542  7.943   1.00 52.85  ? 75  LYS A CD  1 
ATOM   564  C CE  . LYS A 1 75  ? -3.952  13.848  9.177   1.00 59.24  ? 75  LYS A CE  1 
ATOM   565  N NZ  . LYS A 1 75  ? -3.105  14.359  10.283  1.00 60.03  ? 75  LYS A NZ  1 
ATOM   566  N N   . ARG A 1 76  ? -2.961  9.996   4.369   1.00 26.18  ? 76  ARG A N   1 
ATOM   567  C CA  . ARG A 1 76  ? -2.490  9.399   3.082   1.00 27.64  ? 76  ARG A CA  1 
ATOM   568  C C   . ARG A 1 76  ? -1.071  9.869   2.773   1.00 27.21  ? 76  ARG A C   1 
ATOM   569  O O   . ARG A 1 76  ? -0.606  10.940  3.232   1.00 26.11  ? 76  ARG A O   1 
ATOM   570  C CB  . ARG A 1 76  ? -3.411  9.700   1.957   1.00 30.19  ? 76  ARG A CB  1 
ATOM   571  C CG  . ARG A 1 76  ? -3.605  11.179  1.656   1.00 35.65  ? 76  ARG A CG  1 
ATOM   572  C CD  . ARG A 1 76  ? -4.190  11.296  0.259   1.00 38.39  ? 76  ARG A CD  1 
ATOM   573  N NE  . ARG A 1 76  ? -4.854  12.571  0.040   1.00 43.13  ? 76  ARG A NE  1 
ATOM   574  C CZ  . ARG A 1 76  ? -4.273  13.749  -0.096  1.00 53.85  ? 76  ARG A CZ  1 
ATOM   575  N NH1 . ARG A 1 76  ? -5.051  14.822  -0.267  1.00 54.22  ? 76  ARG A NH1 1 
ATOM   576  N NH2 . ARG A 1 76  ? -2.939  13.891  -0.068  1.00 60.93  ? 76  ARG A NH2 1 
ATOM   577  N N   . MET A 1 77  ? -0.370  9.060   1.995   1.00 25.95  ? 77  MET A N   1 
ATOM   578  C CA  . MET A 1 77  ? 0.946   9.443   1.459   1.00 26.27  ? 77  MET A CA  1 
ATOM   579  C C   . MET A 1 77  ? 0.882   9.337   -0.028  1.00 25.99  ? 77  MET A C   1 
ATOM   580  O O   . MET A 1 77  ? 0.378   8.337   -0.557  1.00 24.26  ? 77  MET A O   1 
ATOM   581  C CB  . MET A 1 77  ? 1.999   8.478   1.977   1.00 31.60  ? 77  MET A CB  1 
ATOM   582  C CG  . MET A 1 77  ? 2.264   8.546   3.439   1.00 44.12  ? 77  MET A CG  1 
ATOM   583  S SD  . MET A 1 77  ? 3.713   7.550   3.881   1.00 51.69  ? 77  MET A SD  1 
ATOM   584  C CE  . MET A 1 77  ? 4.918   8.193   2.706   1.00 43.29  ? 77  MET A CE  1 
ATOM   585  N N   . VAL A 1 78  ? 1.348   10.358  -0.714  1.00 24.59  ? 78  VAL A N   1 
ATOM   586  C CA  . VAL A 1 78  ? 1.284   10.402  -2.155  1.00 24.83  ? 78  VAL A CA  1 
ATOM   587  C C   . VAL A 1 78  ? 2.664   10.662  -2.662  1.00 25.98  ? 78  VAL A C   1 
ATOM   588  O O   . VAL A 1 78  ? 3.319   11.629  -2.232  1.00 22.57  ? 78  VAL A O   1 
ATOM   589  C CB  . VAL A 1 78  ? 0.354   11.495  -2.640  1.00 25.12  ? 78  VAL A CB  1 
ATOM   590  C CG1 . VAL A 1 78  ? 0.361   11.554  -4.140  1.00 25.63  ? 78  VAL A CG1 1 
ATOM   591  C CG2 . VAL A 1 78  ? -1.071  11.302  -2.183  1.00 26.10  ? 78  VAL A CG2 1 
ATOM   592  N N   . ILE A 1 79  ? 3.149   9.790   -3.524  1.00 21.24  ? 79  ILE A N   1 
ATOM   593  C CA  . ILE A 1 79  ? 4.411   10.031  -4.222  1.00 23.14  ? 79  ILE A CA  1 
ATOM   594  C C   . ILE A 1 79  ? 4.194   10.019  -5.729  1.00 22.86  ? 79  ILE A C   1 
ATOM   595  O O   . ILE A 1 79  ? 4.007   8.950   -6.344  1.00 19.02  ? 79  ILE A O   1 
ATOM   596  C CB  . ILE A 1 79  ? 5.483   9.013   -3.796  1.00 23.25  ? 79  ILE A CB  1 
ATOM   597  C CG1 . ILE A 1 79  ? 5.556   8.943   -2.285  1.00 26.82  ? 79  ILE A CG1 1 
ATOM   598  C CG2 . ILE A 1 79  ? 6.783   9.312   -4.502  1.00 22.74  ? 79  ILE A CG2 1 
ATOM   599  C CD1 . ILE A 1 79  ? 6.492   7.885   -1.790  1.00 26.72  ? 79  ILE A CD1 1 
ATOM   600  N N   . ALA A 1 80  ? 4.219   11.187  -6.383  1.00 20.94  ? 80  ALA A N   1 
ATOM   601  C CA  . ALA A 1 80  ? 3.773   11.267  -7.777  1.00 24.10  ? 80  ALA A CA  1 
ATOM   602  C C   . ALA A 1 80  ? 4.842   10.701  -8.721  1.00 21.41  ? 80  ALA A C   1 
ATOM   603  O O   . ALA A 1 80  ? 4.508   10.303  -9.800  1.00 22.79  ? 80  ALA A O   1 
ATOM   604  C CB  . ALA A 1 80  ? 3.443   12.713  -8.185  1.00 26.60  ? 80  ALA A CB  1 
ATOM   605  N N   . ASN A 1 81  ? 6.097   10.759  -8.272  1.00 20.81  ? 81  ASN A N   1 
ATOM   606  C CA  . ASN A 1 81  ? 7.234   10.182  -8.970  1.00 21.02  ? 81  ASN A CA  1 
ATOM   607  C C   . ASN A 1 81  ? 8.312   9.763   -7.998  1.00 22.98  ? 81  ASN A C   1 
ATOM   608  O O   . ASN A 1 81  ? 8.977   10.578  -7.369  1.00 20.62  ? 81  ASN A O   1 
ATOM   609  C CB  . ASN A 1 81  ? 7.862   11.101  -10.063 1.00 21.55  ? 81  ASN A CB  1 
ATOM   610  C CG  . ASN A 1 81  ? 8.945   10.356  -10.845 1.00 23.96  ? 81  ASN A CG  1 
ATOM   611  O OD1 . ASN A 1 81  ? 10.091  10.280  -10.438 1.00 24.92  ? 81  ASN A OD1 1 
ATOM   612  N ND2 . ASN A 1 81  ? 8.496   9.545   -11.796 1.00 33.91  ? 81  ASN A ND2 1 
ATOM   613  N N   . VAL A 1 82  ? 8.509   8.459   -7.910  1.00 20.22  ? 82  VAL A N   1 
ATOM   614  C CA  . VAL A 1 82  ? 9.418   7.866   -6.961  1.00 19.27  ? 82  VAL A CA  1 
ATOM   615  C C   . VAL A 1 82  ? 10.891  8.233   -7.214  1.00 18.02  ? 82  VAL A C   1 
ATOM   616  O O   . VAL A 1 82  ? 11.605  8.555   -6.215  1.00 21.60  ? 82  VAL A O   1 
ATOM   617  C CB  . VAL A 1 82  ? 9.185   6.307   -6.842  1.00 20.99  ? 82  VAL A CB  1 
ATOM   618  C CG1 . VAL A 1 82  ? 10.286  5.604   -5.987  1.00 22.77  ? 82  VAL A CG1 1 
ATOM   619  C CG2 . VAL A 1 82  ? 7.848   6.016   -6.263  1.00 23.50  ? 82  VAL A CG2 1 
ATOM   620  N N   . GLY A 1 83  ? 11.313  8.170   -8.487  1.00 20.59  ? 83  GLY A N   1 
ATOM   621  C CA  . GLY A 1 83  ? 12.690  8.434   -8.918  1.00 23.53  ? 83  GLY A CA  1 
ATOM   622  C C   . GLY A 1 83  ? 13.158  9.803   -8.515  1.00 25.09  ? 83  GLY A C   1 
ATOM   623  O O   . GLY A 1 83  ? 14.306  10.003  -8.001  1.00 25.21  ? 83  GLY A O   1 
ATOM   624  N N   . LEU A 1 84  ? 12.211  10.755  -8.603  1.00 21.69  ? 84  LEU A N   1 
ATOM   625  C CA  . LEU A 1 84  ? 12.538  12.126  -8.149  1.00 22.96  ? 84  LEU A CA  1 
ATOM   626  C C   . LEU A 1 84  ? 12.400  12.380  -6.671  1.00 20.27  ? 84  LEU A C   1 
ATOM   627  O O   . LEU A 1 84  ? 13.261  12.984  -6.050  1.00 21.41  ? 84  LEU A O   1 
ATOM   628  C CB  . LEU A 1 84  ? 11.666  13.106  -8.934  1.00 26.13  ? 84  LEU A CB  1 
ATOM   629  C CG  . LEU A 1 84  ? 12.056  13.339  -10.393 1.00 31.28  ? 84  LEU A CG  1 
ATOM   630  C CD1 . LEU A 1 84  ? 10.872  13.913  -11.182 1.00 35.38  ? 84  LEU A CD1 1 
ATOM   631  C CD2 . LEU A 1 84  ? 13.233  14.280  -10.463 1.00 34.69  ? 84  LEU A CD2 1 
ATOM   632  N N   . ALA A 1 85  ? 11.301  11.972  -6.085  1.00 19.36  ? 85  ALA A N   1 
ATOM   633  C CA  . ALA A 1 85  ? 10.968  12.219  -4.723  1.00 20.01  ? 85  ALA A CA  1 
ATOM   634  C C   . ALA A 1 85  ? 11.851  11.501  -3.760  1.00 23.39  ? 85  ALA A C   1 
ATOM   635  O O   . ALA A 1 85  ? 12.188  12.053  -2.709  1.00 22.72  ? 85  ALA A O   1 
ATOM   636  C CB  . ALA A 1 85  ? 9.497   11.888  -4.375  1.00 22.18  ? 85  ALA A CB  1 
ATOM   637  N N   . LEU A 1 86  ? 12.216  10.293  -4.106  1.00 23.77  ? 86  LEU A N   1 
ATOM   638  C CA  . LEU A 1 86  ? 12.926  9.436   -3.114  1.00 26.74  ? 86  LEU A CA  1 
ATOM   639  C C   . LEU A 1 86  ? 14.304  9.075   -3.581  1.00 30.64  ? 86  LEU A C   1 
ATOM   640  O O   . LEU A 1 86  ? 15.280  9.014   -2.774  1.00 34.05  ? 86  LEU A O   1 
ATOM   641  C CB  . LEU A 1 86  ? 12.135  8.150   -2.872  1.00 29.04  ? 86  LEU A CB  1 
ATOM   642  C CG  . LEU A 1 86  ? 10.755  8.240   -2.206  1.00 34.18  ? 86  LEU A CG  1 
ATOM   643  C CD1 . LEU A 1 86  ? 10.304  6.817   -1.868  1.00 35.65  ? 86  LEU A CD1 1 
ATOM   644  C CD2 . LEU A 1 86  ? 10.730  9.144   -1.008  1.00 36.55  ? 86  LEU A CD2 1 
ATOM   645  N N   . GLY A 1 87  ? 14.389  8.774   -4.857  1.00 26.76  ? 87  GLY A N   1 
ATOM   646  C CA  . GLY A 1 87  ? 15.566  8.160   -5.403  1.00 33.60  ? 87  GLY A CA  1 
ATOM   647  C C   . GLY A 1 87  ? 15.831  6.760   -4.783  1.00 33.79  ? 87  GLY A C   1 
ATOM   648  O O   . GLY A 1 87  ? 15.172  6.339   -3.825  1.00 30.75  ? 87  GLY A O   1 
ATOM   649  N N   . PRO A 1 88  ? 16.879  6.106   -5.267  1.00 36.64  ? 88  PRO A N   1 
ATOM   650  C CA  . PRO A 1 88  ? 17.187  4.696   -5.018  1.00 35.03  ? 88  PRO A CA  1 
ATOM   651  C C   . PRO A 1 88  ? 17.497  4.276   -3.601  1.00 38.15  ? 88  PRO A C   1 
ATOM   652  O O   . PRO A 1 88  ? 17.122  3.185   -3.202  1.00 36.70  ? 88  PRO A O   1 
ATOM   653  C CB  . PRO A 1 88  ? 18.356  4.434   -5.956  1.00 42.12  ? 88  PRO A CB  1 
ATOM   654  C CG  . PRO A 1 88  ? 19.020  5.761   -6.130  1.00 41.98  ? 88  PRO A CG  1 
ATOM   655  C CD  . PRO A 1 88  ? 17.924  6.777   -6.070  1.00 42.26  ? 88  PRO A CD  1 
ATOM   656  N N   . GLU A 1 89  ? 18.157  5.128   -2.841  1.00 38.72  ? 89  GLU A N   1 
ATOM   657  C CA  . GLU A 1 89  ? 18.514  4.872   -1.476  1.00 38.78  ? 89  GLU A CA  1 
ATOM   658  C C   . GLU A 1 89  ? 17.365  4.878   -0.471  1.00 37.37  ? 89  GLU A C   1 
ATOM   659  O O   . GLU A 1 89  ? 17.358  4.093   0.423   1.00 41.14  ? 89  GLU A O   1 
ATOM   660  C CB  . GLU A 1 89  ? 19.541  5.977   -1.032  1.00 48.00  ? 89  GLU A CB  1 
ATOM   661  C CG  . GLU A 1 89  ? 21.004  5.658   -1.227  1.00 50.06  ? 89  GLU A CG  1 
ATOM   662  C CD  . GLU A 1 89  ? 21.924  6.719   -0.588  1.00 55.66  ? 89  GLU A CD  1 
ATOM   663  O OE1 . GLU A 1 89  ? 21.832  7.913   -0.994  1.00 59.83  ? 89  GLU A OE1 1 
ATOM   664  O OE2 . GLU A 1 89  ? 22.737  6.370   0.317   1.00 63.74  ? 89  GLU A OE2 1 
ATOM   665  N N   . GLU A 1 90  ? 16.428  5.838   -0.566  1.00 32.52  ? 90  GLU A N   1 
ATOM   666  C CA  . GLU A 1 90  ? 15.279  5.923   0.338   1.00 34.01  ? 90  GLU A CA  1 
ATOM   667  C C   . GLU A 1 90  ? 14.272  4.829   0.113   1.00 29.73  ? 90  GLU A C   1 
ATOM   668  O O   . GLU A 1 90  ? 13.505  4.516   1.005   1.00 31.67  ? 90  GLU A O   1 
ATOM   669  C CB  . GLU A 1 90  ? 14.534  7.264   0.155   1.00 35.58  ? 90  GLU A CB  1 
ATOM   670  C CG  . GLU A 1 90  ? 15.375  8.421   0.616   1.00 34.69  ? 90  GLU A CG  1 
ATOM   671  C CD  . GLU A 1 90  ? 14.647  9.763   0.620   1.00 36.91  ? 90  GLU A CD  1 
ATOM   672  O OE1 . GLU A 1 90  ? 15.287  10.714  0.153   1.00 42.04  ? 90  GLU A OE1 1 
ATOM   673  O OE2 . GLU A 1 90  ? 13.476  9.847   1.053   1.00 35.66  ? 90  GLU A OE2 1 
ATOM   674  N N   . LYS A 1 91  ? 14.278  4.269   -1.088  1.00 30.31  ? 91  LYS A N   1 
ATOM   675  C CA  . LYS A 1 91  ? 13.346  3.134   -1.434  1.00 30.49  ? 91  LYS A CA  1 
ATOM   676  C C   . LYS A 1 91  ? 13.459  1.996   -0.525  1.00 29.41  ? 91  LYS A C   1 
ATOM   677  O O   . LYS A 1 91  ? 12.518  1.249   -0.354  1.00 28.38  ? 91  LYS A O   1 
ATOM   678  C CB  . LYS A 1 91  ? 13.582  2.593   -2.875  1.00 31.86  ? 91  LYS A CB  1 
ATOM   679  C CG  . LYS A 1 91  ? 13.145  3.563   -3.881  1.00 33.82  ? 91  LYS A CG  1 
ATOM   680  C CD  . LYS A 1 91  ? 13.745  3.277   -5.238  1.00 37.21  ? 91  LYS A CD  1 
ATOM   681  C CE  . LYS A 1 91  ? 12.771  2.789   -6.240  1.00 44.61  ? 91  LYS A CE  1 
ATOM   682  N NZ  . LYS A 1 91  ? 13.465  2.633   -7.557  1.00 43.09  ? 91  LYS A NZ  1 
ATOM   683  N N   . ILE A 1 92  ? 14.648  1.779   0.040   1.00 29.18  ? 92  ILE A N   1 
ATOM   684  C CA  . ILE A 1 92  ? 14.804  0.718   0.961   1.00 30.21  ? 92  ILE A CA  1 
ATOM   685  C C   . ILE A 1 92  ? 13.917  0.880   2.221   1.00 28.44  ? 92  ILE A C   1 
ATOM   686  O O   . ILE A 1 92  ? 13.550  -0.123  2.785   1.00 27.92  ? 92  ILE A O   1 
ATOM   687  C CB  . ILE A 1 92  ? 16.317  0.456   1.222   1.00 33.97  ? 92  ILE A CB  1 
ATOM   688  C CG1 . ILE A 1 92  ? 16.569  -0.977  1.607   1.00 36.46  ? 92  ILE A CG1 1 
ATOM   689  C CG2 . ILE A 1 92  ? 16.834  1.403   2.262   1.00 35.90  ? 92  ILE A CG2 1 
ATOM   690  C CD1 . ILE A 1 92  ? 18.052  -1.330  1.677   1.00 40.10  ? 92  ILE A CD1 1 
ATOM   691  N N   . ASP A 1 93  ? 13.542  2.092   2.637   1.00 30.34  ? 93  ASP A N   1 
ATOM   692  C CA  . ASP A 1 93  ? 12.594  2.332   3.754   1.00 32.36  ? 93  ASP A CA  1 
ATOM   693  C C   . ASP A 1 93  ? 11.193  1.822   3.441   1.00 30.52  ? 93  ASP A C   1 
ATOM   694  O O   . ASP A 1 93  ? 10.463  1.440   4.350   1.00 32.88  ? 93  ASP A O   1 
ATOM   695  C CB  . ASP A 1 93  ? 12.483  3.849   4.114   1.00 44.07  ? 93  ASP A CB  1 
ATOM   696  C CG  . ASP A 1 93  ? 11.208  4.203   4.983   1.00 57.44  ? 93  ASP A CG  1 
ATOM   697  O OD1 . ASP A 1 93  ? 11.208  3.952   6.219   1.00 59.99  ? 93  ASP A OD1 1 
ATOM   698  O OD2 . ASP A 1 93  ? 10.199  4.754   4.429   1.00 68.53  ? 93  ASP A OD2 1 
ATOM   699  N N   . ALA A 1 94  ? 10.828  1.777   2.158   1.00 22.66  ? 94  ALA A N   1 
ATOM   700  C CA  . ALA A 1 94  ? 9.489   1.357   1.762   1.00 24.23  ? 94  ALA A CA  1 
ATOM   701  C C   . ALA A 1 94  ? 9.667   0.220   0.735   1.00 21.81  ? 94  ALA A C   1 
ATOM   702  O O   . ALA A 1 94  ? 9.521   0.482   -0.442  1.00 22.24  ? 94  ALA A O   1 
ATOM   703  C CB  . ALA A 1 94  ? 8.797   2.554   1.112   1.00 23.59  ? 94  ALA A CB  1 
ATOM   704  N N   . PRO A 1 95  ? 10.107  -0.948  1.194   1.00 23.94  ? 95  PRO A N   1 
ATOM   705  C CA  . PRO A 1 95  ? 10.630  -1.974  0.322   1.00 25.42  ? 95  PRO A CA  1 
ATOM   706  C C   . PRO A 1 95  ? 9.679   -2.462  -0.764  1.00 22.24  ? 95  PRO A C   1 
ATOM   707  O O   . PRO A 1 95  ? 10.144  -2.976  -1.767  1.00 21.38  ? 95  PRO A O   1 
ATOM   708  C CB  . PRO A 1 95  ? 11.010  -3.128  1.241   1.00 27.36  ? 95  PRO A CB  1 
ATOM   709  C CG  . PRO A 1 95  ? 10.675  -2.744  2.585   1.00 30.23  ? 95  PRO A CG  1 
ATOM   710  C CD  . PRO A 1 95  ? 10.291  -1.303  2.611   1.00 28.07  ? 95  PRO A CD  1 
ATOM   711  N N   . ILE A 1 96  ? 8.374   -2.319  -0.591  1.00 21.42  ? 96  ILE A N   1 
ATOM   712  C CA  . ILE A 1 96  ? 7.485   -2.718  -1.723  1.00 21.01  ? 96  ILE A CA  1 
ATOM   713  C C   . ILE A 1 96  ? 7.791   -1.922  -2.981  1.00 19.23  ? 96  ILE A C   1 
ATOM   714  O O   . ILE A 1 96  ? 7.646   -2.373  -4.108  1.00 18.87  ? 96  ILE A O   1 
ATOM   715  C CB  . ILE A 1 96  ? 5.998   -2.601  -1.301  1.00 22.65  ? 96  ILE A CB  1 
ATOM   716  C CG1 . ILE A 1 96  ? 5.082   -3.290  -2.284  1.00 25.99  ? 96  ILE A CG1 1 
ATOM   717  C CG2 . ILE A 1 96  ? 5.575   -1.147  -1.169  1.00 25.40  ? 96  ILE A CG2 1 
ATOM   718  C CD1 . ILE A 1 96  ? 5.199   -4.744  -2.260  1.00 28.12  ? 96  ILE A CD1 1 
ATOM   719  N N   . LEU A 1 97  ? 8.264   -0.672  -2.847  1.00 19.32  ? 97  LEU A N   1 
ATOM   720  C CA  . LEU A 1 97  ? 8.719   0.041   -4.038  1.00 18.52  ? 97  LEU A CA  1 
ATOM   721  C C   . LEU A 1 97  ? 9.864   -0.631  -4.839  1.00 18.53  ? 97  LEU A C   1 
ATOM   722  O O   . LEU A 1 97  ? 9.904   -0.521  -6.013  1.00 19.22  ? 97  LEU A O   1 
ATOM   723  C CB  . LEU A 1 97  ? 9.237   1.438   -3.637  1.00 18.75  ? 97  LEU A CB  1 
ATOM   724  C CG  . LEU A 1 97  ? 8.302   2.347   -2.912  1.00 21.64  ? 97  LEU A CG  1 
ATOM   725  C CD1 . LEU A 1 97  ? 9.057   3.622   -2.517  1.00 23.43  ? 97  LEU A CD1 1 
ATOM   726  C CD2 . LEU A 1 97  ? 7.140   2.690   -3.729  1.00 21.71  ? 97  LEU A CD2 1 
ATOM   727  N N   . LEU A 1 98  ? 10.756  -1.318  -4.151  1.00 18.30  ? 98  LEU A N   1 
ATOM   728  C CA  . LEU A 1 98  ? 11.829  -2.065  -4.782  1.00 19.05  ? 98  LEU A CA  1 
ATOM   729  C C   . LEU A 1 98  ? 11.322  -3.370  -5.410  1.00 19.04  ? 98  LEU A C   1 
ATOM   730  O O   . LEU A 1 98  ? 11.622  -3.633  -6.531  1.00 21.50  ? 98  LEU A O   1 
ATOM   731  C CB  . LEU A 1 98  ? 12.910  -2.429  -3.780  1.00 20.75  ? 98  LEU A CB  1 
ATOM   732  C CG  . LEU A 1 98  ? 13.740  -1.256  -3.239  1.00 29.09  ? 98  LEU A CG  1 
ATOM   733  C CD1 . LEU A 1 98  ? 14.648  -1.859  -2.177  1.00 31.06  ? 98  LEU A CD1 1 
ATOM   734  C CD2 . LEU A 1 98  ? 14.563  -0.692  -4.369  1.00 33.55  ? 98  LEU A CD2 1 
ATOM   735  N N   . SER A 1 99  ? 10.594  -4.170  -4.664  1.00 21.33  ? 99  SER A N   1 
ATOM   736  C CA  . SER A 1 99  ? 10.223  -5.514  -5.136  1.00 21.23  ? 99  SER A CA  1 
ATOM   737  C C   . SER A 1 99  ? 9.239   -5.414  -6.287  1.00 22.56  ? 99  SER A C   1 
ATOM   738  O O   . SER A 1 99  ? 9.279   -6.257  -7.180  1.00 22.79  ? 99  SER A O   1 
ATOM   739  C CB  . SER A 1 99  ? 9.677   -6.359  -3.981  1.00 21.15  ? 99  SER A CB  1 
ATOM   740  O OG  . SER A 1 99  ? 8.363   -6.012  -3.526  1.00 22.43  ? 99  SER A OG  1 
ATOM   741  N N   . GLU A 1 100 ? 8.429   -4.330  -6.347  1.00 19.09  ? 100 GLU A N   1 
ATOM   742  C CA  . GLU A 1 100 ? 7.443   -4.184  -7.417  1.00 19.87  ? 100 GLU A CA  1 
ATOM   743  C C   . GLU A 1 100 ? 7.757   -3.042  -8.398  1.00 18.85  ? 100 GLU A C   1 
ATOM   744  O O   . GLU A 1 100 ? 6.977   -2.807  -9.263  1.00 18.90  ? 100 GLU A O   1 
ATOM   745  C CB  . GLU A 1 100 ? 6.056   -4.029  -6.796  1.00 20.93  ? 100 GLU A CB  1 
ATOM   746  C CG  . GLU A 1 100 ? 5.511   -5.285  -6.118  1.00 20.41  ? 100 GLU A CG  1 
ATOM   747  C CD  . GLU A 1 100 ? 5.299   -6.447  -7.108  1.00 21.32  ? 100 GLU A CD  1 
ATOM   748  O OE1 . GLU A 1 100 ? 5.017   -6.145  -8.312  1.00 18.96  ? 100 GLU A OE1 1 
ATOM   749  O OE2 . GLU A 1 100 ? 5.371   -7.621  -6.675  1.00 21.36  ? 100 GLU A OE2 1 
ATOM   750  N N   . SER A 1 101 ? 8.946   -2.456  -8.313  1.00 18.72  ? 101 SER A N   1 
ATOM   751  C CA  . SER A 1 101 ? 9.417   -1.413  -9.244  1.00 20.46  ? 101 SER A CA  1 
ATOM   752  C C   . SER A 1 101 ? 8.354   -0.352  -9.449  1.00 19.45  ? 101 SER A C   1 
ATOM   753  O O   . SER A 1 101 ? 8.021   0.001   -10.587 1.00 21.31  ? 101 SER A O   1 
ATOM   754  C CB  . SER A 1 101 ? 9.826   -1.993  -10.613 1.00 23.43  ? 101 SER A CB  1 
ATOM   755  O OG  . SER A 1 101 ? 10.636  -3.156  -10.429 1.00 25.11  ? 101 SER A OG  1 
ATOM   756  N N   . LEU A 1 102 ? 7.854   0.148   -8.345  1.00 18.54  ? 102 LEU A N   1 
ATOM   757  C CA  . LEU A 1 102 ? 6.827   1.194   -8.440  1.00 18.81  ? 102 LEU A CA  1 
ATOM   758  C C   . LEU A 1 102 ? 7.424   2.570   -8.668  1.00 19.51  ? 102 LEU A C   1 
ATOM   759  O O   . LEU A 1 102 ? 8.412   2.968   -7.985  1.00 21.50  ? 102 LEU A O   1 
ATOM   760  C CB  . LEU A 1 102 ? 6.024   1.168   -7.142  1.00 19.77  ? 102 LEU A CB  1 
ATOM   761  C CG  . LEU A 1 102 ? 5.380   -0.151  -6.731  1.00 19.16  ? 102 LEU A CG  1 
ATOM   762  C CD1 . LEU A 1 102 ? 4.567   -0.085  -5.430  1.00 19.30  ? 102 LEU A CD1 1 
ATOM   763  C CD2 . LEU A 1 102 ? 4.545   -0.663  -7.900  1.00 20.11  ? 102 LEU A CD2 1 
ATOM   764  N N   . THR A 1 103 ? 6.826   3.272   -9.611  1.00 19.75  ? 103 THR A N   1 
ATOM   765  C CA  . THR A 1 103 ? 7.289   4.609   -10.015 1.00 22.09  ? 103 THR A CA  1 
ATOM   766  C C   . THR A 1 103 ? 6.413   5.716   -9.499  1.00 20.38  ? 103 THR A C   1 
ATOM   767  O O   . THR A 1 103 ? 6.811   6.841   -9.531  1.00 20.82  ? 103 THR A O   1 
ATOM   768  C CB  . THR A 1 103 ? 7.510   4.704   -11.537 1.00 23.36  ? 103 THR A CB  1 
ATOM   769  O OG1 . THR A 1 103 ? 6.297   4.380   -12.227 1.00 22.56  ? 103 THR A OG1 1 
ATOM   770  C CG2 . THR A 1 103 ? 8.616   3.731   -11.967 1.00 24.35  ? 103 THR A CG2 1 
ATOM   771  N N   . ALA A 1 104 ? 5.204   5.402   -9.043  1.00 20.45  ? 104 ALA A N   1 
ATOM   772  C CA  . ALA A 1 104 ? 4.308   6.360   -8.339  1.00 19.95  ? 104 ALA A CA  1 
ATOM   773  C C   . ALA A 1 104 ? 3.456   5.559   -7.386  1.00 20.94  ? 104 ALA A C   1 
ATOM   774  O O   . ALA A 1 104 ? 3.126   4.391   -7.659  1.00 20.13  ? 104 ALA A O   1 
ATOM   775  C CB  . ALA A 1 104 ? 3.424   7.096   -9.317  1.00 19.70  ? 104 ALA A CB  1 
ATOM   776  N N   . VAL A 1 105 ? 3.070   6.159   -6.277  1.00 18.11  ? 105 VAL A N   1 
ATOM   777  C CA  . VAL A 1 105 ? 2.250   5.469   -5.277  1.00 19.00  ? 105 VAL A CA  1 
ATOM   778  C C   . VAL A 1 105 ? 1.271   6.393   -4.561  1.00 21.39  ? 105 VAL A C   1 
ATOM   779  O O   . VAL A 1 105 ? 1.548   7.608   -4.385  1.00 20.04  ? 105 VAL A O   1 
ATOM   780  C CB  . VAL A 1 105 ? 3.062   4.684   -4.187  1.00 22.92  ? 105 VAL A CB  1 
ATOM   781  C CG1 . VAL A 1 105 ? 3.878   3.562   -4.793  1.00 23.72  ? 105 VAL A CG1 1 
ATOM   782  C CG2 . VAL A 1 105 ? 3.986   5.573   -3.444  1.00 29.00  ? 105 VAL A CG2 1 
ATOM   783  N N   . LEU A 1 106 ? 0.143   5.821   -4.181  1.00 19.09  ? 106 LEU A N   1 
ATOM   784  C CA  . LEU A 1 106 ? -0.916  6.480   -3.410  1.00 19.83  ? 106 LEU A CA  1 
ATOM   785  C C   . LEU A 1 106 ? -1.198  5.471   -2.287  1.00 20.75  ? 106 LEU A C   1 
ATOM   786  O O   . LEU A 1 106 ? -1.738  4.371   -2.546  1.00 19.77  ? 106 LEU A O   1 
ATOM   787  C CB  . LEU A 1 106 ? -2.176  6.686   -4.252  1.00 21.15  ? 106 LEU A CB  1 
ATOM   788  C CG  . LEU A 1 106 ? -3.479  7.018   -3.500  1.00 22.70  ? 106 LEU A CG  1 
ATOM   789  C CD1 . LEU A 1 106 ? -3.322  8.283   -2.719  1.00 22.16  ? 106 LEU A CD1 1 
ATOM   790  C CD2 . LEU A 1 106 ? -4.620  7.114   -4.486  1.00 23.44  ? 106 LEU A CD2 1 
ATOM   791  N N   . ALA A 1 107 ? -0.882  5.836   -1.042  1.00 18.84  ? 107 ALA A N   1 
ATOM   792  C CA  . ALA A 1 107 ? -1.170  4.940   0.080   1.00 19.62  ? 107 ALA A CA  1 
ATOM   793  C C   . ALA A 1 107 ? -2.192  5.601   1.012   1.00 21.23  ? 107 ALA A C   1 
ATOM   794  O O   . ALA A 1 107 ? -2.003  6.725   1.444   1.00 22.65  ? 107 ALA A O   1 
ATOM   795  C CB  . ALA A 1 107 ? 0.042   4.635   0.814   1.00 22.11  ? 107 ALA A CB  1 
ATOM   796  N N   . VAL A 1 108 ? -3.302  4.899   1.205   1.00 20.15  ? 108 VAL A N   1 
ATOM   797  C CA  . VAL A 1 108 ? -4.412  5.475   1.997   1.00 21.68  ? 108 VAL A CA  1 
ATOM   798  C C   . VAL A 1 108 ? -4.769  4.678   3.237   1.00 19.11  ? 108 VAL A C   1 
ATOM   799  O O   . VAL A 1 108 ? -4.740  3.445   3.202   1.00 20.29  ? 108 VAL A O   1 
ATOM   800  C CB  . VAL A 1 108 ? -5.640  5.642   1.118   1.00 21.54  ? 108 VAL A CB  1 
ATOM   801  C CG1 . VAL A 1 108 ? -5.373  6.564   -0.051  1.00 26.90  ? 108 VAL A CG1 1 
ATOM   802  C CG2 . VAL A 1 108 ? -6.205  4.306   0.630   1.00 23.10  ? 108 VAL A CG2 1 
ATOM   803  N N   . PRO A 1 109 ? -5.111  5.356   4.348   1.00 22.18  ? 109 PRO A N   1 
ATOM   804  C CA  . PRO A 1 109 ? -5.495  4.615   5.554   1.00 21.37  ? 109 PRO A CA  1 
ATOM   805  C C   . PRO A 1 109 ? -6.837  3.946   5.358   1.00 20.56  ? 109 PRO A C   1 
ATOM   806  O O   . PRO A 1 109 ? -7.759  4.496   4.671   1.00 22.42  ? 109 PRO A O   1 
ATOM   807  C CB  . PRO A 1 109 ? -5.565  5.685   6.608   1.00 23.38  ? 109 PRO A CB  1 
ATOM   808  C CG  . PRO A 1 109 ? -5.879  6.937   5.906   1.00 28.57  ? 109 PRO A CG  1 
ATOM   809  C CD  . PRO A 1 109 ? -5.099  6.812   4.597   1.00 24.67  ? 109 PRO A CD  1 
ATOM   810  N N   . LEU A 1 110 ? -6.967  2.766   5.935   1.00 22.83  ? 110 LEU A N   1 
ATOM   811  C CA  . LEU A 1 110 ? -8.253  2.065   5.991   1.00 24.41  ? 110 LEU A CA  1 
ATOM   812  C C   . LEU A 1 110 ? -8.782  2.245   7.417   1.00 26.29  ? 110 LEU A C   1 
ATOM   813  O O   . LEU A 1 110 ? -8.060  1.951   8.379   1.00 22.97  ? 110 LEU A O   1 
ATOM   814  C CB  . LEU A 1 110 ? -8.089  0.612   5.660   1.00 24.71  ? 110 LEU A CB  1 
ATOM   815  C CG  . LEU A 1 110 ? -7.680  0.400   4.188   1.00 25.17  ? 110 LEU A CG  1 
ATOM   816  C CD1 . LEU A 1 110 ? -7.561  -1.083  3.983   1.00 27.73  ? 110 LEU A CD1 1 
ATOM   817  C CD2 . LEU A 1 110 ? -8.722  0.925   3.204   1.00 26.33  ? 110 LEU A CD2 1 
ATOM   818  N N   . TRP A 1 111 ? -9.946  2.873   7.528   1.00 26.40  ? 111 TRP A N   1 
ATOM   819  C CA  . TRP A 1 111 ? -10.546 3.213   8.833   1.00 28.91  ? 111 TRP A CA  1 
ATOM   820  C C   . TRP A 1 111 ? -11.713 2.305   9.173   1.00 28.15  ? 111 TRP A C   1 
ATOM   821  O O   . TRP A 1 111 ? -12.521 1.920   8.302   1.00 30.66  ? 111 TRP A O   1 
ATOM   822  C CB  . TRP A 1 111 ? -11.098 4.635   8.813   1.00 28.42  ? 111 TRP A CB  1 
ATOM   823  C CG  . TRP A 1 111 ? -10.093 5.723   8.635   1.00 28.73  ? 111 TRP A CG  1 
ATOM   824  C CD1 . TRP A 1 111 ? -9.685  6.319   7.454   1.00 29.13  ? 111 TRP A CD1 1 
ATOM   825  C CD2 . TRP A 1 111 ? -9.334  6.326   9.662   1.00 27.52  ? 111 TRP A CD2 1 
ATOM   826  N NE1 . TRP A 1 111 ? -8.720  7.259   7.727   1.00 29.51  ? 111 TRP A NE1 1 
ATOM   827  C CE2 . TRP A 1 111 ? -8.506  7.310   9.067   1.00 28.41  ? 111 TRP A CE2 1 
ATOM   828  C CE3 . TRP A 1 111 ? -9.249  6.127   11.025  1.00 28.03  ? 111 TRP A CE3 1 
ATOM   829  C CZ2 . TRP A 1 111 ? -7.626  8.072   9.800   1.00 28.16  ? 111 TRP A CZ2 1 
ATOM   830  C CZ3 . TRP A 1 111 ? -8.421  6.957   11.783  1.00 32.79  ? 111 TRP A CZ3 1 
ATOM   831  C CH2 . TRP A 1 111 ? -7.594  7.918   11.146  1.00 32.77  ? 111 TRP A CH2 1 
ATOM   832  N N   . TYR A 1 112 ? -11.855 2.016   10.460  1.00 27.02  ? 112 TYR A N   1 
ATOM   833  C CA  . TYR A 1 112 ? -13.060 1.380   10.981  1.00 26.53  ? 112 TYR A CA  1 
ATOM   834  C C   . TYR A 1 112 ? -13.329 1.951   12.366  1.00 25.67  ? 112 TYR A C   1 
ATOM   835  O O   . TYR A 1 112 ? -12.461 1.843   13.214  1.00 23.08  ? 112 TYR A O   1 
ATOM   836  C CB  . TYR A 1 112 ? -12.868 -0.111  11.041  1.00 29.26  ? 112 TYR A CB  1 
ATOM   837  C CG  . TYR A 1 112 ? -14.166 -0.780  11.398  1.00 35.08  ? 112 TYR A CG  1 
ATOM   838  C CD1 . TYR A 1 112 ? -15.317 -0.579  10.609  1.00 36.80  ? 112 TYR A CD1 1 
ATOM   839  C CD2 . TYR A 1 112 ? -14.282 -1.577  12.522  1.00 40.13  ? 112 TYR A CD2 1 
ATOM   840  C CE1 . TYR A 1 112 ? -16.503 -1.167  10.924  1.00 42.20  ? 112 TYR A CE1 1 
ATOM   841  C CE2 . TYR A 1 112 ? -15.497 -2.187  12.830  1.00 42.25  ? 112 TYR A CE2 1 
ATOM   842  C CZ  . TYR A 1 112 ? -16.593 -1.972  12.044  1.00 43.18  ? 112 TYR A CZ  1 
ATOM   843  O OH  . TYR A 1 112 ? -17.798 -2.605  12.335  1.00 45.12  ? 112 TYR A OH  1 
ATOM   844  N N   . LYS A 1 113 ? -14.466 2.653   12.492  1.00 25.33  ? 113 LYS A N   1 
ATOM   845  C CA  . LYS A 1 113 ? -14.871 3.349   13.731  1.00 29.19  ? 113 LYS A CA  1 
ATOM   846  C C   . LYS A 1 113 ? -13.702 4.211   14.312  1.00 28.89  ? 113 LYS A C   1 
ATOM   847  O O   . LYS A 1 113 ? -13.377 4.115   15.463  1.00 29.47  ? 113 LYS A O   1 
ATOM   848  C CB  . LYS A 1 113 ? -15.371 2.287   14.709  1.00 30.38  ? 113 LYS A CB  1 
ATOM   849  C CG  . LYS A 1 113 ? -16.453 1.353   14.169  1.00 33.51  ? 113 LYS A CG  1 
ATOM   850  C CD  . LYS A 1 113 ? -17.661 2.140   13.802  1.00 36.30  ? 113 LYS A CD  1 
ATOM   851  C CE  . LYS A 1 113 ? -18.774 1.223   13.349  1.00 43.45  ? 113 LYS A CE  1 
ATOM   852  N NZ  . LYS A 1 113 ? -19.885 2.095   12.869  1.00 45.20  ? 113 LYS A NZ  1 
ATOM   853  N N   . ASN A 1 114 ? -13.057 5.022   13.456  1.00 23.44  ? 114 ASN A N   1 
ATOM   854  C CA  . ASN A 1 114 ? -12.052 6.002   13.806  1.00 24.78  ? 114 ASN A CA  1 
ATOM   855  C C   . ASN A 1 114 ? -10.727 5.406   14.212  1.00 22.90  ? 114 ASN A C   1 
ATOM   856  O O   . ASN A 1 114 ? -9.891  6.084   14.737  1.00 26.49  ? 114 ASN A O   1 
ATOM   857  C CB  . ASN A 1 114 ? -12.522 7.019   14.871  1.00 24.26  ? 114 ASN A CB  1 
ATOM   858  C CG  . ASN A 1 114 ? -13.724 7.880   14.391  1.00 29.34  ? 114 ASN A CG  1 
ATOM   859  O OD1 . ASN A 1 114 ? -14.548 8.364   15.207  1.00 32.23  ? 114 ASN A OD1 1 
ATOM   860  N ND2 . ASN A 1 114 ? -13.786 8.141   13.103  1.00 26.33  ? 114 ASN A ND2 1 
ATOM   861  N N   . GLN A 1 115 ? -10.506 4.137   13.895  1.00 22.35  ? 115 GLN A N   1 
ATOM   862  C CA  . GLN A 1 115 ? -9.168  3.542   14.066  1.00 21.43  ? 115 GLN A CA  1 
ATOM   863  C C   . GLN A 1 115 ? -8.660  3.155   12.686  1.00 21.92  ? 115 GLN A C   1 
ATOM   864  O O   . GLN A 1 115 ? -9.418  2.684   11.806  1.00 22.91  ? 115 GLN A O   1 
ATOM   865  C CB  . GLN A 1 115 ? -9.294  2.271   14.913  1.00 22.22  ? 115 GLN A CB  1 
ATOM   866  C CG  . GLN A 1 115 ? -8.029  1.492   15.059  1.00 21.41  ? 115 GLN A CG  1 
ATOM   867  C CD  . GLN A 1 115 ? -6.913  2.235   15.847  1.00 23.30  ? 115 GLN A CD  1 
ATOM   868  O OE1 . GLN A 1 115 ? -6.405  3.244   15.412  1.00 27.21  ? 115 GLN A OE1 1 
ATOM   869  N NE2 . GLN A 1 115 ? -6.545  1.722   17.006  1.00 21.96  ? 115 GLN A NE2 1 
ATOM   870  N N   . VAL A 1 116 ? -7.371  3.374   12.469  1.00 21.47  ? 116 VAL A N   1 
ATOM   871  C CA  . VAL A 1 116 ? -6.729  2.851   11.249  1.00 22.26  ? 116 VAL A CA  1 
ATOM   872  C C   . VAL A 1 116 ? -6.352  1.406   11.458  1.00 22.58  ? 116 VAL A C   1 
ATOM   873  O O   . VAL A 1 116 ? -5.518  1.133   12.289  1.00 24.67  ? 116 VAL A O   1 
ATOM   874  C CB  . VAL A 1 116 ? -5.401  3.575   10.875  1.00 27.47  ? 116 VAL A CB  1 
ATOM   875  C CG1 . VAL A 1 116 ? -4.867  3.033   9.533   1.00 25.83  ? 116 VAL A CG1 1 
ATOM   876  C CG2 . VAL A 1 116 ? -5.535  5.072   10.789  1.00 31.44  ? 116 VAL A CG2 1 
ATOM   877  N N   . TYR A 1 117 ? -6.938  0.507   10.681  1.00 21.73  ? 117 TYR A N   1 
ATOM   878  C CA  . TYR A 1 117 ? -6.663  -0.905  10.767  1.00 25.32  ? 117 TYR A CA  1 
ATOM   879  C C   . TYR A 1 117 ? -5.783  -1.418  9.651   1.00 25.48  ? 117 TYR A C   1 
ATOM   880  O O   . TYR A 1 117 ? -5.192  -2.502  9.763   1.00 26.93  ? 117 TYR A O   1 
ATOM   881  C CB  . TYR A 1 117 ? -7.949  -1.691  10.791  1.00 25.87  ? 117 TYR A CB  1 
ATOM   882  C CG  . TYR A 1 117 ? -8.735  -1.743  9.505   1.00 26.61  ? 117 TYR A CG  1 
ATOM   883  C CD1 . TYR A 1 117 ? -8.457  -2.725  8.509   1.00 28.65  ? 117 TYR A CD1 1 
ATOM   884  C CD2 . TYR A 1 117 ? -9.803  -0.881  9.286   1.00 26.92  ? 117 TYR A CD2 1 
ATOM   885  C CE1 . TYR A 1 117 ? -9.213  -2.788  7.317   1.00 30.27  ? 117 TYR A CE1 1 
ATOM   886  C CE2 . TYR A 1 117 ? -10.537 -0.959  8.125   1.00 30.73  ? 117 TYR A CE2 1 
ATOM   887  C CZ  . TYR A 1 117 ? -10.220 -1.901  7.146   1.00 31.29  ? 117 TYR A CZ  1 
ATOM   888  O OH  . TYR A 1 117 ? -10.981 -1.963  6.029   1.00 35.53  ? 117 TYR A OH  1 
ATOM   889  N N   . GLY A 1 118 ? -5.615  -0.613  8.615   1.00 23.64  ? 118 GLY A N   1 
ATOM   890  C CA  . GLY A 1 118 ? -4.843  -1.094  7.461   1.00 22.73  ? 118 GLY A CA  1 
ATOM   891  C C   . GLY A 1 118 ? -4.461  0.028   6.516   1.00 24.05  ? 118 GLY A C   1 
ATOM   892  O O   . GLY A 1 118 ? -4.828  1.222   6.710   1.00 23.18  ? 118 GLY A O   1 
ATOM   893  N N   . VAL A 1 119 ? -3.702  -0.365  5.498   1.00 19.40  ? 119 VAL A N   1 
ATOM   894  C CA  . VAL A 1 119 ? -3.279  0.555   4.464   1.00 20.91  ? 119 VAL A CA  1 
ATOM   895  C C   . VAL A 1 119 ? -3.550  -0.034  3.117   1.00 22.86  ? 119 VAL A C   1 
ATOM   896  O O   . VAL A 1 119 ? -3.147  -1.157  2.872   1.00 21.36  ? 119 VAL A O   1 
ATOM   897  C CB  . VAL A 1 119 ? -1.795  0.950   4.604   1.00 22.87  ? 119 VAL A CB  1 
ATOM   898  C CG1 . VAL A 1 119 ? -1.423  1.961   3.531   1.00 22.05  ? 119 VAL A CG1 1 
ATOM   899  C CG2 . VAL A 1 119 ? -1.522  1.501   6.002   1.00 25.80  ? 119 VAL A CG2 1 
ATOM   900  N N   . LEU A 1 120 ? -4.275  0.715   2.259   1.00 20.20  ? 120 LEU A N   1 
ATOM   901  C CA  . LEU A 1 120 ? -4.464  0.366   0.862   1.00 18.73  ? 120 LEU A CA  1 
ATOM   902  C C   . LEU A 1 120 ? -3.495  1.153   -0.022  1.00 21.54  ? 120 LEU A C   1 
ATOM   903  O O   . LEU A 1 120 ? -3.482  2.418   -0.026  1.00 20.45  ? 120 LEU A O   1 
ATOM   904  C CB  . LEU A 1 120 ? -5.884  0.662   0.422   1.00 20.92  ? 120 LEU A CB  1 
ATOM   905  C CG  . LEU A 1 120 ? -6.287  0.530   -0.990  1.00 20.00  ? 120 LEU A CG  1 
ATOM   906  C CD1 . LEU A 1 120 ? -6.138  -0.892  -1.488  1.00 24.98  ? 120 LEU A CD1 1 
ATOM   907  C CD2 . LEU A 1 120 ? -7.757  0.978   -1.167  1.00 23.75  ? 120 LEU A CD2 1 
ATOM   908  N N   . LEU A 1 121 ? -2.632  0.429   -0.692  1.00 20.52  ? 121 LEU A N   1 
ATOM   909  C CA  . LEU A 1 121 ? -1.576  1.019   -1.550  1.00 19.81  ? 121 LEU A CA  1 
ATOM   910  C C   . LEU A 1 121 ? -1.940  0.791   -3.010  1.00 20.24  ? 121 LEU A C   1 
ATOM   911  O O   . LEU A 1 121 ? -2.337  -0.351  -3.381  1.00 20.53  ? 121 LEU A O   1 
ATOM   912  C CB  . LEU A 1 121 ? -0.245  0.407   -1.223  1.00 21.58  ? 121 LEU A CB  1 
ATOM   913  C CG  . LEU A 1 121 ? 0.824   0.747   -2.265  1.00 25.07  ? 121 LEU A CG  1 
ATOM   914  C CD1 . LEU A 1 121 ? 1.190   2.151   -2.173  1.00 27.08  ? 121 LEU A CD1 1 
ATOM   915  C CD2 . LEU A 1 121 ? 2.055   -0.160  -2.083  1.00 31.07  ? 121 LEU A CD2 1 
ATOM   916  N N   . PHE A 1 122 ? -1.977  1.890   -3.789  1.00 17.94  ? 122 PHE A N   1 
ATOM   917  C CA  . PHE A 1 122 ? -2.116  1.829   -5.262  1.00 20.09  ? 122 PHE A CA  1 
ATOM   918  C C   . PHE A 1 122 ? -0.763  2.219   -5.827  1.00 20.56  ? 122 PHE A C   1 
ATOM   919  O O   . PHE A 1 122 ? -0.153  3.243   -5.421  1.00 19.92  ? 122 PHE A O   1 
ATOM   920  C CB  . PHE A 1 122 ? -3.202  2.806   -5.749  1.00 21.89  ? 122 PHE A CB  1 
ATOM   921  C CG  . PHE A 1 122 ? -4.599  2.396   -5.360  1.00 21.53  ? 122 PHE A CG  1 
ATOM   922  C CD1 . PHE A 1 122 ? -5.217  1.373   -6.076  1.00 27.65  ? 122 PHE A CD1 1 
ATOM   923  C CD2 . PHE A 1 122 ? -5.310  3.077   -4.414  1.00 30.40  ? 122 PHE A CD2 1 
ATOM   924  C CE1 . PHE A 1 122 ? -6.528  1.004   -5.760  1.00 26.52  ? 122 PHE A CE1 1 
ATOM   925  C CE2 . PHE A 1 122 ? -6.628  2.734   -4.109  1.00 29.37  ? 122 PHE A CE2 1 
ATOM   926  C CZ  . PHE A 1 122 ? -7.229  1.694   -4.794  1.00 29.06  ? 122 PHE A CZ  1 
ATOM   927  N N   . GLY A 1 123 ? -0.258  1.415   -6.746  1.00 18.95  ? 123 GLY A N   1 
ATOM   928  C CA  . GLY A 1 123 ? 1.032   1.703   -7.371  1.00 19.74  ? 123 GLY A CA  1 
ATOM   929  C C   . GLY A 1 123 ? 1.064   1.670   -8.892  1.00 21.08  ? 123 GLY A C   1 
ATOM   930  O O   . GLY A 1 123 ? 0.362   0.862   -9.485  1.00 19.94  ? 123 GLY A O   1 
ATOM   931  N N   . GLN A 1 124 ? 1.818   2.569   -9.501  1.00 19.26  ? 124 GLN A N   1 
ATOM   932  C CA  . GLN A 1 124 ? 2.084   2.525   -10.942 1.00 19.00  ? 124 GLN A CA  1 
ATOM   933  C C   . GLN A 1 124 ? 3.490   2.067   -11.213 1.00 18.55  ? 124 GLN A C   1 
ATOM   934  O O   . GLN A 1 124 ? 4.416   2.334   -10.399 1.00 19.34  ? 124 GLN A O   1 
ATOM   935  C CB  . GLN A 1 124 ? 1.879   3.888   -11.606 1.00 18.61  ? 124 GLN A CB  1 
ATOM   936  C CG  . GLN A 1 124 ? 0.464   4.447   -11.442 1.00 19.10  ? 124 GLN A CG  1 
ATOM   937  C CD  . GLN A 1 124 ? -0.585  3.746   -12.259 1.00 22.51  ? 124 GLN A CD  1 
ATOM   938  O OE1 . GLN A 1 124 ? -0.651  2.512   -12.310 1.00 21.71  ? 124 GLN A OE1 1 
ATOM   939  N NE2 . GLN A 1 124 ? -1.433  4.531   -12.938 1.00 24.25  ? 124 GLN A NE2 1 
ATOM   940  N N   . ARG A 1 125 ? 3.669   1.477   -12.395 1.00 19.93  ? 125 ARG A N   1 
ATOM   941  C CA  . ARG A 1 125 ? 4.979   1.159   -12.908 1.00 20.66  ? 125 ARG A CA  1 
ATOM   942  C C   . ARG A 1 125 ? 5.239   1.950   -14.179 1.00 20.41  ? 125 ARG A C   1 
ATOM   943  O O   . ARG A 1 125 ? 4.356   2.563   -14.749 1.00 21.25  ? 125 ARG A O   1 
ATOM   944  C CB  . ARG A 1 125 ? 5.056   -0.345  -13.233 1.00 21.14  ? 125 ARG A CB  1 
ATOM   945  C CG  . ARG A 1 125 ? 4.922   -1.181  -11.956 1.00 20.06  ? 125 ARG A CG  1 
ATOM   946  C CD  . ARG A 1 125 ? 5.407   -2.611  -12.168 1.00 22.17  ? 125 ARG A CD  1 
ATOM   947  N NE  . ARG A 1 125 ? 4.911   -3.441  -11.076 1.00 20.83  ? 125 ARG A NE  1 
ATOM   948  C CZ  . ARG A 1 125 ? 3.742   -4.086  -11.064 1.00 21.73  ? 125 ARG A CZ  1 
ATOM   949  N NH1 . ARG A 1 125 ? 2.922   -4.076  -12.122 1.00 20.90  ? 125 ARG A NH1 1 
ATOM   950  N NH2 . ARG A 1 125 ? 3.383   -4.706  -9.956  1.00 21.75  ? 125 ARG A NH2 1 
ATOM   951  N N   . ASP A 1 126 ? 6.487   1.957   -14.586 1.00 20.58  ? 126 ASP A N   1 
ATOM   952  C CA  . ASP A 1 126 ? 6.914   2.419   -15.962 1.00 19.89  ? 126 ASP A CA  1 
ATOM   953  C C   . ASP A 1 126 ? 6.605   3.876   -16.192 1.00 22.16  ? 126 ASP A C   1 
ATOM   954  O O   . ASP A 1 126 ? 6.493   4.317   -17.344 1.00 22.85  ? 126 ASP A O   1 
ATOM   955  C CB  . ASP A 1 126 ? 6.305   1.570   -17.094 1.00 19.24  ? 126 ASP A CB  1 
ATOM   956  C CG  . ASP A 1 126 ? 6.597   0.081   -16.919 1.00 22.57  ? 126 ASP A CG  1 
ATOM   957  O OD1 . ASP A 1 126 ? 7.802   -0.244  -16.837 1.00 24.05  ? 126 ASP A OD1 1 
ATOM   958  O OD2 . ASP A 1 126 ? 5.631   -0.724  -16.928 1.00 26.51  ? 126 ASP A OD2 1 
ATOM   959  N N   . GLY A 1 127 ? 6.440   4.630   -15.086 1.00 19.83  ? 127 GLY A N   1 
ATOM   960  C CA  . GLY A 1 127 ? 6.208   6.092   -15.223 1.00 21.62  ? 127 GLY A CA  1 
ATOM   961  C C   . GLY A 1 127 ? 4.797   6.488   -15.482 1.00 20.89  ? 127 GLY A C   1 
ATOM   962  O O   . GLY A 1 127 ? 4.533   7.673   -15.782 1.00 24.68  ? 127 GLY A O   1 
ATOM   963  N N   . ARG A 1 128 ? 3.869   5.561   -15.407 1.00 21.11  ? 128 ARG A N   1 
ATOM   964  C CA  . ARG A 1 128 ? 2.452   5.885   -15.602 1.00 23.75  ? 128 ARG A CA  1 
ATOM   965  C C   . ARG A 1 128 ? 2.064   6.782   -14.410 1.00 21.78  ? 128 ARG A C   1 
ATOM   966  O O   . ARG A 1 128 ? 2.271   6.452   -13.245 1.00 22.85  ? 128 ARG A O   1 
ATOM   967  C CB  . ARG A 1 128 ? 1.531   4.664   -15.633 1.00 27.59  ? 128 ARG A CB  1 
ATOM   968  C CG  . ARG A 1 128 ? 1.649   3.761   -16.858 1.00 27.77  ? 128 ARG A CG  1 
ATOM   969  C CD  . ARG A 1 128 ? 0.561   2.672   -16.862 1.00 27.38  ? 128 ARG A CD  1 
ATOM   970  N NE  . ARG A 1 128 ? -0.774  3.321   -16.827 1.00 28.61  ? 128 ARG A NE  1 
ATOM   971  C CZ  . ARG A 1 128 ? -1.835  2.966   -16.106 1.00 26.57  ? 128 ARG A CZ  1 
ATOM   972  N NH1 . ARG A 1 128 ? -2.953  3.765   -16.122 1.00 28.48  ? 128 ARG A NH1 1 
ATOM   973  N NH2 . ARG A 1 128 ? -1.824  1.883   -15.351 1.00 25.88  ? 128 ARG A NH2 1 
ATOM   974  N N   . PRO A 1 129 ? 1.481   7.937   -14.690 1.00 23.90  ? 129 PRO A N   1 
ATOM   975  C CA  . PRO A 1 129 ? 0.976   8.772   -13.591 1.00 24.98  ? 129 PRO A CA  1 
ATOM   976  C C   . PRO A 1 129 ? -0.220  8.198   -12.796 1.00 23.43  ? 129 PRO A C   1 
ATOM   977  O O   . PRO A 1 129 ? -1.051  7.370   -13.307 1.00 24.15  ? 129 PRO A O   1 
ATOM   978  C CB  . PRO A 1 129 ? 0.568   10.076  -14.310 1.00 29.13  ? 129 PRO A CB  1 
ATOM   979  C CG  . PRO A 1 129 ? 1.415   10.083  -15.537 1.00 26.78  ? 129 PRO A CG  1 
ATOM   980  C CD  . PRO A 1 129 ? 1.415   8.637   -15.991 1.00 25.78  ? 129 PRO A CD  1 
ATOM   981  N N   . LEU A 1 130 ? -0.326  8.653   -11.566 1.00 22.46  ? 130 LEU A N   1 
ATOM   982  C CA  . LEU A 1 130 ? -1.462  8.379   -10.727 1.00 24.51  ? 130 LEU A CA  1 
ATOM   983  C C   . LEU A 1 130 ? -2.698  8.965   -11.436 1.00 28.20  ? 130 LEU A C   1 
ATOM   984  O O   . LEU A 1 130 ? -2.670  10.097  -11.767 1.00 27.62  ? 130 LEU A O   1 
ATOM   985  C CB  . LEU A 1 130 ? -1.306  9.080   -9.398  1.00 29.12  ? 130 LEU A CB  1 
ATOM   986  C CG  . LEU A 1 130 ? -0.133  8.645   -8.513  1.00 27.15  ? 130 LEU A CG  1 
ATOM   987  C CD1 . LEU A 1 130 ? -0.058  9.539   -7.292  1.00 26.74  ? 130 LEU A CD1 1 
ATOM   988  C CD2 . LEU A 1 130 ? -0.223  7.174   -8.139  1.00 26.00  ? 130 LEU A CD2 1 
ATOM   989  N N   . PRO A 1 131 ? -3.761  8.182   -11.655 1.00 24.41  ? 131 PRO A N   1 
ATOM   990  C CA  . PRO A 1 131 ? -4.900  8.836   -12.304 1.00 27.95  ? 131 PRO A CA  1 
ATOM   991  C C   . PRO A 1 131 ? -5.562  9.890   -11.470 1.00 26.66  ? 131 PRO A C   1 
ATOM   992  O O   . PRO A 1 131 ? -5.928  10.882  -12.026 1.00 36.21  ? 131 PRO A O   1 
ATOM   993  C CB  . PRO A 1 131 ? -5.856  7.678   -12.626 1.00 26.64  ? 131 PRO A CB  1 
ATOM   994  C CG  . PRO A 1 131 ? -5.022  6.462   -12.661 1.00 28.46  ? 131 PRO A CG  1 
ATOM   995  C CD  . PRO A 1 131 ? -3.972  6.752   -11.549 1.00 25.95  ? 131 PRO A CD  1 
ATOM   996  N N   . LYS A 1 132 ? -5.776  9.627   -10.169 1.00 26.11  ? 132 LYS A N   1 
ATOM   997  C CA  . LYS A 1 132 ? -6.582  10.434  -9.263  1.00 27.88  ? 132 LYS A CA  1 
ATOM   998  C C   . LYS A 1 132 ? -6.204  10.140  -7.797  1.00 31.83  ? 132 LYS A C   1 
ATOM   999  O O   . LYS A 1 132 ? -5.952  8.991   -7.434  1.00 31.13  ? 132 LYS A O   1 
ATOM   1000 C CB  . LYS A 1 132 ? -8.027  10.042  -9.496  1.00 30.15  ? 132 LYS A CB  1 
ATOM   1001 C CG  . LYS A 1 132 ? -9.001  10.647  -8.589  1.00 29.22  ? 132 LYS A CG  1 
ATOM   1002 C CD  . LYS A 1 132 ? -10.437 10.252  -9.003  1.00 24.01  ? 132 LYS A CD  1 
ATOM   1003 C CE  . LYS A 1 132 ? -11.352 11.157  -8.298  1.00 24.90  ? 132 LYS A CE  1 
ATOM   1004 N NZ  . LYS A 1 132 ? -12.755 10.929  -8.763  1.00 23.82  ? 132 LYS A NZ  1 
ATOM   1005 N N   . ILE A 1 133 ? -6.159  11.180  -6.976  1.00 30.44  ? 133 ILE A N   1 
ATOM   1006 C CA  . ILE A 1 133 ? -5.814  11.069  -5.534  1.00 34.81  ? 133 ILE A CA  1 
ATOM   1007 C C   . ILE A 1 133 ? -7.158  10.910  -4.805  1.00 39.17  ? 133 ILE A C   1 
ATOM   1008 O O   . ILE A 1 133 ? -8.028  11.747  -5.000  1.00 48.38  ? 133 ILE A O   1 
ATOM   1009 C CB  . ILE A 1 133 ? -5.165  12.432  -5.133  1.00 32.05  ? 133 ILE A CB  1 
ATOM   1010 C CG1 . ILE A 1 133 ? -3.908  12.629  -5.973  1.00 43.69  ? 133 ILE A CG1 1 
ATOM   1011 C CG2 . ILE A 1 133 ? -4.814  12.537  -3.669  1.00 36.73  ? 133 ILE A CG2 1 
ATOM   1012 C CD1 . ILE A 1 133 ? -2.923  11.467  -5.874  1.00 39.84  ? 133 ILE A CD1 1 
ATOM   1013 N N   . PHE A 1 134 ? -7.329  9.868   -3.995  1.00 29.39  ? 134 PHE A N   1 
ATOM   1014 C CA  . PHE A 1 134 ? -8.507  9.647   -3.175  1.00 33.32  ? 134 PHE A CA  1 
ATOM   1015 C C   . PHE A 1 134 ? -8.353  10.082  -1.726  1.00 37.19  ? 134 PHE A C   1 
ATOM   1016 O O   . PHE A 1 134 ? -7.304  9.898   -1.115  1.00 42.83  ? 134 PHE A O   1 
ATOM   1017 C CB  . PHE A 1 134 ? -8.856  8.153   -3.157  1.00 30.05  ? 134 PHE A CB  1 
ATOM   1018 C CG  . PHE A 1 134 ? -9.086  7.608   -4.512  1.00 30.25  ? 134 PHE A CG  1 
ATOM   1019 C CD1 . PHE A 1 134 ? -10.064 8.161   -5.296  1.00 35.23  ? 134 PHE A CD1 1 
ATOM   1020 C CD2 . PHE A 1 134 ? -8.321  6.565   -5.010  1.00 38.14  ? 134 PHE A CD2 1 
ATOM   1021 C CE1 . PHE A 1 134 ? -10.295 7.675   -6.578  1.00 39.71  ? 134 PHE A CE1 1 
ATOM   1022 C CE2 . PHE A 1 134 ? -8.546  6.064   -6.288  1.00 37.60  ? 134 PHE A CE2 1 
ATOM   1023 C CZ  . PHE A 1 134 ? -9.524  6.639   -7.077  1.00 38.12  ? 134 PHE A CZ  1 
ATOM   1024 N N   . ASP A 1 135 ? -9.455  10.631  -1.225  1.00 42.33  ? 135 ASP A N   1 
ATOM   1025 C CA  . ASP A 1 135 ? -9.674  11.017  0.167   1.00 48.47  ? 135 ASP A CA  1 
ATOM   1026 C C   . ASP A 1 135 ? -10.106 9.830   0.969   1.00 47.84  ? 135 ASP A C   1 
ATOM   1027 O O   . ASP A 1 135 ? -10.430 8.800   0.397   1.00 40.44  ? 135 ASP A O   1 
ATOM   1028 C CB  . ASP A 1 135 ? -10.879 11.996  0.248   1.00 51.38  ? 135 ASP A CB  1 
ATOM   1029 C CG  . ASP A 1 135 ? -10.487 13.356  0.579   1.00 52.59  ? 135 ASP A CG  1 
ATOM   1030 O OD1 . ASP A 1 135 ? -11.328 14.236  0.343   1.00 64.34  ? 135 ASP A OD1 1 
ATOM   1031 O OD2 . ASP A 1 135 ? -9.370  13.567  1.080   1.00 73.63  ? 135 ASP A OD2 1 
ATOM   1032 N N   . ASN A 1 136 ? -10.211 10.024  2.283   1.00 48.39  ? 136 ASN A N   1 
ATOM   1033 C CA  . ASN A 1 136 ? -10.864 9.056   3.170   1.00 49.57  ? 136 ASN A CA  1 
ATOM   1034 C C   . ASN A 1 136 ? -12.314 8.862   2.792   1.00 45.13  ? 136 ASN A C   1 
ATOM   1035 O O   . ASN A 1 136 ? -12.822 7.749   2.795   1.00 41.67  ? 136 ASN A O   1 
ATOM   1036 C CB  . ASN A 1 136 ? -10.833 9.523   4.641   1.00 51.06  ? 136 ASN A CB  1 
ATOM   1037 C CG  . ASN A 1 136 ? -9.449  9.490   5.262   1.00 46.30  ? 136 ASN A CG  1 
ATOM   1038 O OD1 . ASN A 1 136 ? -8.655  8.588   5.021   1.00 43.36  ? 136 ASN A OD1 1 
ATOM   1039 N ND2 . ASN A 1 136 ? -9.185  10.462  6.135   1.00 53.61  ? 136 ASN A ND2 1 
ATOM   1040 N N   . ASP A 1 137 ? -13.003 9.966   2.515   1.00 46.34  ? 137 ASP A N   1 
ATOM   1041 C CA  . ASP A 1 137 ? -14.394 9.891   2.054   1.00 46.30  ? 137 ASP A CA  1 
ATOM   1042 C C   . ASP A 1 137 ? -14.478 9.047   0.763   1.00 39.08  ? 137 ASP A C   1 
ATOM   1043 O O   . ASP A 1 137 ? -15.310 8.138   0.646   1.00 44.80  ? 137 ASP A O   1 
ATOM   1044 C CB  . ASP A 1 137 ? -15.010 11.304  1.888   1.00 49.10  ? 137 ASP A CB  1 
ATOM   1045 C CG  . ASP A 1 137 ? -14.723 12.250  3.112   1.00 60.30  ? 137 ASP A CG  1 
ATOM   1046 O OD1 . ASP A 1 137 ? -14.362 11.793  4.239   1.00 59.79  ? 137 ASP A OD1 1 
ATOM   1047 O OD2 . ASP A 1 137 ? -14.845 13.477  2.926   1.00 62.63  ? 137 ASP A OD2 1 
ATOM   1048 N N   . ASP A 1 138 ? -13.536 9.247   -0.163  1.00 37.13  ? 138 ASP A N   1 
ATOM   1049 C CA  . ASP A 1 138 ? -13.581 8.507   -1.451  1.00 37.87  ? 138 ASP A CA  1 
ATOM   1050 C C   . ASP A 1 138 ? -13.403 7.010   -1.228  1.00 40.65  ? 138 ASP A C   1 
ATOM   1051 O O   . ASP A 1 138 ? -14.147 6.171   -1.763  1.00 42.19  ? 138 ASP A O   1 
ATOM   1052 C CB  . ASP A 1 138 ? -12.499 9.004   -2.393  1.00 39.16  ? 138 ASP A CB  1 
ATOM   1053 C CG  . ASP A 1 138 ? -12.645 10.480  -2.756  1.00 46.52  ? 138 ASP A CG  1 
ATOM   1054 O OD1 . ASP A 1 138 ? -13.799 10.946  -2.893  1.00 46.57  ? 138 ASP A OD1 1 
ATOM   1055 O OD2 . ASP A 1 138 ? -11.583 11.154  -2.915  1.00 40.46  ? 138 ASP A OD2 1 
ATOM   1056 N N   . ILE A 1 139 ? -12.417 6.678   -0.409  1.00 38.40  ? 139 ILE A N   1 
ATOM   1057 C CA  . ILE A 1 139 ? -12.160 5.253   -0.121  1.00 44.72  ? 139 ILE A CA  1 
ATOM   1058 C C   . ILE A 1 139 ? -13.321 4.587   0.594   1.00 49.90  ? 139 ILE A C   1 
ATOM   1059 O O   . ILE A 1 139 ? -13.595 3.449   0.315   1.00 59.14  ? 139 ILE A O   1 
ATOM   1060 C CB  . ILE A 1 139 ? -10.897 5.068   0.709   1.00 43.32  ? 139 ILE A CB  1 
ATOM   1061 C CG1 . ILE A 1 139 ? -9.702  5.698   -0.014  1.00 39.18  ? 139 ILE A CG1 1 
ATOM   1062 C CG2 . ILE A 1 139 ? -10.624 3.583   0.963   1.00 45.11  ? 139 ILE A CG2 1 
ATOM   1063 C CD1 . ILE A 1 139 ? -9.393  5.148   -1.378  1.00 38.52  ? 139 ILE A CD1 1 
ATOM   1064 N N   . GLN A 1 140 ? -14.011 5.281   1.494   1.00 57.15  ? 140 GLN A N   1 
ATOM   1065 C CA  . GLN A 1 140 ? -15.261 4.733   2.077   1.00 59.18  ? 140 GLN A CA  1 
ATOM   1066 C C   . GLN A 1 140 ? -16.396 4.509   1.065   1.00 61.73  ? 140 GLN A C   1 
ATOM   1067 O O   . GLN A 1 140 ? -17.247 3.640   1.271   1.00 59.98  ? 140 GLN A O   1 
ATOM   1068 C CB  . GLN A 1 140 ? -15.779 5.574   3.253   1.00 59.79  ? 140 GLN A CB  1 
ATOM   1069 C CG  . GLN A 1 140 ? -15.413 4.998   4.614   1.00 70.36  ? 140 GLN A CG  1 
ATOM   1070 C CD  . GLN A 1 140 ? -16.089 3.662   4.943   1.00 74.63  ? 140 GLN A CD  1 
ATOM   1071 O OE1 . GLN A 1 140 ? -16.486 2.891   4.058   1.00 86.03  ? 140 GLN A OE1 1 
ATOM   1072 N NE2 . GLN A 1 140 ? -16.203 3.375   6.234   1.00 81.26  ? 140 GLN A NE2 1 
ATOM   1073 N N   . ARG A 1 141 ? -16.372 5.267   -0.026  1.00 69.40  ? 141 ARG A N   1 
ATOM   1074 C CA  . ARG A 1 141 ? -17.235 5.036   -1.195  1.00 71.10  ? 141 ARG A CA  1 
ATOM   1075 C C   . ARG A 1 141 ? -16.724 3.902   -2.111  1.00 75.11  ? 141 ARG A C   1 
ATOM   1076 O O   . ARG A 1 141 ? -17.298 3.693   -3.174  1.00 83.44  ? 141 ARG A O   1 
ATOM   1077 C CB  . ARG A 1 141 ? -17.392 6.340   -2.011  1.00 76.17  ? 141 ARG A CB  1 
ATOM   1078 C CG  . ARG A 1 141 ? -18.322 7.411   -1.446  1.00 76.67  ? 141 ARG A CG  1 
ATOM   1079 C CD  . ARG A 1 141 ? -18.339 7.472   0.075   1.00 83.92  ? 141 ARG A CD  1 
ATOM   1080 N NE  . ARG A 1 141 ? -18.543 8.824   0.601   1.00 91.08  ? 141 ARG A NE  1 
ATOM   1081 C CZ  . ARG A 1 141 ? -19.425 9.181   1.547   1.00 91.27  ? 141 ARG A CZ  1 
ATOM   1082 N NH1 . ARG A 1 141 ? -19.487 10.456  1.922   1.00 96.41  ? 141 ARG A NH1 1 
ATOM   1083 N NH2 . ARG A 1 141 ? -20.245 8.301   2.130   1.00 85.93  ? 141 ARG A NH2 1 
ATOM   1084 N N   . LYS A 1 142 ? -15.642 3.200   -1.728  1.00 71.90  ? 142 LYS A N   1 
ATOM   1085 C CA  . LYS A 1 142 ? -15.188 1.930   -2.367  1.00 66.92  ? 142 LYS A CA  1 
ATOM   1086 C C   . LYS A 1 142 ? -16.335 1.077   -2.869  1.00 68.08  ? 142 LYS A C   1 
ATOM   1087 O O   . LYS A 1 142 ? -16.388 -0.126  -2.606  1.00 75.16  ? 142 LYS A O   1 
ATOM   1088 C CB  . LYS A 1 142 ? -14.338 1.072   -1.389  1.00 59.50  ? 142 LYS A CB  1 
ATOM   1089 C CG  . LYS A 1 142 ? -14.926 0.984   0.040   1.00 66.50  ? 142 LYS A CG  1 
ATOM   1090 C CD  . LYS A 1 142 ? -15.265 -0.395  0.577   1.00 64.14  ? 142 LYS A CD  1 
ATOM   1091 C CE  . LYS A 1 142 ? -16.213 -0.209  1.754   1.00 64.25  ? 142 LYS A CE  1 
ATOM   1092 N NZ  . LYS A 1 142 ? -16.347 -1.421  2.587   1.00 66.73  ? 142 LYS A NZ  1 
HETATM 1093 C C1  . EDO B 2 .   ? 6.733   -1.281  2.429   1.00 21.81  ? 201 EDO A C1  1 
HETATM 1094 O O1  . EDO B 2 .   ? 6.966   -1.958  1.400   1.00 33.37  ? 201 EDO A O1  1 
HETATM 1095 C C2  . EDO B 2 .   ? 6.379   0.031   2.205   1.00 25.41  ? 201 EDO A C2  1 
HETATM 1096 O O2  . EDO B 2 .   ? 5.760   0.294   3.383   1.00 37.36  ? 201 EDO A O2  1 
HETATM 1097 C C1  . EDO C 2 .   ? -6.644  8.069   16.397  1.00 50.80  ? 202 EDO A C1  1 
HETATM 1098 O O1  . EDO C 2 .   ? -7.674  8.396   15.446  1.00 44.89  ? 202 EDO A O1  1 
HETATM 1099 C C2  . EDO C 2 .   ? -5.553  7.195   15.763  1.00 48.23  ? 202 EDO A C2  1 
HETATM 1100 O O2  . EDO C 2 .   ? -4.479  6.945   16.699  1.00 59.55  ? 202 EDO A O2  1 
HETATM 1101 C C1  . EDO D 2 .   ? 10.755  5.989   -14.388 1.00 48.16  ? 203 EDO A C1  1 
HETATM 1102 O O1  . EDO D 2 .   ? 9.950   7.010   -13.760 1.00 43.33  ? 203 EDO A O1  1 
HETATM 1103 C C2  . EDO D 2 .   ? 10.012  5.281   -15.517 1.00 49.55  ? 203 EDO A C2  1 
HETATM 1104 O O2  . EDO D 2 .   ? 10.310  3.870   -15.501 1.00 54.66  ? 203 EDO A O2  1 
HETATM 1105 O O   . HOH E 3 .   ? -6.248  7.049   -8.603  1.00 31.55  ? 301 HOH A O   1 
HETATM 1106 O O   . HOH E 3 .   ? -6.874  -10.462 -11.823 1.00 32.22  ? 302 HOH A O   1 
HETATM 1107 O O   . HOH E 3 .   ? 22.461  4.465   1.721   1.00 39.39  ? 303 HOH A O   1 
HETATM 1108 O O   . HOH E 3 .   ? -8.451  6.792   3.378   1.00 38.16  ? 304 HOH A O   1 
HETATM 1109 O O   . HOH E 3 .   ? 23.664  9.511   -1.395  1.00 32.29  ? 305 HOH A O   1 
HETATM 1110 O O   . HOH E 3 .   ? -8.845  14.015  3.474   1.00 53.19  ? 306 HOH A O   1 
HETATM 1111 O O   . HOH E 3 .   ? -8.097  15.768  1.245   1.00 43.83  ? 307 HOH A O   1 
HETATM 1112 O O   . HOH E 3 .   ? 17.343  11.190  -1.274  1.00 41.66  ? 308 HOH A O   1 
HETATM 1113 O O   . HOH E 3 .   ? -13.932 4.759   -7.665  1.00 43.33  ? 309 HOH A O   1 
HETATM 1114 O O   . HOH E 3 .   ? 4.799   6.488   -12.362 1.00 21.67  ? 310 HOH A O   1 
HETATM 1115 O O   . HOH E 3 .   ? -2.329  -1.795  -15.507 1.00 39.50  ? 311 HOH A O   1 
HETATM 1116 O O   . HOH E 3 .   ? 4.577   4.135   -19.087 1.00 40.97  ? 312 HOH A O   1 
HETATM 1117 O O   . HOH E 3 .   ? -9.875  13.324  -5.920  1.00 43.62  ? 313 HOH A O   1 
HETATM 1118 O O   . HOH E 3 .   ? -12.207 6.541   -10.292 1.00 22.20  ? 314 HOH A O   1 
HETATM 1119 O O   . HOH E 3 .   ? 7.614   -13.515 -10.816 1.00 31.92  ? 315 HOH A O   1 
HETATM 1120 O O   . HOH E 3 .   ? -2.322  -11.600 -2.551  1.00 25.28  ? 316 HOH A O   1 
HETATM 1121 O O   . HOH E 3 .   ? 10.507  -5.622  -9.569  1.00 36.22  ? 317 HOH A O   1 
HETATM 1122 O O   . HOH E 3 .   ? -3.320  16.514  -1.289  1.00 42.28  ? 318 HOH A O   1 
HETATM 1123 O O   . HOH E 3 .   ? -1.825  -12.994 -0.116  1.00 50.10  ? 319 HOH A O   1 
HETATM 1124 O O   . HOH E 3 .   ? -8.193  5.839   -10.237 1.00 28.54  ? 320 HOH A O   1 
HETATM 1125 O O   . HOH E 3 .   ? 6.836   -8.069  -4.511  1.00 21.87  ? 321 HOH A O   1 
HETATM 1126 O O   . HOH E 3 .   ? 5.600   9.247   -12.008 1.00 23.89  ? 322 HOH A O   1 
HETATM 1127 O O   . HOH E 3 .   ? 3.242   -11.865 14.737  1.00 43.21  ? 323 HOH A O   1 
HETATM 1128 O O   . HOH E 3 .   ? 10.190  6.734   -10.473 1.00 30.32  ? 324 HOH A O   1 
HETATM 1129 O O   . HOH E 3 .   ? -4.026  -4.289  11.425  1.00 23.01  ? 325 HOH A O   1 
HETATM 1130 O O   . HOH E 3 .   ? -9.139  -23.467 -4.411  1.00 57.03  ? 326 HOH A O   1 
HETATM 1131 O O   . HOH E 3 .   ? 12.586  8.153   2.977   1.00 44.42  ? 327 HOH A O   1 
HETATM 1132 O O   . HOH E 3 .   ? 4.841   -8.172  3.748   1.00 24.38  ? 328 HOH A O   1 
HETATM 1133 O O   . HOH E 3 .   ? 1.095   -14.150 -4.462  1.00 54.25  ? 329 HOH A O   1 
HETATM 1134 O O   . HOH E 3 .   ? 8.541   0.164   -13.259 1.00 20.43  ? 330 HOH A O   1 
HETATM 1135 O O   . HOH E 3 .   ? -2.383  -10.238 -9.555  1.00 24.75  ? 331 HOH A O   1 
HETATM 1136 O O   . HOH E 3 .   ? -4.768  -14.293 -1.895  1.00 49.62  ? 332 HOH A O   1 
HETATM 1137 O O   . HOH E 3 .   ? 13.195  -1.923  -8.046  1.00 32.77  ? 333 HOH A O   1 
HETATM 1138 O O   . HOH E 3 .   ? 1.916   12.685  0.736   1.00 33.63  ? 334 HOH A O   1 
HETATM 1139 O O   . HOH E 3 .   ? 4.126   13.696  -5.095  1.00 30.38  ? 335 HOH A O   1 
HETATM 1140 O O   . HOH E 3 .   ? 11.980  9.830   -12.492 1.00 45.74  ? 336 HOH A O   1 
HETATM 1141 O O   . HOH E 3 .   ? 5.030   10.153  -14.517 1.00 37.01  ? 337 HOH A O   1 
HETATM 1142 O O   . HOH E 3 .   ? 1.832   10.560  -10.727 1.00 25.10  ? 338 HOH A O   1 
HETATM 1143 O O   . HOH E 3 .   ? -12.215 0.548   5.479   1.00 49.35  ? 339 HOH A O   1 
HETATM 1144 O O   . HOH E 3 .   ? -2.442  7.956   -15.731 1.00 28.60  ? 340 HOH A O   1 
HETATM 1145 O O   . HOH E 3 .   ? 14.612  5.205   -8.091  1.00 41.34  ? 341 HOH A O   1 
HETATM 1146 O O   . HOH E 3 .   ? 4.066   -4.595  -14.701 1.00 22.99  ? 342 HOH A O   1 
HETATM 1147 O O   . HOH E 3 .   ? 11.423  -5.816  5.649   1.00 42.15  ? 343 HOH A O   1 
HETATM 1148 O O   . HOH E 3 .   ? 1.326   9.579   6.078   1.00 38.05  ? 344 HOH A O   1 
HETATM 1149 O O   . HOH E 3 .   ? -16.509 3.192   10.509  1.00 38.57  ? 345 HOH A O   1 
HETATM 1150 O O   . HOH E 3 .   ? 8.847   -14.398 -6.218  1.00 34.43  ? 346 HOH A O   1 
HETATM 1151 O O   . HOH E 3 .   ? -11.168 -8.670  -11.655 1.00 36.87  ? 347 HOH A O   1 
HETATM 1152 O O   . HOH E 3 .   ? -13.989 5.743   10.767  1.00 32.38  ? 348 HOH A O   1 
HETATM 1153 O O   . HOH E 3 .   ? -1.256  6.077   -17.781 1.00 33.76  ? 349 HOH A O   1 
HETATM 1154 O O   . HOH E 3 .   ? -14.192 11.569  -6.256  1.00 33.58  ? 350 HOH A O   1 
HETATM 1155 O O   . HOH E 3 .   ? 11.547  -13.758 -6.513  1.00 28.48  ? 351 HOH A O   1 
HETATM 1156 O O   . HOH E 3 .   ? -7.320  8.955   1.730   1.00 42.69  ? 352 HOH A O   1 
HETATM 1157 O O   . HOH E 3 .   ? -4.853  -9.253  -10.640 1.00 28.44  ? 353 HOH A O   1 
HETATM 1158 O O   . HOH E 3 .   ? 8.353   -2.613  -13.967 1.00 23.32  ? 354 HOH A O   1 
HETATM 1159 O O   . HOH E 3 .   ? 9.651   -9.252  -10.884 1.00 34.07  ? 355 HOH A O   1 
HETATM 1160 O O   . HOH E 3 .   ? 12.357  4.874   -9.294  1.00 46.10  ? 356 HOH A O   1 
HETATM 1161 O O   . HOH E 3 .   ? 11.733  -0.543  6.519   1.00 44.54  ? 357 HOH A O   1 
HETATM 1162 O O   . HOH E 3 .   ? -6.388  -10.060 -14.944 1.00 37.41  ? 358 HOH A O   1 
HETATM 1163 O O   . HOH E 3 .   ? 10.905  1.335   -13.603 1.00 38.37  ? 359 HOH A O   1 
HETATM 1164 O O   . HOH E 3 .   ? 6.789   5.631   15.802  1.00 54.83  ? 360 HOH A O   1 
HETATM 1165 O O   . HOH E 3 .   ? -16.218 11.023  13.474  1.00 54.74  ? 361 HOH A O   1 
HETATM 1166 O O   . HOH E 3 .   ? -1.034  -14.656 -7.890  1.00 44.15  ? 362 HOH A O   1 
HETATM 1167 O O   . HOH E 3 .   ? 3.162   6.203   -19.712 1.00 45.19  ? 363 HOH A O   1 
HETATM 1168 O O   . HOH E 3 .   ? -11.059 -1.286  0.326   1.00 52.02  ? 364 HOH A O   1 
# 
loop_
_pdbx_poly_seq_scheme.asym_id 
_pdbx_poly_seq_scheme.entity_id 
_pdbx_poly_seq_scheme.seq_id 
_pdbx_poly_seq_scheme.mon_id 
_pdbx_poly_seq_scheme.ndb_seq_num 
_pdbx_poly_seq_scheme.pdb_seq_num 
_pdbx_poly_seq_scheme.auth_seq_num 
_pdbx_poly_seq_scheme.pdb_mon_id 
_pdbx_poly_seq_scheme.auth_mon_id 
_pdbx_poly_seq_scheme.pdb_strand_id 
_pdbx_poly_seq_scheme.pdb_ins_code 
_pdbx_poly_seq_scheme.hetero 
A 1 1   MET 1   1   ?   ?   ?   A . n 
A 1 2   THR 2   2   ?   ?   ?   A . n 
A 1 3   PRO 3   3   ?   ?   ?   A . n 
A 1 4   GLU 4   4   ?   ?   ?   A . n 
A 1 5   ALA 5   5   ?   ?   ?   A . n 
A 1 6   ILE 6   6   ?   ?   ?   A . n 
A 1 7   ILE 7   7   ?   ?   ?   A . n 
A 1 8   GLU 8   8   8   GLU GLU A . n 
A 1 9   ASP 9   9   9   ASP ASP A . n 
A 1 10  ARG 10  10  10  ARG ARG A . n 
A 1 11  ARG 11  11  11  ARG ARG A . n 
A 1 12  PHE 12  12  12  PHE PHE A . n 
A 1 13  GLN 13  13  13  GLN GLN A . n 
A 1 14  GLU 14  14  14  GLU GLU A . n 
A 1 15  THR 15  15  15  THR THR A . n 
A 1 16  LEU 16  16  16  LEU LEU A . n 
A 1 17  ASP 17  17  17  ASP ASP A . n 
A 1 18  LYS 18  18  18  LYS LYS A . n 
A 1 19  ILE 19  19  19  ILE ILE A . n 
A 1 20  ARG 20  20  20  ARG ARG A . n 
A 1 21  LYS 21  21  21  LYS LYS A . n 
A 1 22  GLU 22  22  22  GLU GLU A . n 
A 1 23  GLU 23  23  23  GLU GLU A . n 
A 1 24  GLY 24  24  24  GLY GLY A . n 
A 1 25  TYR 25  25  25  TYR TYR A . n 
A 1 26  ASP 26  26  26  ASP ASP A . n 
A 1 27  PHE 27  27  27  PHE PHE A . n 
A 1 28  ALA 28  28  28  ALA ALA A . n 
A 1 29  ALA 29  29  29  ALA ALA A . n 
A 1 30  ILE 30  30  30  ILE ILE A . n 
A 1 31  ALA 31  31  31  ALA ALA A . n 
A 1 32  PHE 32  32  32  PHE PHE A . n 
A 1 33  TYR 33  33  33  TYR TYR A . n 
A 1 34  GLU 34  34  34  GLU GLU A . n 
A 1 35  SER 35  35  35  SER SER A . n 
A 1 36  ASN 36  36  36  ASN ASN A . n 
A 1 37  LYS 37  37  37  LYS LYS A . n 
A 1 38  PRO 38  38  38  PRO PRO A . n 
A 1 39  SER 39  39  39  SER SER A . n 
A 1 40  SER 40  40  40  SER SER A . n 
A 1 41  PRO 41  41  41  PRO PRO A . n 
A 1 42  ILE 42  42  42  ILE ILE A . n 
A 1 43  LYS 43  43  43  LYS LYS A . n 
A 1 44  TRP 44  44  44  TRP TRP A . n 
A 1 45  HIS 45  45  45  HIS HIS A . n 
A 1 46  TYR 46  46  46  TYR TYR A . n 
A 1 47  VAL 47  47  47  VAL VAL A . n 
A 1 48  SER 48  48  48  SER SER A . n 
A 1 49  GLY 49  49  49  GLY GLY A . n 
A 1 50  ASN 50  50  50  ASN ASN A . n 
A 1 51  LYS 51  51  51  LYS LYS A . n 
A 1 52  ASN 52  52  52  ASN ASN A . n 
A 1 53  ASN 53  53  53  ASN ASN A . n 
A 1 54  ARG 54  54  54  ARG ARG A . n 
A 1 55  PHE 55  55  55  PHE PHE A . n 
A 1 56  LYS 56  56  56  LYS LYS A . n 
A 1 57  LEU 57  57  57  LEU LEU A . n 
A 1 58  ILE 58  58  58  ILE ILE A . n 
A 1 59  ILE 59  59  59  ILE ILE A . n 
A 1 60  LEU 60  60  60  LEU LEU A . n 
A 1 61  ARG 61  61  61  ARG ARG A . n 
A 1 62  LYS 62  62  62  LYS LYS A . n 
A 1 63  GLY 63  63  63  GLY GLY A . n 
A 1 64  ARG 64  64  64  ARG ARG A . n 
A 1 65  GLY 65  65  65  GLY GLY A . n 
A 1 66  LEU 66  66  66  LEU LEU A . n 
A 1 67  ALA 67  67  67  ALA ALA A . n 
A 1 68  GLY 68  68  68  GLY GLY A . n 
A 1 69  THR 69  69  69  THR THR A . n 
A 1 70  VAL 70  70  70  VAL VAL A . n 
A 1 71  MET 71  71  71  MET MET A . n 
A 1 72  LYS 72  72  72  LYS LYS A . n 
A 1 73  THR 73  73  73  THR THR A . n 
A 1 74  GLY 74  74  74  GLY GLY A . n 
A 1 75  LYS 75  75  75  LYS LYS A . n 
A 1 76  ARG 76  76  76  ARG ARG A . n 
A 1 77  MET 77  77  77  MET MET A . n 
A 1 78  VAL 78  78  78  VAL VAL A . n 
A 1 79  ILE 79  79  79  ILE ILE A . n 
A 1 80  ALA 80  80  80  ALA ALA A . n 
A 1 81  ASN 81  81  81  ASN ASN A . n 
A 1 82  VAL 82  82  82  VAL VAL A . n 
A 1 83  GLY 83  83  83  GLY GLY A . n 
A 1 84  LEU 84  84  84  LEU LEU A . n 
A 1 85  ALA 85  85  85  ALA ALA A . n 
A 1 86  LEU 86  86  86  LEU LEU A . n 
A 1 87  GLY 87  87  87  GLY GLY A . n 
A 1 88  PRO 88  88  88  PRO PRO A . n 
A 1 89  GLU 89  89  89  GLU GLU A . n 
A 1 90  GLU 90  90  90  GLU GLU A . n 
A 1 91  LYS 91  91  91  LYS LYS A . n 
A 1 92  ILE 92  92  92  ILE ILE A . n 
A 1 93  ASP 93  93  93  ASP ASP A . n 
A 1 94  ALA 94  94  94  ALA ALA A . n 
A 1 95  PRO 95  95  95  PRO PRO A . n 
A 1 96  ILE 96  96  96  ILE ILE A . n 
A 1 97  LEU 97  97  97  LEU LEU A . n 
A 1 98  LEU 98  98  98  LEU LEU A . n 
A 1 99  SER 99  99  99  SER SER A . n 
A 1 100 GLU 100 100 100 GLU GLU A . n 
A 1 101 SER 101 101 101 SER SER A . n 
A 1 102 LEU 102 102 102 LEU LEU A . n 
A 1 103 THR 103 103 103 THR THR A . n 
A 1 104 ALA 104 104 104 ALA ALA A . n 
A 1 105 VAL 105 105 105 VAL VAL A . n 
A 1 106 LEU 106 106 106 LEU LEU A . n 
A 1 107 ALA 107 107 107 ALA ALA A . n 
A 1 108 VAL 108 108 108 VAL VAL A . n 
A 1 109 PRO 109 109 109 PRO PRO A . n 
A 1 110 LEU 110 110 110 LEU LEU A . n 
A 1 111 TRP 111 111 111 TRP TRP A . n 
A 1 112 TYR 112 112 112 TYR TYR A . n 
A 1 113 LYS 113 113 113 LYS LYS A . n 
A 1 114 ASN 114 114 114 ASN ASN A . n 
A 1 115 GLN 115 115 115 GLN GLN A . n 
A 1 116 VAL 116 116 116 VAL VAL A . n 
A 1 117 TYR 117 117 117 TYR TYR A . n 
A 1 118 GLY 118 118 118 GLY GLY A . n 
A 1 119 VAL 119 119 119 VAL VAL A . n 
A 1 120 LEU 120 120 120 LEU LEU A . n 
A 1 121 LEU 121 121 121 LEU LEU A . n 
A 1 122 PHE 122 122 122 PHE PHE A . n 
A 1 123 GLY 123 123 123 GLY GLY A . n 
A 1 124 GLN 124 124 124 GLN GLN A . n 
A 1 125 ARG 125 125 125 ARG ARG A . n 
A 1 126 ASP 126 126 126 ASP ASP A . n 
A 1 127 GLY 127 127 127 GLY GLY A . n 
A 1 128 ARG 128 128 128 ARG ARG A . n 
A 1 129 PRO 129 129 129 PRO PRO A . n 
A 1 130 LEU 130 130 130 LEU LEU A . n 
A 1 131 PRO 131 131 131 PRO PRO A . n 
A 1 132 LYS 132 132 132 LYS LYS A . n 
A 1 133 ILE 133 133 133 ILE ILE A . n 
A 1 134 PHE 134 134 134 PHE PHE A . n 
A 1 135 ASP 135 135 135 ASP ASP A . n 
A 1 136 ASN 136 136 136 ASN ASN A . n 
A 1 137 ASP 137 137 137 ASP ASP A . n 
A 1 138 ASP 138 138 138 ASP ASP A . n 
A 1 139 ILE 139 139 139 ILE ILE A . n 
A 1 140 GLN 140 140 140 GLN GLN A . n 
A 1 141 ARG 141 141 141 ARG ARG A . n 
A 1 142 LYS 142 142 142 LYS LYS A . n 
A 1 143 PHE 143 143 ?   ?   ?   A . n 
A 1 144 GLY 144 144 ?   ?   ?   A . n 
A 1 145 ILE 145 145 ?   ?   ?   A . n 
A 1 146 PHE 146 146 ?   ?   ?   A . n 
A 1 147 ASN 147 147 ?   ?   ?   A . n 
A 1 148 ASP 148 148 ?   ?   ?   A . n 
A 1 149 ASP 149 149 ?   ?   ?   A . n 
A 1 150 LYS 150 150 ?   ?   ?   A . n 
# 
loop_
_pdbx_nonpoly_scheme.asym_id 
_pdbx_nonpoly_scheme.entity_id 
_pdbx_nonpoly_scheme.mon_id 
_pdbx_nonpoly_scheme.ndb_seq_num 
_pdbx_nonpoly_scheme.pdb_seq_num 
_pdbx_nonpoly_scheme.auth_seq_num 
_pdbx_nonpoly_scheme.pdb_mon_id 
_pdbx_nonpoly_scheme.auth_mon_id 
_pdbx_nonpoly_scheme.pdb_strand_id 
_pdbx_nonpoly_scheme.pdb_ins_code 
B 2 EDO 1  201 1   EDO EDO A . 
C 2 EDO 1  202 2   EDO EDO A . 
D 2 EDO 1  203 3   EDO EDO A . 
E 3 HOH 1  301 18  HOH HOH A . 
E 3 HOH 2  302 7   HOH HOH A . 
E 3 HOH 3  303 97  HOH HOH A . 
E 3 HOH 4  304 102 HOH HOH A . 
E 3 HOH 5  305 46  HOH HOH A . 
E 3 HOH 6  306 107 HOH HOH A . 
E 3 HOH 7  307 89  HOH HOH A . 
E 3 HOH 8  308 10  HOH HOH A . 
E 3 HOH 9  309 69  HOH HOH A . 
E 3 HOH 10 310 55  HOH HOH A . 
E 3 HOH 11 311 83  HOH HOH A . 
E 3 HOH 12 312 86  HOH HOH A . 
E 3 HOH 13 313 100 HOH HOH A . 
E 3 HOH 14 314 53  HOH HOH A . 
E 3 HOH 15 315 13  HOH HOH A . 
E 3 HOH 16 316 2   HOH HOH A . 
E 3 HOH 17 317 72  HOH HOH A . 
E 3 HOH 18 318 76  HOH HOH A . 
E 3 HOH 19 319 71  HOH HOH A . 
E 3 HOH 20 320 14  HOH HOH A . 
E 3 HOH 21 321 25  HOH HOH A . 
E 3 HOH 22 322 36  HOH HOH A . 
E 3 HOH 23 323 73  HOH HOH A . 
E 3 HOH 24 324 38  HOH HOH A . 
E 3 HOH 25 325 57  HOH HOH A . 
E 3 HOH 26 326 99  HOH HOH A . 
E 3 HOH 27 327 75  HOH HOH A . 
E 3 HOH 28 328 22  HOH HOH A . 
E 3 HOH 29 329 78  HOH HOH A . 
E 3 HOH 30 330 51  HOH HOH A . 
E 3 HOH 31 331 59  HOH HOH A . 
E 3 HOH 32 332 66  HOH HOH A . 
E 3 HOH 33 333 80  HOH HOH A . 
E 3 HOH 34 334 32  HOH HOH A . 
E 3 HOH 35 335 33  HOH HOH A . 
E 3 HOH 36 336 91  HOH HOH A . 
E 3 HOH 37 337 37  HOH HOH A . 
E 3 HOH 38 338 9   HOH HOH A . 
E 3 HOH 39 339 84  HOH HOH A . 
E 3 HOH 40 340 60  HOH HOH A . 
E 3 HOH 41 341 110 HOH HOH A . 
E 3 HOH 42 342 23  HOH HOH A . 
E 3 HOH 43 343 98  HOH HOH A . 
E 3 HOH 44 344 68  HOH HOH A . 
E 3 HOH 45 345 79  HOH HOH A . 
E 3 HOH 46 346 90  HOH HOH A . 
E 3 HOH 47 347 109 HOH HOH A . 
E 3 HOH 48 348 56  HOH HOH A . 
E 3 HOH 49 349 6   HOH HOH A . 
E 3 HOH 50 350 74  HOH HOH A . 
E 3 HOH 51 351 64  HOH HOH A . 
E 3 HOH 52 352 112 HOH HOH A . 
E 3 HOH 53 353 61  HOH HOH A . 
E 3 HOH 54 354 16  HOH HOH A . 
E 3 HOH 55 355 67  HOH HOH A . 
E 3 HOH 56 356 111 HOH HOH A . 
E 3 HOH 57 357 31  HOH HOH A . 
E 3 HOH 58 358 101 HOH HOH A . 
E 3 HOH 59 359 65  HOH HOH A . 
E 3 HOH 60 360 95  HOH HOH A . 
E 3 HOH 61 361 108 HOH HOH A . 
E 3 HOH 62 362 88  HOH HOH A . 
E 3 HOH 63 363 87  HOH HOH A . 
E 3 HOH 64 364 106 HOH HOH A . 
# 
_pdbx_struct_assembly.id                   1 
_pdbx_struct_assembly.details              author_defined_assembly 
_pdbx_struct_assembly.method_details       ? 
_pdbx_struct_assembly.oligomeric_details   monomeric 
_pdbx_struct_assembly.oligomeric_count     1 
# 
_pdbx_struct_assembly_gen.assembly_id       1 
_pdbx_struct_assembly_gen.oper_expression   1 
_pdbx_struct_assembly_gen.asym_id_list      A,B,C,D,E 
# 
_pdbx_struct_oper_list.id                   1 
_pdbx_struct_oper_list.type                 'identity operation' 
_pdbx_struct_oper_list.name                 1_555 
_pdbx_struct_oper_list.symmetry_operation   x,y,z 
_pdbx_struct_oper_list.matrix[1][1]         1.0000000000 
_pdbx_struct_oper_list.matrix[1][2]         0.0000000000 
_pdbx_struct_oper_list.matrix[1][3]         0.0000000000 
_pdbx_struct_oper_list.vector[1]            0.0000000000 
_pdbx_struct_oper_list.matrix[2][1]         0.0000000000 
_pdbx_struct_oper_list.matrix[2][2]         1.0000000000 
_pdbx_struct_oper_list.matrix[2][3]         0.0000000000 
_pdbx_struct_oper_list.vector[2]            0.0000000000 
_pdbx_struct_oper_list.matrix[3][1]         0.0000000000 
_pdbx_struct_oper_list.matrix[3][2]         0.0000000000 
_pdbx_struct_oper_list.matrix[3][3]         1.0000000000 
_pdbx_struct_oper_list.vector[3]            0.0000000000 
# 
loop_
_pdbx_audit_revision_history.ordinal 
_pdbx_audit_revision_history.data_content_type 
_pdbx_audit_revision_history.major_revision 
_pdbx_audit_revision_history.minor_revision 
_pdbx_audit_revision_history.revision_date 
1 'Structure model' 1 0 2020-03-11 
2 'Structure model' 1 1 2020-04-15 
3 'Structure model' 1 2 2023-11-22 
# 
_pdbx_audit_revision_details.ordinal             1 
_pdbx_audit_revision_details.revision_ordinal    1 
_pdbx_audit_revision_details.data_content_type   'Structure model' 
_pdbx_audit_revision_details.provider            repository 
_pdbx_audit_revision_details.type                'Initial release' 
_pdbx_audit_revision_details.description         ? 
_pdbx_audit_revision_details.details             ? 
# 
loop_
_pdbx_audit_revision_group.ordinal 
_pdbx_audit_revision_group.revision_ordinal 
_pdbx_audit_revision_group.data_content_type 
_pdbx_audit_revision_group.group 
1 2 'Structure model' 'Database references'    
2 3 'Structure model' 'Data collection'        
3 3 'Structure model' 'Database references'    
4 3 'Structure model' 'Refinement description' 
# 
loop_
_pdbx_audit_revision_category.ordinal 
_pdbx_audit_revision_category.revision_ordinal 
_pdbx_audit_revision_category.data_content_type 
_pdbx_audit_revision_category.category 
1 2 'Structure model' citation                      
2 3 'Structure model' chem_comp_atom                
3 3 'Structure model' chem_comp_bond                
4 3 'Structure model' database_2                    
5 3 'Structure model' pdbx_initial_refinement_model 
6 3 'Structure model' refine_hist                   
# 
loop_
_pdbx_audit_revision_item.ordinal 
_pdbx_audit_revision_item.revision_ordinal 
_pdbx_audit_revision_item.data_content_type 
_pdbx_audit_revision_item.item 
1 2 'Structure model' '_citation.journal_volume'            
2 2 'Structure model' '_citation.page_first'                
3 2 'Structure model' '_citation.page_last'                 
4 3 'Structure model' '_database_2.pdbx_DOI'                
5 3 'Structure model' '_database_2.pdbx_database_accession' 
6 3 'Structure model' '_refine_hist.d_res_low'              
# 
loop_
_software.citation_id 
_software.classification 
_software.compiler_name 
_software.compiler_version 
_software.contact_author 
_software.contact_author_email 
_software.date 
_software.description 
_software.dependencies 
_software.hardware 
_software.language 
_software.location 
_software.mods 
_software.name 
_software.os 
_software.os_version 
_software.type 
_software.version 
_software.pdbx_ordinal 
? refinement       ? ? ? ? ? ? ? ? ? ? ? REFMAC   ? ? ? 5.8.0189 1 
? 'data reduction' ? ? ? ? ? ? ? ? ? ? ? HKL-2000 ? ? ? .        2 
? 'data scaling'   ? ? ? ? ? ? ? ? ? ? ? HKL-2000 ? ? ? .        3 
? phasing          ? ? ? ? ? ? ? ? ? ? ? PHASER   ? ? ? .        4 
# 
_pdbx_validate_torsion.id              1 
_pdbx_validate_torsion.PDB_model_num   1 
_pdbx_validate_torsion.auth_comp_id    ASP 
_pdbx_validate_torsion.auth_asym_id    A 
_pdbx_validate_torsion.auth_seq_id     9 
_pdbx_validate_torsion.PDB_ins_code    ? 
_pdbx_validate_torsion.label_alt_id    ? 
_pdbx_validate_torsion.phi             33.99 
_pdbx_validate_torsion.psi             85.91 
# 
loop_
_pdbx_unobs_or_zero_occ_residues.id 
_pdbx_unobs_or_zero_occ_residues.PDB_model_num 
_pdbx_unobs_or_zero_occ_residues.polymer_flag 
_pdbx_unobs_or_zero_occ_residues.occupancy_flag 
_pdbx_unobs_or_zero_occ_residues.auth_asym_id 
_pdbx_unobs_or_zero_occ_residues.auth_comp_id 
_pdbx_unobs_or_zero_occ_residues.auth_seq_id 
_pdbx_unobs_or_zero_occ_residues.PDB_ins_code 
_pdbx_unobs_or_zero_occ_residues.label_asym_id 
_pdbx_unobs_or_zero_occ_residues.label_comp_id 
_pdbx_unobs_or_zero_occ_residues.label_seq_id 
1  1 Y 1 A MET 1   ? A MET 1   
2  1 Y 1 A THR 2   ? A THR 2   
3  1 Y 1 A PRO 3   ? A PRO 3   
4  1 Y 1 A GLU 4   ? A GLU 4   
5  1 Y 1 A ALA 5   ? A ALA 5   
6  1 Y 1 A ILE 6   ? A ILE 6   
7  1 Y 1 A ILE 7   ? A ILE 7   
8  1 Y 1 A PHE 143 ? A PHE 143 
9  1 Y 1 A GLY 144 ? A GLY 144 
10 1 Y 1 A ILE 145 ? A ILE 145 
11 1 Y 1 A PHE 146 ? A PHE 146 
12 1 Y 1 A ASN 147 ? A ASN 147 
13 1 Y 1 A ASP 148 ? A ASP 148 
14 1 Y 1 A ASP 149 ? A ASP 149 
15 1 Y 1 A LYS 150 ? A LYS 150 
# 
loop_
_chem_comp_atom.comp_id 
_chem_comp_atom.atom_id 
_chem_comp_atom.type_symbol 
_chem_comp_atom.pdbx_aromatic_flag 
_chem_comp_atom.pdbx_stereo_config 
_chem_comp_atom.pdbx_ordinal 
ALA N    N N N 1   
ALA CA   C N S 2   
ALA C    C N N 3   
ALA O    O N N 4   
ALA CB   C N N 5   
ALA OXT  O N N 6   
ALA H    H N N 7   
ALA H2   H N N 8   
ALA HA   H N N 9   
ALA HB1  H N N 10  
ALA HB2  H N N 11  
ALA HB3  H N N 12  
ALA HXT  H N N 13  
ARG N    N N N 14  
ARG CA   C N S 15  
ARG C    C N N 16  
ARG O    O N N 17  
ARG CB   C N N 18  
ARG CG   C N N 19  
ARG CD   C N N 20  
ARG NE   N N N 21  
ARG CZ   C N N 22  
ARG NH1  N N N 23  
ARG NH2  N N N 24  
ARG OXT  O N N 25  
ARG H    H N N 26  
ARG H2   H N N 27  
ARG HA   H N N 28  
ARG HB2  H N N 29  
ARG HB3  H N N 30  
ARG HG2  H N N 31  
ARG HG3  H N N 32  
ARG HD2  H N N 33  
ARG HD3  H N N 34  
ARG HE   H N N 35  
ARG HH11 H N N 36  
ARG HH12 H N N 37  
ARG HH21 H N N 38  
ARG HH22 H N N 39  
ARG HXT  H N N 40  
ASN N    N N N 41  
ASN CA   C N S 42  
ASN C    C N N 43  
ASN O    O N N 44  
ASN CB   C N N 45  
ASN CG   C N N 46  
ASN OD1  O N N 47  
ASN ND2  N N N 48  
ASN OXT  O N N 49  
ASN H    H N N 50  
ASN H2   H N N 51  
ASN HA   H N N 52  
ASN HB2  H N N 53  
ASN HB3  H N N 54  
ASN HD21 H N N 55  
ASN HD22 H N N 56  
ASN HXT  H N N 57  
ASP N    N N N 58  
ASP CA   C N S 59  
ASP C    C N N 60  
ASP O    O N N 61  
ASP CB   C N N 62  
ASP CG   C N N 63  
ASP OD1  O N N 64  
ASP OD2  O N N 65  
ASP OXT  O N N 66  
ASP H    H N N 67  
ASP H2   H N N 68  
ASP HA   H N N 69  
ASP HB2  H N N 70  
ASP HB3  H N N 71  
ASP HD2  H N N 72  
ASP HXT  H N N 73  
EDO C1   C N N 74  
EDO O1   O N N 75  
EDO C2   C N N 76  
EDO O2   O N N 77  
EDO H11  H N N 78  
EDO H12  H N N 79  
EDO HO1  H N N 80  
EDO H21  H N N 81  
EDO H22  H N N 82  
EDO HO2  H N N 83  
GLN N    N N N 84  
GLN CA   C N S 85  
GLN C    C N N 86  
GLN O    O N N 87  
GLN CB   C N N 88  
GLN CG   C N N 89  
GLN CD   C N N 90  
GLN OE1  O N N 91  
GLN NE2  N N N 92  
GLN OXT  O N N 93  
GLN H    H N N 94  
GLN H2   H N N 95  
GLN HA   H N N 96  
GLN HB2  H N N 97  
GLN HB3  H N N 98  
GLN HG2  H N N 99  
GLN HG3  H N N 100 
GLN HE21 H N N 101 
GLN HE22 H N N 102 
GLN HXT  H N N 103 
GLU N    N N N 104 
GLU CA   C N S 105 
GLU C    C N N 106 
GLU O    O N N 107 
GLU CB   C N N 108 
GLU CG   C N N 109 
GLU CD   C N N 110 
GLU OE1  O N N 111 
GLU OE2  O N N 112 
GLU OXT  O N N 113 
GLU H    H N N 114 
GLU H2   H N N 115 
GLU HA   H N N 116 
GLU HB2  H N N 117 
GLU HB3  H N N 118 
GLU HG2  H N N 119 
GLU HG3  H N N 120 
GLU HE2  H N N 121 
GLU HXT  H N N 122 
GLY N    N N N 123 
GLY CA   C N N 124 
GLY C    C N N 125 
GLY O    O N N 126 
GLY OXT  O N N 127 
GLY H    H N N 128 
GLY H2   H N N 129 
GLY HA2  H N N 130 
GLY HA3  H N N 131 
GLY HXT  H N N 132 
HIS N    N N N 133 
HIS CA   C N S 134 
HIS C    C N N 135 
HIS O    O N N 136 
HIS CB   C N N 137 
HIS CG   C Y N 138 
HIS ND1  N Y N 139 
HIS CD2  C Y N 140 
HIS CE1  C Y N 141 
HIS NE2  N Y N 142 
HIS OXT  O N N 143 
HIS H    H N N 144 
HIS H2   H N N 145 
HIS HA   H N N 146 
HIS HB2  H N N 147 
HIS HB3  H N N 148 
HIS HD1  H N N 149 
HIS HD2  H N N 150 
HIS HE1  H N N 151 
HIS HE2  H N N 152 
HIS HXT  H N N 153 
HOH O    O N N 154 
HOH H1   H N N 155 
HOH H2   H N N 156 
ILE N    N N N 157 
ILE CA   C N S 158 
ILE C    C N N 159 
ILE O    O N N 160 
ILE CB   C N S 161 
ILE CG1  C N N 162 
ILE CG2  C N N 163 
ILE CD1  C N N 164 
ILE OXT  O N N 165 
ILE H    H N N 166 
ILE H2   H N N 167 
ILE HA   H N N 168 
ILE HB   H N N 169 
ILE HG12 H N N 170 
ILE HG13 H N N 171 
ILE HG21 H N N 172 
ILE HG22 H N N 173 
ILE HG23 H N N 174 
ILE HD11 H N N 175 
ILE HD12 H N N 176 
ILE HD13 H N N 177 
ILE HXT  H N N 178 
LEU N    N N N 179 
LEU CA   C N S 180 
LEU C    C N N 181 
LEU O    O N N 182 
LEU CB   C N N 183 
LEU CG   C N N 184 
LEU CD1  C N N 185 
LEU CD2  C N N 186 
LEU OXT  O N N 187 
LEU H    H N N 188 
LEU H2   H N N 189 
LEU HA   H N N 190 
LEU HB2  H N N 191 
LEU HB3  H N N 192 
LEU HG   H N N 193 
LEU HD11 H N N 194 
LEU HD12 H N N 195 
LEU HD13 H N N 196 
LEU HD21 H N N 197 
LEU HD22 H N N 198 
LEU HD23 H N N 199 
LEU HXT  H N N 200 
LYS N    N N N 201 
LYS CA   C N S 202 
LYS C    C N N 203 
LYS O    O N N 204 
LYS CB   C N N 205 
LYS CG   C N N 206 
LYS CD   C N N 207 
LYS CE   C N N 208 
LYS NZ   N N N 209 
LYS OXT  O N N 210 
LYS H    H N N 211 
LYS H2   H N N 212 
LYS HA   H N N 213 
LYS HB2  H N N 214 
LYS HB3  H N N 215 
LYS HG2  H N N 216 
LYS HG3  H N N 217 
LYS HD2  H N N 218 
LYS HD3  H N N 219 
LYS HE2  H N N 220 
LYS HE3  H N N 221 
LYS HZ1  H N N 222 
LYS HZ2  H N N 223 
LYS HZ3  H N N 224 
LYS HXT  H N N 225 
MET N    N N N 226 
MET CA   C N S 227 
MET C    C N N 228 
MET O    O N N 229 
MET CB   C N N 230 
MET CG   C N N 231 
MET SD   S N N 232 
MET CE   C N N 233 
MET OXT  O N N 234 
MET H    H N N 235 
MET H2   H N N 236 
MET HA   H N N 237 
MET HB2  H N N 238 
MET HB3  H N N 239 
MET HG2  H N N 240 
MET HG3  H N N 241 
MET HE1  H N N 242 
MET HE2  H N N 243 
MET HE3  H N N 244 
MET HXT  H N N 245 
PHE N    N N N 246 
PHE CA   C N S 247 
PHE C    C N N 248 
PHE O    O N N 249 
PHE CB   C N N 250 
PHE CG   C Y N 251 
PHE CD1  C Y N 252 
PHE CD2  C Y N 253 
PHE CE1  C Y N 254 
PHE CE2  C Y N 255 
PHE CZ   C Y N 256 
PHE OXT  O N N 257 
PHE H    H N N 258 
PHE H2   H N N 259 
PHE HA   H N N 260 
PHE HB2  H N N 261 
PHE HB3  H N N 262 
PHE HD1  H N N 263 
PHE HD2  H N N 264 
PHE HE1  H N N 265 
PHE HE2  H N N 266 
PHE HZ   H N N 267 
PHE HXT  H N N 268 
PRO N    N N N 269 
PRO CA   C N S 270 
PRO C    C N N 271 
PRO O    O N N 272 
PRO CB   C N N 273 
PRO CG   C N N 274 
PRO CD   C N N 275 
PRO OXT  O N N 276 
PRO H    H N N 277 
PRO HA   H N N 278 
PRO HB2  H N N 279 
PRO HB3  H N N 280 
PRO HG2  H N N 281 
PRO HG3  H N N 282 
PRO HD2  H N N 283 
PRO HD3  H N N 284 
PRO HXT  H N N 285 
SER N    N N N 286 
SER CA   C N S 287 
SER C    C N N 288 
SER O    O N N 289 
SER CB   C N N 290 
SER OG   O N N 291 
SER OXT  O N N 292 
SER H    H N N 293 
SER H2   H N N 294 
SER HA   H N N 295 
SER HB2  H N N 296 
SER HB3  H N N 297 
SER HG   H N N 298 
SER HXT  H N N 299 
THR N    N N N 300 
THR CA   C N S 301 
THR C    C N N 302 
THR O    O N N 303 
THR CB   C N R 304 
THR OG1  O N N 305 
THR CG2  C N N 306 
THR OXT  O N N 307 
THR H    H N N 308 
THR H2   H N N 309 
THR HA   H N N 310 
THR HB   H N N 311 
THR HG1  H N N 312 
THR HG21 H N N 313 
THR HG22 H N N 314 
THR HG23 H N N 315 
THR HXT  H N N 316 
TRP N    N N N 317 
TRP CA   C N S 318 
TRP C    C N N 319 
TRP O    O N N 320 
TRP CB   C N N 321 
TRP CG   C Y N 322 
TRP CD1  C Y N 323 
TRP CD2  C Y N 324 
TRP NE1  N Y N 325 
TRP CE2  C Y N 326 
TRP CE3  C Y N 327 
TRP CZ2  C Y N 328 
TRP CZ3  C Y N 329 
TRP CH2  C Y N 330 
TRP OXT  O N N 331 
TRP H    H N N 332 
TRP H2   H N N 333 
TRP HA   H N N 334 
TRP HB2  H N N 335 
TRP HB3  H N N 336 
TRP HD1  H N N 337 
TRP HE1  H N N 338 
TRP HE3  H N N 339 
TRP HZ2  H N N 340 
TRP HZ3  H N N 341 
TRP HH2  H N N 342 
TRP HXT  H N N 343 
TYR N    N N N 344 
TYR CA   C N S 345 
TYR C    C N N 346 
TYR O    O N N 347 
TYR CB   C N N 348 
TYR CG   C Y N 349 
TYR CD1  C Y N 350 
TYR CD2  C Y N 351 
TYR CE1  C Y N 352 
TYR CE2  C Y N 353 
TYR CZ   C Y N 354 
TYR OH   O N N 355 
TYR OXT  O N N 356 
TYR H    H N N 357 
TYR H2   H N N 358 
TYR HA   H N N 359 
TYR HB2  H N N 360 
TYR HB3  H N N 361 
TYR HD1  H N N 362 
TYR HD2  H N N 363 
TYR HE1  H N N 364 
TYR HE2  H N N 365 
TYR HH   H N N 366 
TYR HXT  H N N 367 
VAL N    N N N 368 
VAL CA   C N S 369 
VAL C    C N N 370 
VAL O    O N N 371 
VAL CB   C N N 372 
VAL CG1  C N N 373 
VAL CG2  C N N 374 
VAL OXT  O N N 375 
VAL H    H N N 376 
VAL H2   H N N 377 
VAL HA   H N N 378 
VAL HB   H N N 379 
VAL HG11 H N N 380 
VAL HG12 H N N 381 
VAL HG13 H N N 382 
VAL HG21 H N N 383 
VAL HG22 H N N 384 
VAL HG23 H N N 385 
VAL HXT  H N N 386 
# 
loop_
_chem_comp_bond.comp_id 
_chem_comp_bond.atom_id_1 
_chem_comp_bond.atom_id_2 
_chem_comp_bond.value_order 
_chem_comp_bond.pdbx_aromatic_flag 
_chem_comp_bond.pdbx_stereo_config 
_chem_comp_bond.pdbx_ordinal 
ALA N   CA   sing N N 1   
ALA N   H    sing N N 2   
ALA N   H2   sing N N 3   
ALA CA  C    sing N N 4   
ALA CA  CB   sing N N 5   
ALA CA  HA   sing N N 6   
ALA C   O    doub N N 7   
ALA C   OXT  sing N N 8   
ALA CB  HB1  sing N N 9   
ALA CB  HB2  sing N N 10  
ALA CB  HB3  sing N N 11  
ALA OXT HXT  sing N N 12  
ARG N   CA   sing N N 13  
ARG N   H    sing N N 14  
ARG N   H2   sing N N 15  
ARG CA  C    sing N N 16  
ARG CA  CB   sing N N 17  
ARG CA  HA   sing N N 18  
ARG C   O    doub N N 19  
ARG C   OXT  sing N N 20  
ARG CB  CG   sing N N 21  
ARG CB  HB2  sing N N 22  
ARG CB  HB3  sing N N 23  
ARG CG  CD   sing N N 24  
ARG CG  HG2  sing N N 25  
ARG CG  HG3  sing N N 26  
ARG CD  NE   sing N N 27  
ARG CD  HD2  sing N N 28  
ARG CD  HD3  sing N N 29  
ARG NE  CZ   sing N N 30  
ARG NE  HE   sing N N 31  
ARG CZ  NH1  sing N N 32  
ARG CZ  NH2  doub N N 33  
ARG NH1 HH11 sing N N 34  
ARG NH1 HH12 sing N N 35  
ARG NH2 HH21 sing N N 36  
ARG NH2 HH22 sing N N 37  
ARG OXT HXT  sing N N 38  
ASN N   CA   sing N N 39  
ASN N   H    sing N N 40  
ASN N   H2   sing N N 41  
ASN CA  C    sing N N 42  
ASN CA  CB   sing N N 43  
ASN CA  HA   sing N N 44  
ASN C   O    doub N N 45  
ASN C   OXT  sing N N 46  
ASN CB  CG   sing N N 47  
ASN CB  HB2  sing N N 48  
ASN CB  HB3  sing N N 49  
ASN CG  OD1  doub N N 50  
ASN CG  ND2  sing N N 51  
ASN ND2 HD21 sing N N 52  
ASN ND2 HD22 sing N N 53  
ASN OXT HXT  sing N N 54  
ASP N   CA   sing N N 55  
ASP N   H    sing N N 56  
ASP N   H2   sing N N 57  
ASP CA  C    sing N N 58  
ASP CA  CB   sing N N 59  
ASP CA  HA   sing N N 60  
ASP C   O    doub N N 61  
ASP C   OXT  sing N N 62  
ASP CB  CG   sing N N 63  
ASP CB  HB2  sing N N 64  
ASP CB  HB3  sing N N 65  
ASP CG  OD1  doub N N 66  
ASP CG  OD2  sing N N 67  
ASP OD2 HD2  sing N N 68  
ASP OXT HXT  sing N N 69  
EDO C1  O1   sing N N 70  
EDO C1  C2   sing N N 71  
EDO C1  H11  sing N N 72  
EDO C1  H12  sing N N 73  
EDO O1  HO1  sing N N 74  
EDO C2  O2   sing N N 75  
EDO C2  H21  sing N N 76  
EDO C2  H22  sing N N 77  
EDO O2  HO2  sing N N 78  
GLN N   CA   sing N N 79  
GLN N   H    sing N N 80  
GLN N   H2   sing N N 81  
GLN CA  C    sing N N 82  
GLN CA  CB   sing N N 83  
GLN CA  HA   sing N N 84  
GLN C   O    doub N N 85  
GLN C   OXT  sing N N 86  
GLN CB  CG   sing N N 87  
GLN CB  HB2  sing N N 88  
GLN CB  HB3  sing N N 89  
GLN CG  CD   sing N N 90  
GLN CG  HG2  sing N N 91  
GLN CG  HG3  sing N N 92  
GLN CD  OE1  doub N N 93  
GLN CD  NE2  sing N N 94  
GLN NE2 HE21 sing N N 95  
GLN NE2 HE22 sing N N 96  
GLN OXT HXT  sing N N 97  
GLU N   CA   sing N N 98  
GLU N   H    sing N N 99  
GLU N   H2   sing N N 100 
GLU CA  C    sing N N 101 
GLU CA  CB   sing N N 102 
GLU CA  HA   sing N N 103 
GLU C   O    doub N N 104 
GLU C   OXT  sing N N 105 
GLU CB  CG   sing N N 106 
GLU CB  HB2  sing N N 107 
GLU CB  HB3  sing N N 108 
GLU CG  CD   sing N N 109 
GLU CG  HG2  sing N N 110 
GLU CG  HG3  sing N N 111 
GLU CD  OE1  doub N N 112 
GLU CD  OE2  sing N N 113 
GLU OE2 HE2  sing N N 114 
GLU OXT HXT  sing N N 115 
GLY N   CA   sing N N 116 
GLY N   H    sing N N 117 
GLY N   H2   sing N N 118 
GLY CA  C    sing N N 119 
GLY CA  HA2  sing N N 120 
GLY CA  HA3  sing N N 121 
GLY C   O    doub N N 122 
GLY C   OXT  sing N N 123 
GLY OXT HXT  sing N N 124 
HIS N   CA   sing N N 125 
HIS N   H    sing N N 126 
HIS N   H2   sing N N 127 
HIS CA  C    sing N N 128 
HIS CA  CB   sing N N 129 
HIS CA  HA   sing N N 130 
HIS C   O    doub N N 131 
HIS C   OXT  sing N N 132 
HIS CB  CG   sing N N 133 
HIS CB  HB2  sing N N 134 
HIS CB  HB3  sing N N 135 
HIS CG  ND1  sing Y N 136 
HIS CG  CD2  doub Y N 137 
HIS ND1 CE1  doub Y N 138 
HIS ND1 HD1  sing N N 139 
HIS CD2 NE2  sing Y N 140 
HIS CD2 HD2  sing N N 141 
HIS CE1 NE2  sing Y N 142 
HIS CE1 HE1  sing N N 143 
HIS NE2 HE2  sing N N 144 
HIS OXT HXT  sing N N 145 
HOH O   H1   sing N N 146 
HOH O   H2   sing N N 147 
ILE N   CA   sing N N 148 
ILE N   H    sing N N 149 
ILE N   H2   sing N N 150 
ILE CA  C    sing N N 151 
ILE CA  CB   sing N N 152 
ILE CA  HA   sing N N 153 
ILE C   O    doub N N 154 
ILE C   OXT  sing N N 155 
ILE CB  CG1  sing N N 156 
ILE CB  CG2  sing N N 157 
ILE CB  HB   sing N N 158 
ILE CG1 CD1  sing N N 159 
ILE CG1 HG12 sing N N 160 
ILE CG1 HG13 sing N N 161 
ILE CG2 HG21 sing N N 162 
ILE CG2 HG22 sing N N 163 
ILE CG2 HG23 sing N N 164 
ILE CD1 HD11 sing N N 165 
ILE CD1 HD12 sing N N 166 
ILE CD1 HD13 sing N N 167 
ILE OXT HXT  sing N N 168 
LEU N   CA   sing N N 169 
LEU N   H    sing N N 170 
LEU N   H2   sing N N 171 
LEU CA  C    sing N N 172 
LEU CA  CB   sing N N 173 
LEU CA  HA   sing N N 174 
LEU C   O    doub N N 175 
LEU C   OXT  sing N N 176 
LEU CB  CG   sing N N 177 
LEU CB  HB2  sing N N 178 
LEU CB  HB3  sing N N 179 
LEU CG  CD1  sing N N 180 
LEU CG  CD2  sing N N 181 
LEU CG  HG   sing N N 182 
LEU CD1 HD11 sing N N 183 
LEU CD1 HD12 sing N N 184 
LEU CD1 HD13 sing N N 185 
LEU CD2 HD21 sing N N 186 
LEU CD2 HD22 sing N N 187 
LEU CD2 HD23 sing N N 188 
LEU OXT HXT  sing N N 189 
LYS N   CA   sing N N 190 
LYS N   H    sing N N 191 
LYS N   H2   sing N N 192 
LYS CA  C    sing N N 193 
LYS CA  CB   sing N N 194 
LYS CA  HA   sing N N 195 
LYS C   O    doub N N 196 
LYS C   OXT  sing N N 197 
LYS CB  CG   sing N N 198 
LYS CB  HB2  sing N N 199 
LYS CB  HB3  sing N N 200 
LYS CG  CD   sing N N 201 
LYS CG  HG2  sing N N 202 
LYS CG  HG3  sing N N 203 
LYS CD  CE   sing N N 204 
LYS CD  HD2  sing N N 205 
LYS CD  HD3  sing N N 206 
LYS CE  NZ   sing N N 207 
LYS CE  HE2  sing N N 208 
LYS CE  HE3  sing N N 209 
LYS NZ  HZ1  sing N N 210 
LYS NZ  HZ2  sing N N 211 
LYS NZ  HZ3  sing N N 212 
LYS OXT HXT  sing N N 213 
MET N   CA   sing N N 214 
MET N   H    sing N N 215 
MET N   H2   sing N N 216 
MET CA  C    sing N N 217 
MET CA  CB   sing N N 218 
MET CA  HA   sing N N 219 
MET C   O    doub N N 220 
MET C   OXT  sing N N 221 
MET CB  CG   sing N N 222 
MET CB  HB2  sing N N 223 
MET CB  HB3  sing N N 224 
MET CG  SD   sing N N 225 
MET CG  HG2  sing N N 226 
MET CG  HG3  sing N N 227 
MET SD  CE   sing N N 228 
MET CE  HE1  sing N N 229 
MET CE  HE2  sing N N 230 
MET CE  HE3  sing N N 231 
MET OXT HXT  sing N N 232 
PHE N   CA   sing N N 233 
PHE N   H    sing N N 234 
PHE N   H2   sing N N 235 
PHE CA  C    sing N N 236 
PHE CA  CB   sing N N 237 
PHE CA  HA   sing N N 238 
PHE C   O    doub N N 239 
PHE C   OXT  sing N N 240 
PHE CB  CG   sing N N 241 
PHE CB  HB2  sing N N 242 
PHE CB  HB3  sing N N 243 
PHE CG  CD1  doub Y N 244 
PHE CG  CD2  sing Y N 245 
PHE CD1 CE1  sing Y N 246 
PHE CD1 HD1  sing N N 247 
PHE CD2 CE2  doub Y N 248 
PHE CD2 HD2  sing N N 249 
PHE CE1 CZ   doub Y N 250 
PHE CE1 HE1  sing N N 251 
PHE CE2 CZ   sing Y N 252 
PHE CE2 HE2  sing N N 253 
PHE CZ  HZ   sing N N 254 
PHE OXT HXT  sing N N 255 
PRO N   CA   sing N N 256 
PRO N   CD   sing N N 257 
PRO N   H    sing N N 258 
PRO CA  C    sing N N 259 
PRO CA  CB   sing N N 260 
PRO CA  HA   sing N N 261 
PRO C   O    doub N N 262 
PRO C   OXT  sing N N 263 
PRO CB  CG   sing N N 264 
PRO CB  HB2  sing N N 265 
PRO CB  HB3  sing N N 266 
PRO CG  CD   sing N N 267 
PRO CG  HG2  sing N N 268 
PRO CG  HG3  sing N N 269 
PRO CD  HD2  sing N N 270 
PRO CD  HD3  sing N N 271 
PRO OXT HXT  sing N N 272 
SER N   CA   sing N N 273 
SER N   H    sing N N 274 
SER N   H2   sing N N 275 
SER CA  C    sing N N 276 
SER CA  CB   sing N N 277 
SER CA  HA   sing N N 278 
SER C   O    doub N N 279 
SER C   OXT  sing N N 280 
SER CB  OG   sing N N 281 
SER CB  HB2  sing N N 282 
SER CB  HB3  sing N N 283 
SER OG  HG   sing N N 284 
SER OXT HXT  sing N N 285 
THR N   CA   sing N N 286 
THR N   H    sing N N 287 
THR N   H2   sing N N 288 
THR CA  C    sing N N 289 
THR CA  CB   sing N N 290 
THR CA  HA   sing N N 291 
THR C   O    doub N N 292 
THR C   OXT  sing N N 293 
THR CB  OG1  sing N N 294 
THR CB  CG2  sing N N 295 
THR CB  HB   sing N N 296 
THR OG1 HG1  sing N N 297 
THR CG2 HG21 sing N N 298 
THR CG2 HG22 sing N N 299 
THR CG2 HG23 sing N N 300 
THR OXT HXT  sing N N 301 
TRP N   CA   sing N N 302 
TRP N   H    sing N N 303 
TRP N   H2   sing N N 304 
TRP CA  C    sing N N 305 
TRP CA  CB   sing N N 306 
TRP CA  HA   sing N N 307 
TRP C   O    doub N N 308 
TRP C   OXT  sing N N 309 
TRP CB  CG   sing N N 310 
TRP CB  HB2  sing N N 311 
TRP CB  HB3  sing N N 312 
TRP CG  CD1  doub Y N 313 
TRP CG  CD2  sing Y N 314 
TRP CD1 NE1  sing Y N 315 
TRP CD1 HD1  sing N N 316 
TRP CD2 CE2  doub Y N 317 
TRP CD2 CE3  sing Y N 318 
TRP NE1 CE2  sing Y N 319 
TRP NE1 HE1  sing N N 320 
TRP CE2 CZ2  sing Y N 321 
TRP CE3 CZ3  doub Y N 322 
TRP CE3 HE3  sing N N 323 
TRP CZ2 CH2  doub Y N 324 
TRP CZ2 HZ2  sing N N 325 
TRP CZ3 CH2  sing Y N 326 
TRP CZ3 HZ3  sing N N 327 
TRP CH2 HH2  sing N N 328 
TRP OXT HXT  sing N N 329 
TYR N   CA   sing N N 330 
TYR N   H    sing N N 331 
TYR N   H2   sing N N 332 
TYR CA  C    sing N N 333 
TYR CA  CB   sing N N 334 
TYR CA  HA   sing N N 335 
TYR C   O    doub N N 336 
TYR C   OXT  sing N N 337 
TYR CB  CG   sing N N 338 
TYR CB  HB2  sing N N 339 
TYR CB  HB3  sing N N 340 
TYR CG  CD1  doub Y N 341 
TYR CG  CD2  sing Y N 342 
TYR CD1 CE1  sing Y N 343 
TYR CD1 HD1  sing N N 344 
TYR CD2 CE2  doub Y N 345 
TYR CD2 HD2  sing N N 346 
TYR CE1 CZ   doub Y N 347 
TYR CE1 HE1  sing N N 348 
TYR CE2 CZ   sing Y N 349 
TYR CE2 HE2  sing N N 350 
TYR CZ  OH   sing N N 351 
TYR OH  HH   sing N N 352 
TYR OXT HXT  sing N N 353 
VAL N   CA   sing N N 354 
VAL N   H    sing N N 355 
VAL N   H2   sing N N 356 
VAL CA  C    sing N N 357 
VAL CA  CB   sing N N 358 
VAL CA  HA   sing N N 359 
VAL C   O    doub N N 360 
VAL C   OXT  sing N N 361 
VAL CB  CG1  sing N N 362 
VAL CB  CG2  sing N N 363 
VAL CB  HB   sing N N 364 
VAL CG1 HG11 sing N N 365 
VAL CG1 HG12 sing N N 366 
VAL CG1 HG13 sing N N 367 
VAL CG2 HG21 sing N N 368 
VAL CG2 HG22 sing N N 369 
VAL CG2 HG23 sing N N 370 
VAL OXT HXT  sing N N 371 
# 
loop_
_pdbx_entity_nonpoly.entity_id 
_pdbx_entity_nonpoly.name 
_pdbx_entity_nonpoly.comp_id 
2 1,2-ETHANEDIOL EDO 
3 water          HOH 
# 
_pdbx_initial_refinement_model.id               1 
_pdbx_initial_refinement_model.entity_id_list   ? 
_pdbx_initial_refinement_model.type             'experimental model' 
_pdbx_initial_refinement_model.source_name      PDB 
_pdbx_initial_refinement_model.accession_code   4PAU 
_pdbx_initial_refinement_model.details          ? 
# 
_pdbx_struct_assembly_auth_evidence.id                     1 
_pdbx_struct_assembly_auth_evidence.assembly_id            1 
_pdbx_struct_assembly_auth_evidence.experimental_support   immunoprecipitation 
_pdbx_struct_assembly_auth_evidence.details                ? 
# 
